data_7XSP
#
_entry.id   7XSP
#
loop_
_entity.id
_entity.type
_entity.pdbx_description
1 polymer 'RAMP superfamily protein'
2 polymer "RNA (5'-R(P*GP*GP*GP*GP*CP*AP*GP*AP*AP*AP*AP*UP*UP*GP*G)-3')"
3 polymer 'RNA (35-MER)'
4 non-polymer 'ZINC ION'
#
loop_
_entity_poly.entity_id
_entity_poly.type
_entity_poly.pdbx_seq_one_letter_code
_entity_poly.pdbx_strand_id
1 'polypeptide(L)'
;MKSNDMNITVELTFFEPYRLVEWFDWDARKKSHSAMRGQAFAQWTWKGKGRTAGKSFITGTLVRSAVIKAVEELLSLNNG
KWEGVPCCNGSFQTDESKGKKPSFLRKRHTLQWQANNKNICDKEEACPFCILLGRFDNAGKVHERNKDYDIHFSNFDLDH
KQEKNDLRLVDIASGRILNRVDFDTGKAKDYFRTWEADYETYGTYTGRITLRNEHAKKLLLASLGFVDKLCGALCRIEVI
KKSESPLPSDTKEQSYTKDDTVEVLSEDHNDELRKQAEVIVEAFKQNDKLEKIRILADAIRTLRLHGEGVIEKDELPDGK
EERDKGHHLWDIKVQGTALRTKLKELWQSNKDIGWRKFTEMLGSNLYLIYKKETGGVSTRFRILGDTEYYSKAHDSEGSD
LFIPVTPPEGIETKEWIIVGRLKAATPFYFGVQQPSDSIPGKEKKSEDSLVINEHTSFNILLDKENRYRIPRSALRGALR
RDLRTAFGSGCNVSLGGQILCNCKVCIEMRRITLKDSVSDFSEPPEIRYRIAKNPGTATVEDGSLFDIEVGPEGLTFPFV
LRYRGHKFPEQLSSVIRYWEENDGKNGMAWLGGLDSTGKGRFALKDIKIFEWDLNQKINEYIKERGMRGKEKELLEMGES
SLPDGLIPYKFFEERECLFPYKENLKPQWSEVQYTIEVGSPLLTADTISALTEPGNRDAIAYKKRVYNDGNNAIEPEPRF
AVKSETHRGIFRTAVGRRTGDLGKEDHEDCTCDMCIIFGNEHESSKIRFEDLELINGNEFEKLEKHIDHVAIDRFTGGAL
DKAKFDTYPLAGSPKKPLKLKGRFWIKKGFSGDHKLLITTALSDIRDGLYPLGSKGGVGYGWVAGISIDDNVPDDFKEMI
NKTEMPLPEEVEESNNGPINNDYVHPGHQSPKQDHKNKNIYYPHYFLDSGSKVYREKDIITHEEFTEELLSGKINCKLET
LTPLIIPDTSDENGLKLQGNKPGHKNYKFFNINGELMIPGSELRGMLRTHFEALTKSCFAIFGEDSTLSWRMNADEKDYK
IDSNSIRKMESQRNPKYRIPDELQKELRNSGNGLFNRLYTSERRFWSDVSNKFENSIDYKREILRCAGRPKNYKGGIIRQ
RKDSLMAEELKVHRLPLYDNFDIPDSAYKANDHCRKSATCSTSRGCRERFTCGIKVRDKNRVFLNAANNNRQYLNNIKKS
NHDLYLQYLKGEKKIRFNSKVITGSERSPIDVIAELNERGRQTGFIKLSGLNNSNKSQGNTGTTFNSGWDRFELNILLDD
LETRPSKSDYPRPRLLFTKDQYEYNITKRCERVFEIDKGNKTGYPVDDQIKKNYEDILDSYDGIKDQEVAERFDTFTRGS
KLKVGDLVYFHIDGDNKIDSLIPVRISRKCASKTLGGKLDKALHPCTGLSDGLCPGCHLFGTTDYKGRVKFGFAKYENGP
EWLITRGNNPERSLTLGVLESPRPAFSIPDDESEIPGRKFYLHHNGWRIIRQKQLEIRETVQPERNVTTEVMDKGNVFSF
DVRFENLREWELGLLLQSLDPGKNIAHKLGKGKPYGFGSVKIKIDSLHTFKINSNNDKIKRVPQSDIREYINKGYQKLIE
WSGNNSIQKGNVLPQWHVIPHIDKLYKLLWVPFLNDSKLEPDVRYPVLNEESKGYIEGSDYTYKKLGDKDNLPYKTRVKG
LTTPWSPWNPFQVIAEHEEQEVNVTGSRPSVTDKIERDGKMV
;
B
2 'polyribonucleotide' CUCUAGUAACAGCCGUGGAGUCCGGGGCAGAAAAUUGG A
3 'polyribonucleotide' GUUAUGAAACAAGAGAAGGACUUAAUGUCACGGUACCCAAUUUUCUGCCCCGGACUCCACGGCUGUUACUAGAG D
#
# COMPACT_ATOMS: atom_id res chain seq x y z
N ASP A 5 -20.67 -45.51 46.12
CA ASP A 5 -21.65 -44.84 46.97
C ASP A 5 -21.16 -43.42 47.24
N MET A 6 -19.86 -43.20 47.07
CA MET A 6 -19.22 -41.95 47.44
C MET A 6 -19.02 -41.06 46.23
N ASN A 7 -19.04 -39.75 46.47
CA ASN A 7 -18.98 -38.74 45.43
C ASN A 7 -17.55 -38.53 44.94
N ILE A 8 -17.44 -38.00 43.72
CA ILE A 8 -16.16 -37.67 43.11
C ILE A 8 -16.24 -36.23 42.64
N THR A 9 -15.31 -35.41 43.12
CA THR A 9 -15.24 -34.00 42.73
C THR A 9 -14.29 -33.86 41.54
N VAL A 10 -14.82 -33.36 40.43
CA VAL A 10 -14.12 -33.32 39.15
C VAL A 10 -13.91 -31.87 38.74
N GLU A 11 -12.69 -31.57 38.28
CA GLU A 11 -12.35 -30.24 37.80
C GLU A 11 -11.86 -30.35 36.36
N LEU A 12 -12.48 -29.60 35.46
CA LEU A 12 -12.07 -29.58 34.06
C LEU A 12 -11.47 -28.22 33.72
N THR A 13 -10.31 -28.25 33.08
CA THR A 13 -9.54 -27.06 32.75
C THR A 13 -9.33 -27.00 31.25
N PHE A 14 -9.41 -25.80 30.70
CA PHE A 14 -9.29 -25.59 29.27
C PHE A 14 -7.92 -25.03 28.93
N PHE A 15 -7.40 -25.41 27.76
CA PHE A 15 -6.13 -24.92 27.25
C PHE A 15 -6.30 -24.23 25.90
N GLU A 16 -7.50 -23.78 25.59
CA GLU A 16 -7.85 -23.21 24.29
C GLU A 16 -9.12 -22.40 24.48
N PRO A 17 -9.33 -21.37 23.66
CA PRO A 17 -10.58 -20.60 23.76
C PRO A 17 -11.77 -21.42 23.31
N TYR A 18 -12.75 -21.57 24.20
CA TYR A 18 -13.91 -22.42 23.97
C TYR A 18 -15.10 -21.56 23.54
N ARG A 19 -16.21 -22.22 23.26
CA ARG A 19 -17.38 -21.59 22.66
C ARG A 19 -18.50 -21.47 23.68
N LEU A 20 -19.38 -20.48 23.47
CA LEU A 20 -20.51 -20.19 24.34
C LEU A 20 -21.78 -20.01 23.52
N VAL A 21 -22.93 -20.25 24.16
CA VAL A 21 -24.23 -20.11 23.53
C VAL A 21 -25.25 -19.76 24.60
N GLU A 22 -26.38 -19.21 24.18
CA GLU A 22 -27.45 -18.86 25.11
C GLU A 22 -28.26 -20.10 25.44
N TRP A 23 -28.99 -20.03 26.56
CA TRP A 23 -29.73 -21.17 27.08
C TRP A 23 -31.21 -21.04 26.79
N PHE A 24 -31.76 -22.01 26.07
CA PHE A 24 -33.19 -22.23 25.94
C PHE A 24 -33.46 -23.69 26.28
N ASP A 25 -34.58 -23.96 26.96
CA ASP A 25 -34.73 -25.24 27.66
C ASP A 25 -34.82 -26.48 26.78
N TRP A 26 -35.96 -26.73 26.15
CA TRP A 26 -36.02 -27.68 25.04
C TRP A 26 -37.03 -27.30 23.97
N ASP A 27 -38.06 -26.55 24.28
CA ASP A 27 -39.10 -26.16 23.33
C ASP A 27 -38.86 -24.79 22.74
N ALA A 28 -38.27 -23.88 23.51
CA ALA A 28 -37.83 -22.60 22.98
C ALA A 28 -36.54 -22.72 22.20
N ARG A 29 -35.86 -23.86 22.29
CA ARG A 29 -34.61 -24.05 21.56
C ARG A 29 -34.86 -24.22 20.07
N LYS A 30 -36.01 -24.80 19.70
CA LYS A 30 -36.31 -25.04 18.30
C LYS A 30 -36.69 -23.76 17.56
N LYS A 31 -37.02 -22.69 18.28
CA LYS A 31 -37.38 -21.44 17.62
C LYS A 31 -36.15 -20.70 17.13
N SER A 32 -35.02 -20.83 17.82
CA SER A 32 -33.82 -20.10 17.49
C SER A 32 -32.81 -21.01 16.81
N HIS A 33 -31.99 -20.41 15.95
CA HIS A 33 -31.02 -21.16 15.14
C HIS A 33 -29.67 -21.29 15.82
N SER A 34 -29.26 -20.26 16.54
CA SER A 34 -27.96 -20.25 17.19
C SER A 34 -27.89 -21.27 18.33
N ALA A 35 -29.00 -21.51 19.01
CA ALA A 35 -29.01 -22.49 20.09
C ALA A 35 -29.10 -23.91 19.56
N MET A 36 -29.78 -24.14 18.44
CA MET A 36 -29.82 -25.47 17.85
C MET A 36 -28.48 -25.83 17.23
N ARG A 37 -27.79 -24.85 16.65
CA ARG A 37 -26.39 -25.09 16.26
C ARG A 37 -25.50 -25.20 17.48
N GLY A 38 -25.80 -24.46 18.53
CA GLY A 38 -24.94 -24.32 19.69
C GLY A 38 -25.04 -25.37 20.76
N GLN A 39 -25.64 -26.52 20.50
CA GLN A 39 -25.49 -27.61 21.45
C GLN A 39 -24.08 -28.17 21.35
N ALA A 40 -23.71 -28.93 22.39
CA ALA A 40 -22.32 -29.37 22.66
C ALA A 40 -21.35 -28.21 22.83
N PHE A 41 -21.86 -27.07 23.30
CA PHE A 41 -21.07 -25.91 23.69
C PHE A 41 -21.27 -25.68 25.19
N ALA A 42 -20.73 -24.57 25.68
CA ALA A 42 -21.02 -24.11 27.04
C ALA A 42 -22.21 -23.14 27.00
N GLN A 43 -22.95 -23.09 28.10
CA GLN A 43 -24.21 -22.39 28.13
C GLN A 43 -24.15 -21.16 29.04
N TRP A 44 -24.88 -20.12 28.66
CA TRP A 44 -24.87 -18.84 29.34
C TRP A 44 -26.30 -18.44 29.69
N THR A 45 -26.55 -18.20 30.97
CA THR A 45 -27.87 -17.80 31.44
C THR A 45 -27.78 -16.42 32.08
N TRP A 46 -28.79 -15.60 31.81
CA TRP A 46 -28.85 -14.25 32.34
C TRP A 46 -29.36 -14.26 33.76
N LYS A 47 -28.70 -13.51 34.64
CA LYS A 47 -29.12 -13.37 36.02
C LYS A 47 -29.69 -11.97 36.21
N GLY A 48 -31.01 -11.88 36.31
CA GLY A 48 -31.68 -10.61 36.47
C GLY A 48 -31.99 -9.93 35.15
N LYS A 49 -32.85 -8.94 35.23
CA LYS A 49 -33.29 -8.20 34.05
C LYS A 49 -32.23 -7.21 33.59
N GLY A 50 -32.25 -6.92 32.30
CA GLY A 50 -31.37 -5.92 31.72
C GLY A 50 -30.39 -6.43 30.69
N ARG A 51 -30.20 -7.74 30.59
CA ARG A 51 -29.32 -8.39 29.60
C ARG A 51 -27.88 -7.89 29.67
N THR A 52 -27.32 -7.93 30.87
CA THR A 52 -25.94 -7.51 31.07
C THR A 52 -25.09 -8.52 31.80
N ALA A 53 -25.64 -9.25 32.76
CA ALA A 53 -24.85 -10.13 33.61
C ALA A 53 -25.52 -11.50 33.75
N GLY A 54 -24.71 -12.49 34.07
CA GLY A 54 -25.22 -13.84 34.25
C GLY A 54 -24.12 -14.78 34.65
N LYS A 55 -24.35 -16.08 34.38
CA LYS A 55 -23.35 -17.08 34.66
C LYS A 55 -23.32 -18.13 33.55
N SER A 56 -22.18 -18.81 33.45
CA SER A 56 -21.95 -19.82 32.45
C SER A 56 -21.73 -21.17 33.11
N PHE A 57 -22.14 -22.23 32.41
CA PHE A 57 -22.02 -23.58 32.94
C PHE A 57 -21.91 -24.56 31.79
N ILE A 58 -21.70 -25.83 32.14
CA ILE A 58 -21.64 -26.94 31.20
C ILE A 58 -22.54 -28.04 31.75
N THR A 59 -23.47 -28.52 30.93
CA THR A 59 -24.44 -29.49 31.38
C THR A 59 -23.82 -30.86 31.60
N GLY A 60 -24.49 -31.67 32.43
CA GLY A 60 -23.99 -32.99 32.75
C GLY A 60 -24.15 -34.00 31.64
N THR A 61 -25.12 -33.78 30.74
CA THR A 61 -25.33 -34.69 29.63
C THR A 61 -24.18 -34.65 28.63
N LEU A 62 -23.56 -33.47 28.45
CA LEU A 62 -22.42 -33.36 27.55
C LEU A 62 -21.21 -34.11 28.07
N VAL A 63 -20.91 -33.95 29.36
CA VAL A 63 -19.81 -34.70 29.96
C VAL A 63 -20.11 -36.18 30.00
N ARG A 64 -21.39 -36.55 30.17
CA ARG A 64 -21.77 -37.96 30.11
C ARG A 64 -21.55 -38.55 28.72
N SER A 65 -21.87 -37.80 27.68
CA SER A 65 -21.65 -38.27 26.31
C SER A 65 -20.17 -38.40 26.00
N ALA A 66 -19.35 -37.46 26.50
CA ALA A 66 -17.90 -37.55 26.32
C ALA A 66 -17.32 -38.78 27.03
N VAL A 67 -17.78 -39.05 28.26
CA VAL A 67 -17.31 -40.22 29.00
C VAL A 67 -17.78 -41.51 28.33
N ILE A 68 -18.99 -41.51 27.75
CA ILE A 68 -19.48 -42.71 27.05
C ILE A 68 -18.66 -42.99 25.81
N LYS A 69 -18.31 -41.95 25.04
CA LYS A 69 -17.42 -42.12 23.89
C LYS A 69 -16.03 -42.60 24.30
N ALA A 70 -15.53 -42.11 25.42
CA ALA A 70 -14.20 -42.52 25.90
C ALA A 70 -14.21 -43.97 26.35
N VAL A 71 -15.27 -44.42 27.04
CA VAL A 71 -15.38 -45.80 27.47
C VAL A 71 -15.49 -46.73 26.26
N GLU A 72 -16.23 -46.29 25.25
CA GLU A 72 -16.39 -47.09 24.03
C GLU A 72 -15.06 -47.25 23.30
N GLU A 73 -14.27 -46.18 23.20
CA GLU A 73 -12.96 -46.27 22.56
C GLU A 73 -11.98 -47.12 23.37
N LEU A 74 -12.00 -46.97 24.70
CA LEU A 74 -11.10 -47.74 25.55
C LEU A 74 -11.43 -49.21 25.57
N LEU A 75 -12.71 -49.56 25.45
CA LEU A 75 -13.07 -50.98 25.36
C LEU A 75 -12.81 -51.53 23.97
N SER A 76 -12.87 -50.68 22.93
CA SER A 76 -12.50 -51.15 21.60
C SER A 76 -11.00 -51.33 21.46
N LEU A 77 -10.22 -50.65 22.29
CA LEU A 77 -8.76 -50.81 22.22
C LEU A 77 -8.32 -52.16 22.78
N ASN A 78 -8.80 -52.52 23.96
CA ASN A 78 -8.39 -53.75 24.63
C ASN A 78 -9.27 -54.93 24.29
N ASN A 79 -10.00 -54.86 23.18
CA ASN A 79 -10.83 -55.96 22.64
C ASN A 79 -11.91 -56.42 23.62
N GLY A 80 -12.66 -55.45 24.14
CA GLY A 80 -13.81 -55.76 24.96
C GLY A 80 -13.51 -56.18 26.38
N LYS A 81 -12.33 -55.85 26.89
CA LYS A 81 -12.00 -56.09 28.28
C LYS A 81 -11.42 -54.83 28.89
N TRP A 82 -11.38 -54.78 30.22
CA TRP A 82 -10.65 -53.73 30.92
C TRP A 82 -10.22 -54.28 32.27
N GLU A 83 -8.92 -54.56 32.39
CA GLU A 83 -8.31 -55.15 33.60
C GLU A 83 -9.00 -56.45 34.01
N GLY A 84 -9.32 -57.28 33.03
CA GLY A 84 -9.75 -58.64 33.29
C GLY A 84 -11.24 -58.87 33.24
N VAL A 85 -12.07 -57.86 33.42
CA VAL A 85 -13.51 -58.02 33.42
C VAL A 85 -14.05 -57.67 32.04
N PRO A 86 -14.69 -58.61 31.34
CA PRO A 86 -15.21 -58.31 30.00
C PRO A 86 -16.56 -57.63 30.06
N CYS A 87 -16.87 -56.92 28.97
CA CYS A 87 -18.10 -56.16 28.85
C CYS A 87 -18.81 -56.52 27.56
N CYS A 88 -20.12 -56.30 27.54
CA CYS A 88 -20.94 -56.51 26.35
C CYS A 88 -20.98 -55.24 25.52
N ASN A 89 -21.68 -55.31 24.38
CA ASN A 89 -21.67 -54.21 23.43
C ASN A 89 -22.50 -53.02 23.88
N GLY A 90 -23.45 -53.23 24.78
CA GLY A 90 -24.33 -52.15 25.19
C GLY A 90 -25.56 -52.05 24.32
N SER A 91 -26.36 -51.03 24.60
CA SER A 91 -27.59 -50.78 23.89
C SER A 91 -27.66 -49.32 23.46
N PHE A 92 -27.98 -49.09 22.18
CA PHE A 92 -28.06 -47.74 21.65
C PHE A 92 -29.28 -47.54 20.77
N GLN A 93 -30.32 -48.35 20.93
CA GLN A 93 -31.56 -48.21 20.19
C GLN A 93 -32.73 -48.05 21.14
N THR A 94 -33.71 -47.27 20.75
CA THR A 94 -34.90 -47.00 21.55
C THR A 94 -36.14 -47.12 20.67
N ASP A 95 -37.02 -48.05 21.02
CA ASP A 95 -38.23 -48.27 20.24
C ASP A 95 -39.21 -47.13 20.46
N GLU A 96 -39.93 -46.75 19.41
CA GLU A 96 -40.80 -45.59 19.46
C GLU A 96 -42.12 -45.87 20.17
N SER A 97 -42.61 -47.11 20.16
CA SER A 97 -43.91 -47.39 20.74
C SER A 97 -43.84 -47.50 22.26
N LYS A 98 -42.75 -48.07 22.77
CA LYS A 98 -42.53 -48.20 24.21
C LYS A 98 -41.53 -47.13 24.64
N GLY A 99 -42.01 -46.04 25.23
CA GLY A 99 -41.16 -44.96 25.67
C GLY A 99 -40.92 -43.92 24.59
N LYS A 100 -40.15 -42.90 24.96
CA LYS A 100 -39.82 -41.80 24.07
C LYS A 100 -38.33 -41.78 23.73
N LYS A 101 -38.00 -41.07 22.67
CA LYS A 101 -36.62 -40.94 22.25
C LYS A 101 -35.85 -40.01 23.19
N PRO A 102 -34.56 -40.26 23.44
CA PRO A 102 -33.89 -39.59 24.54
C PRO A 102 -33.30 -38.22 24.24
N SER A 103 -34.02 -37.36 23.53
CA SER A 103 -33.76 -35.92 23.40
C SER A 103 -32.46 -35.54 22.68
N PHE A 104 -31.66 -36.53 22.31
CA PHE A 104 -30.45 -36.37 21.52
C PHE A 104 -30.24 -37.66 20.75
N LEU A 105 -30.01 -37.54 19.45
CA LEU A 105 -29.91 -38.71 18.58
C LEU A 105 -28.53 -38.78 17.96
N ARG A 106 -28.06 -40.00 17.75
CA ARG A 106 -26.69 -40.25 17.33
C ARG A 106 -26.63 -40.49 15.83
N LYS A 107 -25.72 -39.80 15.16
CA LYS A 107 -25.51 -39.97 13.72
C LYS A 107 -24.21 -40.67 13.37
N ARG A 108 -23.33 -40.90 14.33
CA ARG A 108 -22.00 -41.42 14.05
C ARG A 108 -21.95 -42.94 14.22
N HIS A 109 -20.79 -43.49 13.88
CA HIS A 109 -20.58 -44.94 13.99
C HIS A 109 -20.43 -45.35 15.45
N THR A 110 -20.93 -46.52 15.77
CA THR A 110 -20.80 -47.12 17.09
C THR A 110 -19.79 -48.25 17.03
N LEU A 111 -18.73 -48.15 17.82
CA LEU A 111 -17.72 -49.20 17.84
C LEU A 111 -18.24 -50.40 18.62
N GLN A 112 -18.10 -51.58 18.03
CA GLN A 112 -18.55 -52.81 18.66
C GLN A 112 -17.43 -53.83 18.63
N TRP A 113 -17.58 -54.86 19.46
CA TRP A 113 -16.59 -55.91 19.58
C TRP A 113 -17.31 -57.24 19.77
N GLN A 114 -16.53 -58.31 19.85
CA GLN A 114 -17.11 -59.63 20.02
C GLN A 114 -17.48 -59.84 21.49
N ALA A 115 -18.76 -60.06 21.76
CA ALA A 115 -19.28 -60.14 23.11
C ALA A 115 -18.98 -61.53 23.66
N ASN A 116 -17.93 -61.63 24.47
CA ASN A 116 -17.50 -62.91 25.04
C ASN A 116 -17.79 -63.00 26.53
N ASN A 117 -18.84 -62.33 27.01
CA ASN A 117 -19.22 -62.47 28.40
C ASN A 117 -20.09 -63.69 28.64
N LYS A 118 -20.61 -64.31 27.57
CA LYS A 118 -21.43 -65.54 27.56
C LYS A 118 -22.62 -65.48 28.51
N ASN A 119 -23.14 -64.28 28.72
CA ASN A 119 -24.23 -64.06 29.68
C ASN A 119 -24.98 -62.80 29.24
N ILE A 120 -26.25 -62.74 29.59
CA ILE A 120 -27.13 -61.64 29.18
C ILE A 120 -27.37 -60.74 30.38
N CYS A 121 -27.17 -59.44 30.19
CA CYS A 121 -27.21 -58.49 31.30
C CYS A 121 -28.65 -58.20 31.69
N ASP A 122 -28.94 -58.33 32.98
CA ASP A 122 -30.23 -58.01 33.56
C ASP A 122 -30.05 -57.07 34.74
N LYS A 123 -31.12 -56.86 35.50
CA LYS A 123 -31.10 -55.92 36.61
C LYS A 123 -30.25 -56.43 37.77
N GLU A 124 -30.14 -57.76 37.92
CA GLU A 124 -29.48 -58.31 39.10
C GLU A 124 -27.97 -58.26 38.98
N GLU A 125 -27.42 -58.65 37.82
CA GLU A 125 -25.99 -58.56 37.60
C GLU A 125 -25.73 -57.88 36.27
N ALA A 126 -24.67 -57.07 36.21
CA ALA A 126 -24.41 -56.27 35.02
C ALA A 126 -22.91 -56.14 34.81
N CYS A 127 -22.55 -55.75 33.59
CA CYS A 127 -21.18 -55.47 33.23
C CYS A 127 -20.86 -54.03 33.61
N PRO A 128 -19.58 -53.64 33.62
CA PRO A 128 -19.25 -52.22 33.87
C PRO A 128 -19.80 -51.25 32.85
N PHE A 129 -19.88 -51.64 31.58
CA PHE A 129 -20.42 -50.75 30.55
C PHE A 129 -21.91 -50.52 30.74
N CYS A 130 -22.63 -51.56 31.17
CA CYS A 130 -24.08 -51.42 31.34
C CYS A 130 -24.42 -50.63 32.59
N ILE A 131 -23.61 -50.74 33.65
CA ILE A 131 -23.88 -49.93 34.83
C ILE A 131 -23.33 -48.52 34.67
N LEU A 132 -22.43 -48.31 33.71
CA LEU A 132 -21.96 -46.95 33.44
C LEU A 132 -22.89 -46.22 32.48
N LEU A 133 -23.56 -46.94 31.58
CA LEU A 133 -24.59 -46.31 30.76
C LEU A 133 -25.81 -45.96 31.58
N GLY A 134 -26.18 -46.84 32.51
CA GLY A 134 -27.36 -46.63 33.33
C GLY A 134 -28.59 -47.28 32.78
N ARG A 135 -28.44 -48.52 32.29
CA ARG A 135 -29.57 -49.20 31.68
C ARG A 135 -30.55 -49.71 32.73
N PHE A 136 -30.05 -50.31 33.80
CA PHE A 136 -30.89 -50.97 34.80
C PHE A 136 -30.83 -50.15 36.08
N ASP A 137 -31.68 -49.13 36.14
CA ASP A 137 -31.78 -48.26 37.29
C ASP A 137 -33.22 -47.79 37.36
N ASN A 138 -33.55 -47.05 38.41
CA ASN A 138 -34.93 -46.62 38.60
C ASN A 138 -35.22 -45.24 38.04
N ALA A 139 -34.31 -44.66 37.25
CA ALA A 139 -34.51 -43.33 36.69
C ALA A 139 -34.34 -43.38 35.17
N GLY A 140 -35.25 -42.73 34.46
CA GLY A 140 -35.07 -42.52 33.04
C GLY A 140 -36.06 -41.58 32.37
N LYS A 141 -35.53 -40.58 31.68
CA LYS A 141 -36.19 -39.73 30.67
C LYS A 141 -37.28 -38.82 31.22
N VAL A 142 -37.60 -38.92 32.50
CA VAL A 142 -38.37 -37.92 33.23
C VAL A 142 -37.81 -37.89 34.65
N HIS A 143 -37.51 -36.68 35.14
CA HIS A 143 -36.74 -36.56 36.36
C HIS A 143 -37.60 -36.84 37.59
N GLU A 144 -36.94 -37.34 38.62
CA GLU A 144 -37.53 -37.67 39.91
C GLU A 144 -36.49 -37.20 40.92
N ARG A 145 -36.57 -37.65 42.17
CA ARG A 145 -35.59 -37.34 43.20
C ARG A 145 -34.17 -37.78 42.79
N ASN A 146 -33.17 -37.13 43.39
CA ASN A 146 -31.78 -37.30 42.97
C ASN A 146 -31.17 -38.61 43.43
N LYS A 147 -31.86 -39.41 44.22
CA LYS A 147 -31.46 -40.78 44.47
C LYS A 147 -31.88 -41.63 43.26
N ASP A 148 -31.76 -42.96 43.42
CA ASP A 148 -32.03 -44.01 42.41
C ASP A 148 -31.40 -43.72 41.04
N TYR A 149 -30.25 -43.05 41.05
CA TYR A 149 -29.32 -42.99 39.93
C TYR A 149 -28.11 -43.82 40.26
N ASP A 150 -27.81 -44.82 39.44
CA ASP A 150 -26.61 -45.61 39.69
C ASP A 150 -25.35 -44.82 39.37
N ILE A 151 -25.41 -43.97 38.36
CA ILE A 151 -24.35 -43.02 38.07
C ILE A 151 -24.98 -41.70 37.66
N HIS A 152 -24.58 -40.63 38.33
CA HIS A 152 -25.19 -39.31 38.17
C HIS A 152 -24.12 -38.28 37.87
N PHE A 153 -24.37 -37.46 36.85
CA PHE A 153 -23.50 -36.35 36.48
C PHE A 153 -24.20 -35.05 36.82
N SER A 154 -23.53 -34.21 37.59
CA SER A 154 -24.07 -32.90 37.94
C SER A 154 -23.60 -31.86 36.93
N ASN A 155 -24.16 -30.65 37.07
CA ASN A 155 -23.73 -29.56 36.22
C ASN A 155 -22.39 -29.03 36.68
N PHE A 156 -21.66 -28.43 35.75
CA PHE A 156 -20.30 -27.97 36.00
C PHE A 156 -20.30 -26.45 35.98
N ASP A 157 -19.98 -25.85 37.12
CA ASP A 157 -20.08 -24.41 37.32
C ASP A 157 -18.73 -23.74 37.23
N LEU A 158 -18.74 -22.47 36.84
CA LEU A 158 -17.52 -21.72 36.62
C LEU A 158 -16.89 -21.33 37.95
N ASP A 159 -15.63 -21.70 38.14
CA ASP A 159 -14.90 -21.43 39.37
C ASP A 159 -14.40 -19.99 39.31
N HIS A 160 -15.25 -19.06 39.72
CA HIS A 160 -14.83 -17.68 39.90
C HIS A 160 -13.92 -17.59 41.13
N LYS A 161 -12.72 -17.05 40.94
CA LYS A 161 -11.71 -17.12 41.99
C LYS A 161 -12.02 -16.13 43.12
N GLN A 162 -12.48 -14.94 42.78
CA GLN A 162 -12.76 -13.90 43.76
C GLN A 162 -14.28 -13.76 43.92
N GLU A 163 -14.74 -13.74 45.17
CA GLU A 163 -16.15 -13.51 45.45
C GLU A 163 -16.49 -12.05 45.19
N LYS A 164 -17.48 -11.83 44.35
CA LYS A 164 -17.79 -10.49 43.85
C LYS A 164 -19.26 -10.47 43.46
N ASN A 165 -19.66 -9.47 42.69
CA ASN A 165 -21.01 -9.37 42.13
C ASN A 165 -21.11 -10.25 40.89
N ASP A 166 -22.17 -10.05 40.11
CA ASP A 166 -22.42 -10.88 38.94
C ASP A 166 -21.42 -10.60 37.83
N LEU A 167 -21.12 -11.63 37.04
CA LEU A 167 -20.13 -11.53 35.97
C LEU A 167 -20.79 -11.10 34.67
N ARG A 168 -20.14 -10.21 33.94
CA ARG A 168 -20.67 -9.65 32.72
C ARG A 168 -20.29 -10.49 31.52
N LEU A 169 -21.06 -10.37 30.44
CA LEU A 169 -20.78 -11.14 29.24
C LEU A 169 -19.65 -10.55 28.43
N VAL A 170 -19.50 -9.22 28.43
CA VAL A 170 -18.44 -8.59 27.65
C VAL A 170 -17.07 -8.74 28.27
N ASP A 171 -16.97 -9.30 29.48
CA ASP A 171 -15.68 -9.57 30.09
C ASP A 171 -15.25 -11.02 29.94
N ILE A 172 -16.16 -11.92 29.58
CA ILE A 172 -15.85 -13.33 29.43
C ILE A 172 -15.77 -13.73 27.96
N ALA A 173 -16.60 -13.15 27.11
CA ALA A 173 -16.74 -13.60 25.73
C ALA A 173 -16.44 -12.47 24.75
N SER A 174 -16.29 -12.86 23.49
CA SER A 174 -16.10 -11.95 22.39
C SER A 174 -16.70 -12.58 21.13
N GLY A 175 -17.40 -11.78 20.35
CA GLY A 175 -18.07 -12.32 19.19
C GLY A 175 -17.18 -12.42 17.98
N ARG A 176 -17.50 -13.37 17.11
CA ARG A 176 -16.69 -13.58 15.92
C ARG A 176 -17.55 -14.17 14.81
N ILE A 177 -17.18 -13.87 13.57
CA ILE A 177 -17.87 -14.38 12.39
C ILE A 177 -16.96 -15.38 11.70
N LEU A 178 -17.44 -16.60 11.49
CA LEU A 178 -16.73 -17.62 10.75
C LEU A 178 -17.32 -17.69 9.34
N ASN A 179 -16.81 -18.62 8.53
CA ASN A 179 -17.06 -18.56 7.10
C ASN A 179 -17.15 -19.97 6.51
N ARG A 180 -17.68 -20.06 5.30
CA ARG A 180 -17.54 -21.26 4.49
C ARG A 180 -17.13 -20.87 3.09
N VAL A 181 -15.95 -21.30 2.65
CA VAL A 181 -15.34 -20.85 1.41
C VAL A 181 -15.41 -21.96 0.38
N ASP A 182 -15.95 -21.64 -0.79
CA ASP A 182 -16.02 -22.60 -1.88
C ASP A 182 -14.62 -22.88 -2.43
N PHE A 183 -14.42 -24.10 -2.90
CA PHE A 183 -13.13 -24.56 -3.36
C PHE A 183 -12.85 -24.17 -4.80
N ASP A 184 -13.88 -24.12 -5.64
CA ASP A 184 -13.68 -23.84 -7.05
C ASP A 184 -13.56 -22.34 -7.34
N THR A 185 -14.29 -21.51 -6.61
CA THR A 185 -14.29 -20.08 -6.85
C THR A 185 -13.42 -19.28 -5.89
N GLY A 186 -13.20 -19.78 -4.67
CA GLY A 186 -12.41 -19.06 -3.71
C GLY A 186 -13.15 -17.96 -2.99
N LYS A 187 -14.47 -17.93 -3.09
CA LYS A 187 -15.29 -16.92 -2.46
C LYS A 187 -16.19 -17.60 -1.44
N ALA A 188 -16.66 -16.83 -0.46
CA ALA A 188 -17.49 -17.40 0.58
C ALA A 188 -18.91 -17.67 0.09
N LYS A 189 -19.53 -18.69 0.67
CA LYS A 189 -20.93 -19.00 0.42
C LYS A 189 -21.84 -18.49 1.52
N ASP A 190 -21.48 -18.73 2.78
CA ASP A 190 -22.29 -18.29 3.90
C ASP A 190 -21.40 -18.11 5.12
N TYR A 191 -21.98 -17.53 6.17
CA TYR A 191 -21.25 -17.20 7.38
C TYR A 191 -22.17 -17.42 8.57
N PHE A 192 -21.56 -17.46 9.76
CA PHE A 192 -22.30 -17.64 11.00
C PHE A 192 -21.45 -17.12 12.17
N ARG A 193 -22.13 -16.65 13.20
CA ARG A 193 -21.50 -16.03 14.35
C ARG A 193 -21.31 -17.02 15.48
N THR A 194 -20.39 -16.67 16.40
CA THR A 194 -20.11 -17.48 17.57
C THR A 194 -19.51 -16.60 18.65
N TRP A 195 -19.52 -17.10 19.87
CA TRP A 195 -18.93 -16.44 21.02
C TRP A 195 -17.71 -17.25 21.47
N GLU A 196 -16.58 -16.59 21.65
CA GLU A 196 -15.35 -17.22 22.10
C GLU A 196 -15.01 -16.70 23.49
N ALA A 197 -14.62 -17.59 24.38
CA ALA A 197 -14.37 -17.24 25.76
C ALA A 197 -12.89 -17.36 26.11
N ASP A 198 -12.48 -16.56 27.09
CA ASP A 198 -11.10 -16.55 27.53
C ASP A 198 -10.83 -17.79 28.39
N TYR A 199 -9.62 -18.32 28.26
CA TYR A 199 -9.21 -19.49 29.04
C TYR A 199 -8.18 -19.16 30.11
N GLU A 200 -7.62 -17.95 30.09
CA GLU A 200 -6.59 -17.62 31.08
C GLU A 200 -7.21 -17.26 32.42
N THR A 201 -8.37 -16.62 32.41
CA THR A 201 -9.06 -16.22 33.63
C THR A 201 -10.29 -17.06 33.93
N TYR A 202 -10.99 -17.54 32.90
CA TYR A 202 -12.30 -18.15 33.04
C TYR A 202 -12.32 -19.53 32.40
N GLY A 203 -11.34 -20.36 32.73
CA GLY A 203 -11.25 -21.67 32.11
C GLY A 203 -11.18 -22.82 33.07
N THR A 204 -11.91 -22.75 34.18
CA THR A 204 -11.93 -23.82 35.18
C THR A 204 -13.36 -24.06 35.61
N TYR A 205 -13.79 -25.33 35.55
CA TYR A 205 -15.14 -25.70 35.94
C TYR A 205 -15.09 -26.86 36.93
N THR A 206 -16.03 -26.89 37.86
CA THR A 206 -16.05 -27.89 38.93
C THR A 206 -17.42 -28.54 39.02
N GLY A 207 -17.45 -29.86 39.25
CA GLY A 207 -18.68 -30.62 39.30
C GLY A 207 -18.53 -31.88 40.13
N ARG A 208 -19.64 -32.63 40.21
CA ARG A 208 -19.75 -33.82 41.04
C ARG A 208 -20.25 -35.00 40.22
N ILE A 209 -19.67 -36.17 40.45
CA ILE A 209 -20.13 -37.42 39.85
C ILE A 209 -20.43 -38.40 40.99
N THR A 210 -21.61 -39.00 40.96
CA THR A 210 -22.03 -39.95 41.98
C THR A 210 -22.09 -41.34 41.38
N LEU A 211 -21.40 -42.29 42.01
CA LEU A 211 -21.36 -43.68 41.54
C LEU A 211 -21.70 -44.59 42.70
N ARG A 212 -22.80 -45.33 42.58
CA ARG A 212 -23.28 -46.22 43.63
C ARG A 212 -23.09 -47.68 43.25
N ASN A 213 -21.99 -48.00 42.57
CA ASN A 213 -21.66 -49.38 42.25
C ASN A 213 -20.15 -49.49 42.13
N GLU A 214 -19.52 -50.14 43.10
CA GLU A 214 -18.07 -50.34 43.11
C GLU A 214 -17.71 -51.57 42.27
N HIS A 215 -18.00 -51.44 40.98
CA HIS A 215 -17.57 -52.38 39.97
C HIS A 215 -17.09 -51.70 38.70
N ALA A 216 -17.44 -50.44 38.49
CA ALA A 216 -17.03 -49.66 37.34
C ALA A 216 -16.37 -48.35 37.75
N LYS A 217 -15.68 -48.35 38.88
CA LYS A 217 -14.93 -47.16 39.29
C LYS A 217 -13.65 -47.02 38.49
N LYS A 218 -12.99 -48.14 38.19
CA LYS A 218 -11.71 -48.10 37.49
C LYS A 218 -11.90 -47.67 36.04
N LEU A 219 -12.97 -48.14 35.40
CA LEU A 219 -13.25 -47.75 34.02
C LEU A 219 -13.62 -46.28 33.93
N LEU A 220 -14.36 -45.78 34.93
CA LEU A 220 -14.74 -44.37 34.94
C LEU A 220 -13.52 -43.48 35.18
N LEU A 221 -12.67 -43.87 36.13
CA LEU A 221 -11.46 -43.09 36.42
C LEU A 221 -10.45 -43.14 35.29
N ALA A 222 -10.42 -44.24 34.52
CA ALA A 222 -9.55 -44.29 33.37
C ALA A 222 -10.12 -43.51 32.20
N SER A 223 -11.45 -43.49 32.07
CA SER A 223 -12.08 -42.77 30.96
C SER A 223 -12.08 -41.27 31.17
N LEU A 224 -12.00 -40.81 32.43
CA LEU A 224 -11.91 -39.38 32.66
C LEU A 224 -10.59 -38.78 32.17
N GLY A 225 -9.54 -39.59 32.05
CA GLY A 225 -8.28 -39.15 31.52
C GLY A 225 -8.10 -39.36 30.04
N PHE A 226 -9.11 -39.88 29.36
CA PHE A 226 -9.10 -40.11 27.93
C PHE A 226 -9.94 -39.09 27.17
N VAL A 227 -10.70 -38.26 27.87
CA VAL A 227 -11.49 -37.20 27.24
C VAL A 227 -10.54 -36.11 26.79
N ASP A 228 -10.60 -35.76 25.49
CA ASP A 228 -9.64 -34.84 24.90
C ASP A 228 -10.23 -33.51 24.47
N LYS A 229 -11.48 -33.48 24.03
CA LYS A 229 -12.11 -32.25 23.58
C LYS A 229 -13.46 -32.09 24.25
N LEU A 230 -13.82 -30.85 24.53
CA LEU A 230 -15.10 -30.50 25.11
C LEU A 230 -15.36 -29.03 24.82
N CYS A 231 -16.54 -28.74 24.25
CA CYS A 231 -16.98 -27.39 23.90
C CYS A 231 -16.04 -26.70 22.91
N GLY A 232 -15.37 -27.47 22.07
CA GLY A 232 -14.53 -26.89 21.03
C GLY A 232 -13.12 -26.55 21.45
N ALA A 233 -12.60 -27.16 22.50
CA ALA A 233 -11.30 -26.79 23.02
C ALA A 233 -10.67 -28.00 23.69
N LEU A 234 -9.35 -28.03 23.69
CA LEU A 234 -8.61 -29.09 24.39
C LEU A 234 -8.78 -28.91 25.90
N CYS A 235 -8.95 -30.03 26.59
CA CYS A 235 -9.31 -29.99 27.99
C CYS A 235 -8.48 -31.00 28.78
N ARG A 236 -8.50 -30.84 30.10
CA ARG A 236 -7.92 -31.81 31.01
C ARG A 236 -8.85 -31.96 32.20
N ILE A 237 -9.16 -33.21 32.55
CA ILE A 237 -10.10 -33.55 33.60
C ILE A 237 -9.32 -34.18 34.75
N GLU A 238 -9.49 -33.63 35.95
CA GLU A 238 -8.78 -34.13 37.12
C GLU A 238 -9.75 -34.39 38.26
N VAL A 239 -9.34 -35.23 39.20
CA VAL A 239 -10.13 -35.63 40.34
C VAL A 239 -9.49 -35.04 41.59
N ILE A 240 -10.24 -34.23 42.32
CA ILE A 240 -9.75 -33.62 43.55
C ILE A 240 -10.22 -34.45 44.74
N LYS A 241 -9.43 -34.46 45.79
CA LYS A 241 -9.80 -35.14 47.03
C LYS A 241 -10.49 -34.18 48.00
N SER A 266 -15.13 3.79 32.07
CA SER A 266 -14.52 3.91 30.75
C SER A 266 -15.27 4.93 29.90
N GLU A 267 -16.56 5.13 30.22
CA GLU A 267 -17.37 6.10 29.48
C GLU A 267 -16.91 7.53 29.74
N ASP A 268 -16.40 7.79 30.96
CA ASP A 268 -15.86 9.10 31.28
C ASP A 268 -14.61 9.40 30.46
N HIS A 269 -13.82 8.37 30.14
CA HIS A 269 -12.64 8.56 29.31
C HIS A 269 -13.04 8.87 27.87
N ASN A 270 -14.06 8.18 27.34
CA ASN A 270 -14.56 8.46 26.01
C ASN A 270 -15.13 9.87 25.91
N ASP A 271 -15.84 10.31 26.95
CA ASP A 271 -16.44 11.64 26.92
C ASP A 271 -15.37 12.73 27.10
N GLU A 272 -14.39 12.50 27.97
CA GLU A 272 -13.31 13.46 28.16
C GLU A 272 -12.44 13.58 26.91
N LEU A 273 -12.30 12.48 26.15
CA LEU A 273 -11.61 12.57 24.88
C LEU A 273 -12.47 13.27 23.83
N ARG A 274 -13.79 13.06 23.88
CA ARG A 274 -14.70 13.65 22.90
C ARG A 274 -14.75 15.16 23.01
N LYS A 275 -14.76 15.71 24.23
CA LYS A 275 -14.84 17.16 24.37
C LYS A 275 -13.56 17.84 23.91
N GLN A 276 -12.41 17.22 24.16
CA GLN A 276 -11.16 17.81 23.71
C GLN A 276 -10.98 17.66 22.21
N ALA A 277 -11.51 16.58 21.62
CA ALA A 277 -11.54 16.46 20.18
C ALA A 277 -12.44 17.52 19.55
N GLU A 278 -13.56 17.85 20.22
CA GLU A 278 -14.43 18.93 19.77
C GLU A 278 -13.71 20.28 19.83
N VAL A 279 -12.89 20.48 20.87
CA VAL A 279 -12.09 21.70 21.01
C VAL A 279 -11.11 21.83 19.85
N ILE A 280 -10.44 20.72 19.50
CA ILE A 280 -9.48 20.76 18.39
C ILE A 280 -10.19 20.97 17.05
N VAL A 281 -11.39 20.40 16.90
CA VAL A 281 -12.12 20.53 15.64
C VAL A 281 -12.65 21.95 15.46
N GLU A 282 -13.16 22.58 16.52
CA GLU A 282 -13.58 23.98 16.40
C GLU A 282 -12.39 24.91 16.23
N ALA A 283 -11.23 24.54 16.78
CA ALA A 283 -10.03 25.35 16.57
C ALA A 283 -9.55 25.30 15.13
N PHE A 284 -9.65 24.14 14.48
CA PHE A 284 -9.29 24.07 13.06
C PHE A 284 -10.37 24.70 12.19
N LYS A 285 -11.62 24.68 12.63
CA LYS A 285 -12.70 25.30 11.86
C LYS A 285 -12.64 26.82 11.92
N GLN A 286 -12.05 27.37 12.99
CA GLN A 286 -11.89 28.82 13.06
C GLN A 286 -10.89 29.34 12.05
N ASN A 287 -9.93 28.52 11.62
CA ASN A 287 -8.92 28.93 10.65
C ASN A 287 -9.21 28.45 9.24
N ASP A 288 -10.40 27.89 8.99
CA ASP A 288 -10.85 27.39 7.68
C ASP A 288 -9.94 26.29 7.14
N LYS A 289 -9.66 25.30 7.99
CA LYS A 289 -8.78 24.20 7.65
C LYS A 289 -9.38 22.88 8.13
N LEU A 290 -10.66 22.65 7.80
CA LEU A 290 -11.35 21.48 8.32
C LEU A 290 -10.90 20.20 7.61
N GLU A 291 -10.58 20.30 6.32
CA GLU A 291 -10.16 19.14 5.54
C GLU A 291 -8.80 18.59 5.95
N LYS A 292 -8.02 19.35 6.73
CA LYS A 292 -6.80 18.81 7.32
C LYS A 292 -7.10 17.83 8.45
N ILE A 293 -8.25 18.00 9.13
CA ILE A 293 -8.56 17.31 10.38
C ILE A 293 -8.55 15.79 10.19
N ARG A 294 -9.13 15.33 9.08
CA ARG A 294 -9.17 13.91 8.72
C ARG A 294 -7.76 13.32 8.64
N ILE A 295 -6.85 14.04 7.98
CA ILE A 295 -5.46 13.61 7.87
C ILE A 295 -4.84 13.52 9.25
N LEU A 296 -5.13 14.51 10.12
CA LEU A 296 -4.63 14.53 11.49
C LEU A 296 -5.12 13.31 12.26
N ALA A 297 -6.35 12.86 11.94
CA ALA A 297 -6.92 11.67 12.58
C ALA A 297 -6.03 10.46 12.36
N ASP A 298 -5.60 10.25 11.10
CA ASP A 298 -4.75 9.09 10.80
C ASP A 298 -3.40 9.22 11.47
N ALA A 299 -2.92 10.47 11.61
CA ALA A 299 -1.63 10.70 12.24
C ALA A 299 -1.66 10.27 13.70
N ILE A 300 -2.81 10.48 14.36
CA ILE A 300 -2.91 10.12 15.76
C ILE A 300 -2.85 8.61 15.91
N ARG A 301 -3.45 7.88 14.96
CA ARG A 301 -3.37 6.43 14.99
C ARG A 301 -1.94 5.96 14.72
N THR A 302 -1.22 6.69 13.85
CA THR A 302 0.17 6.34 13.57
C THR A 302 1.06 6.62 14.78
N LEU A 303 0.59 7.45 15.73
CA LEU A 303 1.35 7.69 16.93
C LEU A 303 1.34 6.51 17.90
N ARG A 304 0.60 5.43 17.61
CA ARG A 304 0.70 4.28 18.49
C ARG A 304 1.97 3.47 18.24
N LEU A 305 2.64 3.68 17.11
CA LEU A 305 3.86 2.94 16.82
C LEU A 305 5.08 3.55 17.47
N HIS A 306 5.10 4.86 17.65
CA HIS A 306 6.17 5.52 18.38
C HIS A 306 5.86 5.46 19.87
N GLY A 307 6.80 5.94 20.68
CA GLY A 307 6.61 5.95 22.11
C GLY A 307 5.86 7.19 22.57
N GLU A 308 5.79 7.33 23.89
CA GLU A 308 5.28 8.55 24.48
C GLU A 308 6.30 9.69 24.42
N GLY A 309 7.57 9.36 24.18
CA GLY A 309 8.62 10.36 24.09
C GLY A 309 8.45 11.34 22.95
N VAL A 310 7.77 10.91 21.88
CA VAL A 310 7.47 11.80 20.76
C VAL A 310 6.47 12.89 21.16
N ILE A 311 5.79 12.74 22.29
CA ILE A 311 5.07 13.85 22.90
C ILE A 311 5.76 14.38 24.14
N GLU A 312 6.70 13.64 24.72
CA GLU A 312 7.33 14.07 25.97
C GLU A 312 8.65 14.81 25.74
N LYS A 313 9.54 14.28 24.92
CA LYS A 313 10.76 14.97 24.56
C LYS A 313 10.58 15.89 23.37
N ASP A 314 9.36 15.98 22.83
CA ASP A 314 8.97 16.86 21.72
C ASP A 314 9.82 16.60 20.47
N GLU A 315 9.68 15.38 19.95
CA GLU A 315 10.38 14.96 18.75
C GLU A 315 9.52 15.12 17.50
N LEU A 316 8.44 15.90 17.58
CA LEU A 316 7.67 16.25 16.40
C LEU A 316 8.49 17.19 15.52
N PRO A 317 8.33 17.11 14.20
CA PRO A 317 9.20 17.89 13.30
C PRO A 317 8.95 19.38 13.39
N ASP A 318 10.03 20.14 13.44
CA ASP A 318 9.98 21.59 13.60
C ASP A 318 9.89 22.29 12.26
N GLY A 319 9.52 23.57 12.31
CA GLY A 319 9.33 24.36 11.10
C GLY A 319 10.64 24.82 10.50
N LYS A 320 10.51 25.68 9.48
CA LYS A 320 11.66 26.28 8.84
C LYS A 320 12.30 27.32 9.76
N GLU A 321 13.58 27.58 9.51
CA GLU A 321 14.30 28.55 10.33
C GLU A 321 13.90 29.97 9.95
N GLU A 322 13.76 30.81 10.97
CA GLU A 322 13.31 32.21 10.87
C GLU A 322 11.96 32.31 10.16
N ARG A 323 11.00 31.50 10.60
CA ARG A 323 9.63 31.57 10.11
C ARG A 323 8.70 31.78 11.30
N ASP A 324 7.71 32.66 11.13
CA ASP A 324 6.75 32.91 12.21
C ASP A 324 5.83 31.71 12.39
N LYS A 325 5.20 31.26 11.31
CA LYS A 325 4.48 29.99 11.34
C LYS A 325 5.47 28.85 11.17
N GLY A 326 5.40 27.88 12.08
CA GLY A 326 6.36 26.80 12.05
C GLY A 326 5.91 25.67 11.16
N HIS A 327 5.73 24.49 11.73
CA HIS A 327 5.15 23.38 11.01
C HIS A 327 3.70 23.67 10.68
N HIS A 328 3.27 23.25 9.50
CA HIS A 328 1.96 23.63 8.97
C HIS A 328 0.80 22.92 9.64
N LEU A 329 1.06 21.94 10.51
CA LEU A 329 0.00 21.28 11.25
C LEU A 329 0.27 21.18 12.75
N TRP A 330 1.53 21.12 13.18
CA TRP A 330 1.83 21.05 14.59
C TRP A 330 1.86 22.42 15.26
N ASP A 331 1.70 23.49 14.51
CA ASP A 331 1.72 24.86 15.03
C ASP A 331 0.47 25.61 14.61
N ILE A 332 -0.66 24.90 14.53
CA ILE A 332 -1.97 25.53 14.36
C ILE A 332 -2.55 25.77 15.74
N LYS A 333 -2.90 27.02 16.02
CA LYS A 333 -3.24 27.45 17.38
C LYS A 333 -4.60 26.89 17.80
N VAL A 334 -4.64 26.23 18.95
CA VAL A 334 -5.85 25.66 19.53
C VAL A 334 -6.12 26.39 20.83
N GLN A 335 -7.07 27.33 20.79
CA GLN A 335 -7.49 28.17 21.92
C GLN A 335 -6.33 28.95 22.55
N GLY A 336 -5.39 29.38 21.72
CA GLY A 336 -4.32 30.26 22.16
C GLY A 336 -2.94 29.64 22.18
N THR A 337 -2.84 28.31 22.20
CA THR A 337 -1.54 27.64 22.31
C THR A 337 -1.40 26.64 21.17
N ALA A 338 -0.18 26.13 20.98
CA ALA A 338 0.15 25.25 19.88
C ALA A 338 -0.45 23.86 20.08
N LEU A 339 -0.36 23.05 19.03
CA LEU A 339 -1.00 21.74 19.05
C LEU A 339 -0.19 20.73 19.84
N ARG A 340 1.13 20.84 19.82
CA ARG A 340 1.97 19.87 20.52
C ARG A 340 1.85 20.03 22.04
N THR A 341 1.77 21.28 22.51
CA THR A 341 1.55 21.52 23.93
C THR A 341 0.15 21.10 24.35
N LYS A 342 -0.83 21.26 23.44
CA LYS A 342 -2.19 20.79 23.71
C LYS A 342 -2.24 19.28 23.85
N LEU A 343 -1.50 18.56 23.01
CA LEU A 343 -1.43 17.11 23.14
C LEU A 343 -0.67 16.71 24.40
N LYS A 344 0.32 17.53 24.81
CA LYS A 344 1.03 17.27 26.06
C LYS A 344 0.11 17.35 27.26
N GLU A 345 -0.69 18.41 27.34
CA GLU A 345 -1.63 18.55 28.45
C GLU A 345 -2.74 17.51 28.38
N LEU A 346 -3.17 17.15 27.17
CA LEU A 346 -4.19 16.11 27.02
C LEU A 346 -3.69 14.72 27.38
N TRP A 347 -2.39 14.44 27.23
CA TRP A 347 -1.85 13.16 27.67
C TRP A 347 -1.56 13.16 29.16
N GLN A 348 -1.20 14.32 29.71
CA GLN A 348 -1.08 14.44 31.16
C GLN A 348 -2.42 14.31 31.86
N SER A 349 -3.51 14.66 31.17
CA SER A 349 -4.84 14.47 31.72
C SER A 349 -5.28 13.01 31.73
N ASN A 350 -4.87 12.20 30.74
CA ASN A 350 -5.40 10.85 30.55
C ASN A 350 -4.28 9.83 30.42
N LYS A 351 -3.21 10.01 31.19
CA LYS A 351 -2.15 9.02 31.33
C LYS A 351 -2.60 7.70 31.95
N ASP A 352 -3.81 7.60 32.50
CA ASP A 352 -4.25 6.43 33.21
C ASP A 352 -4.83 5.34 32.31
N ILE A 353 -5.02 5.61 31.03
CA ILE A 353 -5.60 4.63 30.11
C ILE A 353 -4.55 4.01 29.20
N GLY A 354 -3.30 4.44 29.29
CA GLY A 354 -2.25 3.92 28.45
C GLY A 354 -2.14 4.69 27.15
N TRP A 355 -0.96 4.60 26.54
CA TRP A 355 -0.67 5.35 25.32
C TRP A 355 -1.44 4.83 24.13
N ARG A 356 -1.49 3.51 23.97
CA ARG A 356 -2.05 2.88 22.78
C ARG A 356 -3.55 3.12 22.67
N LYS A 357 -4.27 2.92 23.78
CA LYS A 357 -5.71 3.15 23.76
C LYS A 357 -6.04 4.62 23.64
N PHE A 358 -5.22 5.51 24.20
CA PHE A 358 -5.44 6.94 24.07
C PHE A 358 -5.31 7.40 22.63
N THR A 359 -4.27 6.92 21.94
CA THR A 359 -4.10 7.30 20.53
C THR A 359 -5.20 6.70 19.66
N GLU A 360 -5.57 5.44 19.91
CA GLU A 360 -6.61 4.79 19.11
C GLU A 360 -7.97 5.46 19.30
N MET A 361 -8.32 5.81 20.55
CA MET A 361 -9.61 6.41 20.79
C MET A 361 -9.64 7.88 20.36
N LEU A 362 -8.52 8.60 20.48
CA LEU A 362 -8.50 9.98 19.99
C LEU A 362 -8.61 10.04 18.48
N GLY A 363 -7.96 9.12 17.77
CA GLY A 363 -8.14 9.00 16.34
C GLY A 363 -9.55 8.61 15.95
N SER A 364 -10.11 7.60 16.63
CA SER A 364 -11.44 7.12 16.31
C SER A 364 -12.55 7.99 16.89
N ASN A 365 -12.19 9.09 17.57
CA ASN A 365 -13.12 10.15 17.94
C ASN A 365 -13.04 11.35 17.01
N LEU A 366 -11.82 11.73 16.60
CA LEU A 366 -11.65 12.76 15.58
C LEU A 366 -12.27 12.33 14.26
N TYR A 367 -12.26 11.03 13.97
CA TYR A 367 -12.92 10.51 12.78
C TYR A 367 -14.42 10.75 12.81
N LEU A 368 -15.07 10.47 13.96
CA LEU A 368 -16.51 10.66 14.05
C LEU A 368 -16.89 12.13 14.01
N ILE A 369 -16.08 13.00 14.64
CA ILE A 369 -16.42 14.41 14.64
C ILE A 369 -16.22 15.04 13.26
N TYR A 370 -15.20 14.57 12.53
CA TYR A 370 -15.05 14.99 11.13
C TYR A 370 -16.19 14.44 10.27
N LYS A 371 -16.69 13.25 10.59
CA LYS A 371 -17.77 12.66 9.80
C LYS A 371 -19.10 13.36 10.06
N LYS A 372 -19.32 13.84 11.29
CA LYS A 372 -20.56 14.57 11.56
C LYS A 372 -20.51 15.98 11.00
N GLU A 373 -19.39 16.70 11.21
CA GLU A 373 -19.36 18.10 10.80
C GLU A 373 -19.14 18.29 9.31
N THR A 374 -18.92 17.21 8.55
CA THR A 374 -18.90 17.28 7.10
C THR A 374 -20.31 17.24 6.51
N GLY A 375 -21.18 16.38 7.02
CA GLY A 375 -22.53 16.25 6.51
C GLY A 375 -22.92 14.84 6.13
N GLY A 376 -22.04 13.86 6.29
CA GLY A 376 -22.36 12.49 5.97
C GLY A 376 -21.77 11.48 6.94
N VAL A 377 -22.63 10.69 7.57
CA VAL A 377 -22.16 9.67 8.51
C VAL A 377 -21.61 8.48 7.74
N SER A 378 -20.57 7.85 8.29
CA SER A 378 -19.94 6.69 7.68
C SER A 378 -20.85 5.48 7.58
N THR A 387 -26.83 -13.49 3.80
CA THR A 387 -26.25 -14.80 3.55
C THR A 387 -25.73 -15.44 4.82
N GLU A 388 -26.52 -15.39 5.88
CA GLU A 388 -26.18 -16.02 7.16
C GLU A 388 -26.94 -17.33 7.28
N TYR A 389 -26.22 -18.43 7.25
CA TYR A 389 -26.82 -19.75 7.20
C TYR A 389 -26.31 -20.60 8.37
N TYR A 390 -27.24 -21.10 9.16
CA TYR A 390 -26.96 -22.12 10.17
C TYR A 390 -27.50 -23.45 9.67
N SER A 391 -26.84 -24.53 10.07
CA SER A 391 -27.23 -25.84 9.60
C SER A 391 -28.53 -26.28 10.26
N LYS A 392 -29.18 -27.27 9.64
CA LYS A 392 -30.45 -27.78 10.14
C LYS A 392 -30.25 -28.61 11.41
N SER A 396 -33.61 -34.15 10.97
CA SER A 396 -35.01 -33.82 11.17
C SER A 396 -35.82 -35.07 11.52
N GLU A 397 -36.98 -35.22 10.89
CA GLU A 397 -37.86 -36.36 11.11
C GLU A 397 -37.65 -37.34 9.97
N GLY A 398 -37.05 -38.48 10.27
CA GLY A 398 -36.79 -39.50 9.28
C GLY A 398 -35.31 -39.87 9.23
N SER A 399 -35.06 -41.09 8.72
CA SER A 399 -33.73 -41.67 8.51
C SER A 399 -32.93 -41.76 9.81
N ASP A 400 -33.50 -42.46 10.79
CA ASP A 400 -32.83 -42.79 12.04
C ASP A 400 -32.33 -44.22 11.98
N LEU A 401 -31.02 -44.41 12.09
CA LEU A 401 -30.42 -45.72 11.89
C LEU A 401 -29.38 -45.97 12.96
N PHE A 402 -28.84 -47.19 12.96
CA PHE A 402 -27.81 -47.62 13.89
C PHE A 402 -26.73 -48.33 13.08
N ILE A 403 -25.52 -47.79 13.09
CA ILE A 403 -24.45 -48.32 12.25
C ILE A 403 -23.34 -48.87 13.12
N PRO A 404 -23.20 -50.19 13.26
CA PRO A 404 -22.10 -50.75 14.02
C PRO A 404 -20.86 -50.93 13.16
N VAL A 405 -19.70 -50.68 13.76
CA VAL A 405 -18.41 -50.85 13.11
C VAL A 405 -17.54 -51.72 14.00
N THR A 406 -16.99 -52.78 13.44
CA THR A 406 -16.11 -53.69 14.17
C THR A 406 -14.75 -53.70 13.49
N PRO A 407 -13.69 -53.24 14.16
CA PRO A 407 -12.37 -53.30 13.55
C PRO A 407 -11.85 -54.71 13.52
N PRO A 408 -10.86 -55.00 12.66
CA PRO A 408 -10.22 -56.32 12.69
C PRO A 408 -9.42 -56.53 13.97
N GLU A 409 -9.26 -57.79 14.34
CA GLU A 409 -8.72 -58.12 15.65
C GLU A 409 -7.22 -57.89 15.72
N GLY A 410 -6.53 -58.00 14.58
CA GLY A 410 -5.08 -57.90 14.60
C GLY A 410 -4.55 -56.48 14.55
N ILE A 411 -5.43 -55.50 14.31
CA ILE A 411 -5.02 -54.15 13.95
C ILE A 411 -4.40 -53.42 15.14
N GLU A 412 -3.55 -52.44 14.86
CA GLU A 412 -2.90 -51.63 15.87
C GLU A 412 -3.31 -50.18 15.72
N THR A 413 -3.48 -49.50 16.84
CA THR A 413 -3.87 -48.10 16.84
C THR A 413 -2.80 -47.29 17.55
N LYS A 414 -2.42 -46.17 16.96
CA LYS A 414 -1.35 -45.32 17.47
C LYS A 414 -1.77 -43.86 17.36
N GLU A 415 -1.04 -43.02 18.10
CA GLU A 415 -1.27 -41.58 18.06
C GLU A 415 0.02 -40.86 17.76
N TRP A 416 0.00 -40.00 16.75
CA TRP A 416 1.15 -39.26 16.29
C TRP A 416 0.98 -37.80 16.65
N ILE A 417 2.07 -37.16 17.07
CA ILE A 417 2.04 -35.76 17.46
C ILE A 417 3.19 -35.04 16.77
N ILE A 418 2.86 -33.97 16.05
CA ILE A 418 3.81 -33.17 15.28
C ILE A 418 3.89 -31.80 15.93
N VAL A 419 5.09 -31.40 16.32
CA VAL A 419 5.32 -30.11 16.96
C VAL A 419 6.32 -29.31 16.15
N GLY A 420 6.11 -27.99 16.12
CA GLY A 420 7.04 -27.13 15.41
C GLY A 420 6.67 -25.68 15.55
N ARG A 421 7.29 -24.86 14.71
CA ARG A 421 7.02 -23.42 14.69
C ARG A 421 6.62 -22.98 13.30
N LEU A 422 5.71 -22.02 13.24
CA LEU A 422 5.28 -21.38 12.01
C LEU A 422 5.89 -20.00 11.94
N LYS A 423 6.43 -19.66 10.77
CA LYS A 423 7.19 -18.43 10.57
C LYS A 423 6.59 -17.68 9.39
N ALA A 424 6.41 -16.38 9.55
CA ALA A 424 5.82 -15.54 8.52
C ALA A 424 6.90 -15.11 7.54
N ALA A 425 6.78 -15.55 6.29
CA ALA A 425 7.69 -15.13 5.24
C ALA A 425 7.22 -13.88 4.53
N THR A 426 6.01 -13.41 4.81
CA THR A 426 5.45 -12.20 4.26
C THR A 426 4.62 -11.55 5.36
N PRO A 427 4.18 -10.30 5.18
CA PRO A 427 3.14 -9.77 6.08
C PRO A 427 1.87 -10.60 6.02
N PHE A 428 1.20 -10.73 7.16
CA PHE A 428 0.01 -11.56 7.25
C PHE A 428 -1.21 -10.73 7.66
N TYR A 429 -2.38 -11.31 7.44
CA TYR A 429 -3.65 -10.65 7.71
C TYR A 429 -4.70 -11.70 8.01
N PHE A 430 -5.30 -11.61 9.19
CA PHE A 430 -6.41 -12.47 9.59
C PHE A 430 -7.59 -11.55 9.89
N GLY A 431 -8.62 -11.64 9.07
CA GLY A 431 -9.68 -10.65 9.11
C GLY A 431 -10.63 -10.84 10.29
N VAL A 432 -11.16 -9.71 10.74
CA VAL A 432 -12.15 -9.70 11.81
C VAL A 432 -13.12 -8.57 11.52
N GLN A 433 -14.32 -8.68 12.08
CA GLN A 433 -15.32 -7.64 11.94
C GLN A 433 -14.98 -6.47 12.86
N GLN A 434 -15.68 -5.35 12.65
CA GLN A 434 -15.41 -4.14 13.39
C GLN A 434 -15.88 -4.28 14.84
N PRO A 435 -15.20 -3.63 15.77
CA PRO A 435 -15.79 -3.42 17.09
C PRO A 435 -17.01 -2.51 16.97
N SER A 436 -17.89 -2.63 17.97
CA SER A 436 -19.28 -2.16 18.06
C SER A 436 -20.22 -2.93 17.14
N ASP A 437 -19.71 -3.88 16.35
CA ASP A 437 -20.52 -4.92 15.74
C ASP A 437 -20.26 -6.28 16.36
N SER A 438 -19.06 -6.51 16.88
CA SER A 438 -18.72 -7.76 17.57
C SER A 438 -18.92 -7.65 19.08
N ILE A 439 -20.11 -7.22 19.48
CA ILE A 439 -20.53 -7.22 20.88
C ILE A 439 -21.40 -8.46 21.07
N PRO A 440 -21.14 -9.28 22.10
CA PRO A 440 -21.85 -10.57 22.19
C PRO A 440 -23.33 -10.43 22.54
N GLY A 441 -23.70 -9.55 23.44
CA GLY A 441 -25.09 -9.47 23.85
C GLY A 441 -26.01 -8.77 22.87
N LYS A 442 -25.49 -7.74 22.20
CA LYS A 442 -26.29 -6.80 21.41
C LYS A 442 -26.24 -7.14 19.93
N GLU A 443 -26.25 -8.43 19.60
CA GLU A 443 -26.15 -8.94 18.24
C GLU A 443 -27.36 -8.59 17.37
N LYS A 444 -28.50 -8.23 17.98
CA LYS A 444 -29.75 -7.97 17.26
C LYS A 444 -29.61 -6.73 16.38
N LYS A 445 -30.06 -6.85 15.13
CA LYS A 445 -29.96 -5.76 14.17
C LYS A 445 -31.13 -5.79 13.18
N GLU A 454 -15.05 1.79 10.67
CA GLU A 454 -15.15 3.21 10.90
C GLU A 454 -13.89 3.92 10.42
N HIS A 455 -12.96 4.16 11.34
CA HIS A 455 -11.70 4.78 10.97
C HIS A 455 -10.82 3.83 10.17
N THR A 456 -10.57 2.64 10.72
CA THR A 456 -9.88 1.57 10.00
C THR A 456 -10.92 0.67 9.36
N SER A 457 -10.80 0.49 8.05
CA SER A 457 -11.79 -0.29 7.33
C SER A 457 -11.69 -1.78 7.64
N PHE A 458 -10.47 -2.28 7.81
CA PHE A 458 -10.25 -3.70 8.08
C PHE A 458 -9.22 -3.84 9.20
N ASN A 459 -9.60 -4.51 10.28
CA ASN A 459 -8.72 -4.75 11.41
C ASN A 459 -8.11 -6.14 11.33
N ILE A 460 -7.26 -6.44 12.29
CA ILE A 460 -6.59 -7.74 12.39
C ILE A 460 -7.08 -8.43 13.65
N LEU A 461 -6.93 -9.75 13.68
CA LEU A 461 -7.37 -10.54 14.82
C LEU A 461 -6.30 -10.54 15.90
N LEU A 462 -6.67 -10.11 17.10
CA LEU A 462 -5.74 -10.01 18.21
C LEU A 462 -6.33 -10.68 19.44
N ASP A 463 -5.45 -11.02 20.37
CA ASP A 463 -5.83 -11.61 21.65
C ASP A 463 -6.22 -10.47 22.61
N LYS A 464 -6.61 -10.82 23.83
CA LYS A 464 -6.99 -9.79 24.80
C LYS A 464 -5.79 -9.04 25.35
N GLU A 465 -4.60 -9.64 25.26
CA GLU A 465 -3.36 -8.96 25.63
C GLU A 465 -2.62 -8.42 24.41
N ASN A 466 -3.35 -8.15 23.32
CA ASN A 466 -2.85 -7.52 22.10
C ASN A 466 -1.76 -8.37 21.42
N ARG A 467 -1.93 -9.68 21.47
CA ARG A 467 -1.02 -10.60 20.80
C ARG A 467 -1.66 -11.14 19.54
N TYR A 468 -0.83 -11.48 18.57
CA TYR A 468 -1.33 -11.95 17.29
C TYR A 468 -1.77 -13.40 17.40
N ARG A 469 -2.81 -13.75 16.65
CA ARG A 469 -3.48 -15.02 16.85
C ARG A 469 -3.78 -15.67 15.51
N ILE A 470 -3.29 -16.89 15.33
CA ILE A 470 -3.69 -17.77 14.24
C ILE A 470 -4.81 -18.65 14.79
N PRO A 471 -6.06 -18.45 14.37
CA PRO A 471 -7.14 -19.25 14.93
C PRO A 471 -7.13 -20.67 14.39
N ARG A 472 -7.88 -21.53 15.08
CA ARG A 472 -7.95 -22.93 14.70
C ARG A 472 -8.70 -23.12 13.39
N SER A 473 -9.69 -22.26 13.13
CA SER A 473 -10.51 -22.39 11.94
C SER A 473 -9.73 -22.12 10.66
N ALA A 474 -8.80 -21.17 10.69
CA ALA A 474 -7.99 -20.87 9.50
C ALA A 474 -7.03 -22.01 9.19
N LEU A 475 -6.40 -22.57 10.22
CA LEU A 475 -5.49 -23.70 10.04
C LEU A 475 -6.23 -24.94 9.56
N ARG A 476 -7.44 -25.15 10.08
CA ARG A 476 -8.22 -26.32 9.68
C ARG A 476 -8.73 -26.18 8.24
N GLY A 477 -9.14 -24.98 7.85
CA GLY A 477 -9.55 -24.76 6.47
C GLY A 477 -8.40 -24.87 5.48
N ALA A 478 -7.22 -24.40 5.86
CA ALA A 478 -6.06 -24.52 4.99
C ALA A 478 -5.61 -25.98 4.86
N LEU A 479 -5.68 -26.74 5.96
CA LEU A 479 -5.35 -28.16 5.89
C LEU A 479 -6.36 -28.93 5.06
N ARG A 480 -7.64 -28.53 5.13
CA ARG A 480 -8.66 -29.17 4.29
C ARG A 480 -8.44 -28.87 2.82
N ARG A 481 -8.06 -27.63 2.49
CA ARG A 481 -7.79 -27.26 1.11
C ARG A 481 -6.59 -28.01 0.54
N ASP A 482 -5.50 -28.07 1.30
CA ASP A 482 -4.31 -28.76 0.82
C ASP A 482 -4.51 -30.26 0.78
N LEU A 483 -5.34 -30.82 1.67
CA LEU A 483 -5.62 -32.25 1.62
C LEU A 483 -6.51 -32.60 0.44
N ARG A 484 -7.45 -31.71 0.10
CA ARG A 484 -8.26 -31.96 -1.09
C ARG A 484 -7.43 -31.84 -2.37
N THR A 485 -6.46 -30.94 -2.39
CA THR A 485 -5.55 -30.86 -3.52
C THR A 485 -4.66 -32.11 -3.60
N ALA A 486 -4.23 -32.63 -2.45
CA ALA A 486 -3.36 -33.80 -2.45
C ALA A 486 -4.11 -35.08 -2.83
N PHE A 487 -5.37 -35.21 -2.41
CA PHE A 487 -6.11 -36.43 -2.73
C PHE A 487 -6.60 -36.43 -4.18
N GLY A 488 -6.70 -35.26 -4.80
CA GLY A 488 -7.19 -35.16 -6.16
C GLY A 488 -8.69 -35.00 -6.27
N SER A 489 -9.44 -35.28 -5.21
CA SER A 489 -10.89 -35.23 -5.26
C SER A 489 -11.43 -35.08 -3.85
N GLY A 490 -12.61 -34.46 -3.76
CA GLY A 490 -13.25 -34.25 -2.49
C GLY A 490 -14.63 -33.67 -2.71
N CYS A 491 -15.35 -33.51 -1.62
CA CYS A 491 -16.72 -33.01 -1.67
C CYS A 491 -16.80 -31.64 -1.02
N ASN A 492 -17.82 -30.87 -1.41
CA ASN A 492 -18.15 -29.66 -0.68
C ASN A 492 -18.86 -30.03 0.61
N VAL A 493 -18.62 -29.25 1.65
CA VAL A 493 -19.07 -29.65 2.98
C VAL A 493 -20.56 -29.40 3.11
N SER A 494 -21.31 -30.49 3.29
CA SER A 494 -22.75 -30.42 3.48
C SER A 494 -23.06 -30.18 4.94
N LEU A 495 -23.99 -29.26 5.20
CA LEU A 495 -24.30 -28.84 6.55
C LEU A 495 -25.49 -29.58 7.15
N GLY A 496 -26.62 -29.61 6.45
CA GLY A 496 -27.71 -30.41 6.94
C GLY A 496 -27.46 -31.86 6.61
N GLY A 497 -27.00 -32.62 7.59
CA GLY A 497 -26.53 -33.96 7.34
C GLY A 497 -27.22 -34.99 8.22
N GLN A 498 -27.53 -36.14 7.63
CA GLN A 498 -28.03 -37.28 8.36
C GLN A 498 -27.16 -38.51 8.21
N ILE A 499 -26.32 -38.55 7.18
CA ILE A 499 -25.34 -39.61 6.99
C ILE A 499 -23.96 -38.96 6.99
N LEU A 500 -23.02 -39.57 7.70
CA LEU A 500 -21.65 -39.09 7.70
C LEU A 500 -21.03 -39.25 6.32
N CYS A 501 -20.26 -38.26 5.90
CA CYS A 501 -19.68 -38.26 4.56
C CYS A 501 -18.56 -39.29 4.47
N ASN A 502 -18.46 -39.96 3.32
CA ASN A 502 -17.52 -41.04 3.13
C ASN A 502 -16.39 -40.70 2.18
N CYS A 503 -16.18 -39.42 1.88
CA CYS A 503 -15.05 -39.05 1.05
C CYS A 503 -13.76 -39.17 1.86
N LYS A 504 -12.63 -39.27 1.15
CA LYS A 504 -11.36 -39.57 1.80
C LYS A 504 -10.89 -38.41 2.65
N VAL A 505 -11.21 -37.18 2.23
CA VAL A 505 -10.81 -35.99 2.95
C VAL A 505 -11.51 -35.92 4.30
N CYS A 506 -12.78 -36.29 4.35
CA CYS A 506 -13.52 -36.20 5.60
C CYS A 506 -13.11 -37.30 6.56
N ILE A 507 -12.78 -38.49 6.04
CA ILE A 507 -12.29 -39.59 6.85
C ILE A 507 -10.94 -39.22 7.47
N GLU A 508 -10.07 -38.57 6.70
CA GLU A 508 -8.79 -38.18 7.26
C GLU A 508 -8.90 -36.94 8.15
N MET A 509 -9.91 -36.11 7.96
CA MET A 509 -10.05 -34.91 8.78
C MET A 509 -10.85 -35.15 10.06
N ARG A 510 -11.53 -36.28 10.18
CA ARG A 510 -12.16 -36.62 11.45
C ARG A 510 -11.18 -37.26 12.43
N ARG A 511 -9.90 -37.34 12.10
CA ARG A 511 -8.88 -37.89 12.98
C ARG A 511 -7.77 -36.90 13.31
N ILE A 512 -7.93 -35.62 12.94
CA ILE A 512 -6.89 -34.61 13.10
C ILE A 512 -7.37 -33.58 14.13
N THR A 513 -6.54 -33.34 15.13
CA THR A 513 -6.78 -32.33 16.15
C THR A 513 -5.66 -31.30 16.07
N LEU A 514 -6.03 -30.02 16.07
CA LEU A 514 -5.10 -28.91 16.02
C LEU A 514 -5.20 -28.09 17.31
N LYS A 515 -4.52 -26.95 17.34
CA LYS A 515 -4.50 -26.09 18.51
C LYS A 515 -4.22 -24.66 18.07
N ASP A 516 -4.86 -23.70 18.74
CA ASP A 516 -4.69 -22.31 18.38
C ASP A 516 -3.33 -21.79 18.82
N SER A 517 -2.89 -20.70 18.18
CA SER A 517 -1.56 -20.18 18.39
C SER A 517 -1.60 -18.70 18.74
N VAL A 518 -0.74 -18.30 19.67
CA VAL A 518 -0.53 -16.90 20.02
C VAL A 518 0.97 -16.67 20.15
N SER A 519 1.43 -15.53 19.67
CA SER A 519 2.85 -15.20 19.69
C SER A 519 3.25 -14.66 21.06
N ASP A 520 4.50 -14.24 21.16
CA ASP A 520 5.02 -13.52 22.32
C ASP A 520 5.33 -12.07 21.97
N PHE A 521 4.49 -11.46 21.13
CA PHE A 521 4.74 -10.15 20.56
C PHE A 521 3.46 -9.33 20.65
N SER A 522 3.57 -8.12 21.18
CA SER A 522 2.40 -7.32 21.51
C SER A 522 2.56 -5.89 21.01
N GLU A 523 3.25 -5.72 19.91
CA GLU A 523 3.45 -4.40 19.33
C GLU A 523 2.39 -4.13 18.29
N PRO A 524 2.04 -2.85 18.04
CA PRO A 524 0.91 -2.53 17.18
C PRO A 524 1.15 -2.88 15.73
N PRO A 525 0.09 -3.08 14.95
CA PRO A 525 0.24 -3.39 13.53
C PRO A 525 0.55 -2.16 12.70
N GLU A 526 0.68 -2.36 11.38
CA GLU A 526 0.91 -1.28 10.44
C GLU A 526 -0.31 -1.08 9.55
N ILE A 527 -0.55 0.18 9.21
CA ILE A 527 -1.62 0.55 8.29
C ILE A 527 -1.04 0.61 6.88
N ARG A 528 -1.72 -0.04 5.94
CA ARG A 528 -1.36 -0.03 4.52
C ARG A 528 -2.53 0.51 3.73
N TYR A 529 -2.28 1.49 2.88
CA TYR A 529 -3.34 2.19 2.15
C TYR A 529 -3.45 1.67 0.73
N ARG A 530 -4.65 1.80 0.16
CA ARG A 530 -4.93 1.35 -1.19
C ARG A 530 -5.91 2.29 -1.87
N ILE A 531 -5.64 2.57 -3.15
CA ILE A 531 -6.49 3.38 -4.02
C ILE A 531 -6.88 2.55 -5.23
N ALA A 532 -7.74 3.11 -6.08
CA ALA A 532 -8.01 2.56 -7.40
C ALA A 532 -7.98 3.68 -8.41
N LYS A 533 -7.54 3.37 -9.62
CA LYS A 533 -7.32 4.38 -10.65
C LYS A 533 -8.43 4.35 -11.68
N ASN A 534 -8.84 5.53 -12.11
CA ASN A 534 -9.80 5.66 -13.20
C ASN A 534 -9.07 5.51 -14.52
N PRO A 535 -9.34 4.47 -15.31
CA PRO A 535 -8.50 4.19 -16.48
C PRO A 535 -8.72 5.15 -17.63
N GLY A 536 -9.76 5.97 -17.60
CA GLY A 536 -9.97 6.93 -18.67
C GLY A 536 -9.12 8.17 -18.53
N THR A 537 -8.91 8.62 -17.29
CA THR A 537 -8.16 9.84 -17.01
C THR A 537 -6.83 9.58 -16.34
N ALA A 538 -6.54 8.33 -15.93
CA ALA A 538 -5.33 7.91 -15.22
C ALA A 538 -5.10 8.69 -13.92
N THR A 539 -6.18 9.05 -13.24
CA THR A 539 -6.14 9.67 -11.92
C THR A 539 -6.88 8.78 -10.94
N VAL A 540 -7.04 9.26 -9.71
CA VAL A 540 -7.64 8.49 -8.64
C VAL A 540 -9.16 8.57 -8.75
N GLU A 541 -9.81 7.41 -8.63
CA GLU A 541 -11.26 7.34 -8.73
C GLU A 541 -11.91 7.88 -7.46
N ASP A 542 -13.18 8.27 -7.59
CA ASP A 542 -13.91 8.86 -6.48
C ASP A 542 -14.37 7.79 -5.51
N GLY A 543 -14.04 7.97 -4.24
CA GLY A 543 -14.39 7.02 -3.20
C GLY A 543 -13.62 5.74 -3.34
N SER A 544 -12.30 5.81 -3.17
CA SER A 544 -11.44 4.68 -3.48
C SER A 544 -10.34 4.45 -2.45
N LEU A 545 -10.21 5.29 -1.44
CA LEU A 545 -9.19 5.09 -0.44
C LEU A 545 -9.67 4.14 0.65
N PHE A 546 -8.87 3.13 0.96
CA PHE A 546 -9.16 2.28 2.10
C PHE A 546 -7.85 1.76 2.70
N ASP A 547 -7.95 1.22 3.91
CA ASP A 547 -6.76 0.89 4.70
C ASP A 547 -6.90 -0.48 5.35
N ILE A 548 -5.78 -1.19 5.46
CA ILE A 548 -5.73 -2.54 6.00
C ILE A 548 -4.69 -2.56 7.12
N GLU A 549 -4.95 -3.34 8.15
CA GLU A 549 -3.98 -3.58 9.22
C GLU A 549 -3.23 -4.88 8.95
N VAL A 550 -1.91 -4.78 8.84
CA VAL A 550 -1.08 -5.96 8.59
C VAL A 550 -0.04 -6.08 9.69
N GLY A 551 0.47 -7.29 9.85
CA GLY A 551 1.43 -7.60 10.89
C GLY A 551 2.83 -7.77 10.33
N PRO A 552 3.81 -7.93 11.21
CA PRO A 552 5.20 -8.01 10.76
C PRO A 552 5.58 -9.38 10.24
N GLU A 553 6.57 -9.40 9.37
CA GLU A 553 7.11 -10.65 8.85
C GLU A 553 8.29 -11.11 9.69
N GLY A 554 8.44 -12.42 9.81
CA GLY A 554 9.43 -13.01 10.67
C GLY A 554 8.91 -13.46 12.02
N LEU A 555 7.63 -13.27 12.31
CA LEU A 555 7.06 -13.69 13.58
C LEU A 555 6.93 -15.20 13.64
N THR A 556 6.96 -15.74 14.85
CA THR A 556 6.88 -17.17 15.06
C THR A 556 5.69 -17.52 15.95
N PHE A 557 5.06 -18.64 15.62
CA PHE A 557 3.90 -19.18 16.32
C PHE A 557 4.14 -20.65 16.62
N PRO A 558 3.61 -21.16 17.73
CA PRO A 558 3.67 -22.60 17.96
C PRO A 558 2.69 -23.36 17.06
N PHE A 559 3.03 -24.62 16.78
CA PHE A 559 2.23 -25.45 15.90
C PHE A 559 2.19 -26.88 16.44
N VAL A 560 0.98 -27.37 16.71
CA VAL A 560 0.74 -28.71 17.23
C VAL A 560 -0.30 -29.40 16.35
N LEU A 561 0.00 -30.62 15.91
CA LEU A 561 -0.96 -31.46 15.18
C LEU A 561 -0.98 -32.84 15.80
N ARG A 562 -2.16 -33.45 15.85
CA ARG A 562 -2.33 -34.80 16.37
C ARG A 562 -3.12 -35.65 15.39
N TYR A 563 -2.79 -36.94 15.33
CA TYR A 563 -3.47 -37.88 14.46
C TYR A 563 -3.62 -39.20 15.19
N ARG A 564 -4.84 -39.72 15.27
CA ARG A 564 -5.09 -40.99 15.94
C ARG A 564 -5.63 -41.98 14.92
N GLY A 565 -4.83 -43.01 14.62
CA GLY A 565 -5.26 -43.94 13.60
C GLY A 565 -4.38 -45.17 13.53
N HIS A 566 -4.53 -45.89 12.42
CA HIS A 566 -3.84 -47.16 12.23
C HIS A 566 -2.51 -47.01 11.49
N LYS A 567 -2.44 -46.12 10.50
CA LYS A 567 -1.19 -45.84 9.83
C LYS A 567 -1.16 -44.37 9.42
N PHE A 568 0.03 -43.83 9.35
CA PHE A 568 0.21 -42.43 9.00
C PHE A 568 0.02 -42.25 7.50
N PRO A 569 -0.84 -41.35 7.05
CA PRO A 569 -1.14 -41.25 5.63
C PRO A 569 0.01 -40.63 4.83
N GLU A 570 0.06 -40.98 3.55
CA GLU A 570 1.03 -40.38 2.66
C GLU A 570 0.64 -38.96 2.26
N GLN A 571 -0.67 -38.68 2.22
CA GLN A 571 -1.12 -37.36 1.81
C GLN A 571 -0.87 -36.31 2.88
N LEU A 572 -1.03 -36.67 4.16
CA LEU A 572 -0.74 -35.74 5.24
C LEU A 572 0.76 -35.50 5.35
N SER A 573 1.57 -36.52 5.08
CA SER A 573 3.01 -36.35 5.00
C SER A 573 3.38 -35.43 3.84
N SER A 574 2.66 -35.53 2.74
CA SER A 574 2.89 -34.65 1.60
C SER A 574 2.55 -33.20 1.92
N VAL A 575 1.46 -32.98 2.66
CA VAL A 575 1.08 -31.62 3.01
C VAL A 575 2.07 -31.02 4.01
N ILE A 576 2.56 -31.84 4.94
CA ILE A 576 3.55 -31.36 5.91
C ILE A 576 4.87 -31.03 5.23
N ARG A 577 5.30 -31.86 4.27
CA ARG A 577 6.52 -31.56 3.54
C ARG A 577 6.34 -30.39 2.58
N TYR A 578 5.12 -30.14 2.12
CA TYR A 578 4.84 -28.98 1.28
C TYR A 578 4.87 -27.71 2.11
N TRP A 579 4.44 -27.78 3.36
CA TRP A 579 4.33 -26.58 4.18
C TRP A 579 5.67 -26.13 4.76
N GLU A 580 6.65 -27.03 4.83
CA GLU A 580 7.89 -26.72 5.51
C GLU A 580 8.94 -26.17 4.54
N GLU A 581 9.99 -25.57 5.11
CA GLU A 581 11.07 -25.01 4.33
C GLU A 581 12.39 -25.68 4.71
N ASN A 582 13.32 -25.66 3.78
CA ASN A 582 14.66 -26.20 3.96
C ASN A 582 15.60 -25.42 3.04
N ASP A 583 16.77 -25.97 2.78
CA ASP A 583 17.65 -25.40 1.77
C ASP A 583 17.08 -25.66 0.37
N GLY A 584 16.95 -24.59 -0.41
CA GLY A 584 16.38 -24.70 -1.73
C GLY A 584 14.88 -24.46 -1.78
N LYS A 585 14.13 -25.21 -0.97
CA LYS A 585 12.68 -25.07 -0.96
C LYS A 585 12.25 -23.99 0.02
N ASN A 586 11.24 -23.21 -0.37
CA ASN A 586 10.60 -22.26 0.52
C ASN A 586 9.20 -22.76 0.84
N GLY A 587 8.63 -22.22 1.92
CA GLY A 587 7.35 -22.70 2.39
C GLY A 587 6.20 -22.20 1.54
N MET A 588 5.12 -22.97 1.53
CA MET A 588 3.98 -22.69 0.69
C MET A 588 2.67 -22.89 1.46
N ALA A 589 2.62 -22.38 2.68
CA ALA A 589 1.43 -22.50 3.52
C ALA A 589 0.68 -21.18 3.50
N TRP A 590 -0.37 -21.10 2.71
CA TRP A 590 -1.16 -19.87 2.56
C TRP A 590 -2.29 -19.89 3.56
N LEU A 591 -2.16 -19.11 4.63
CA LEU A 591 -3.23 -18.87 5.57
C LEU A 591 -3.66 -17.42 5.48
N GLY A 592 -4.89 -17.14 5.84
CA GLY A 592 -5.34 -15.78 5.95
C GLY A 592 -6.19 -15.33 4.78
N GLY A 593 -6.25 -14.01 4.60
CA GLY A 593 -7.23 -13.45 3.71
C GLY A 593 -6.85 -12.27 2.84
N LEU A 594 -5.61 -12.19 2.38
CA LEU A 594 -5.22 -11.26 1.32
C LEU A 594 -4.23 -11.93 0.40
N ASP A 595 -4.55 -13.16 -0.03
CA ASP A 595 -3.57 -14.02 -0.70
C ASP A 595 -3.21 -13.51 -2.09
N SER A 596 -4.12 -12.80 -2.76
CA SER A 596 -3.84 -12.30 -4.10
C SER A 596 -2.80 -11.19 -4.08
N THR A 597 -2.78 -10.38 -3.04
CA THR A 597 -1.74 -9.38 -2.85
C THR A 597 -0.55 -9.92 -2.10
N GLY A 598 -0.45 -11.25 -1.93
CA GLY A 598 0.73 -11.86 -1.37
C GLY A 598 0.84 -11.84 0.12
N LYS A 599 -0.26 -11.80 0.84
CA LYS A 599 -0.22 -11.68 2.29
C LYS A 599 -0.69 -12.98 2.93
N GLY A 600 0.21 -13.64 3.65
CA GLY A 600 -0.17 -14.79 4.44
C GLY A 600 0.60 -16.06 4.13
N ARG A 601 1.79 -15.94 3.58
CA ARG A 601 2.60 -17.12 3.26
C ARG A 601 3.46 -17.46 4.47
N PHE A 602 3.26 -18.65 5.01
CA PHE A 602 3.97 -19.12 6.18
C PHE A 602 4.85 -20.31 5.81
N ALA A 603 5.86 -20.54 6.64
CA ALA A 603 6.71 -21.70 6.54
C ALA A 603 6.74 -22.43 7.87
N LEU A 604 7.12 -23.69 7.82
CA LEU A 604 7.12 -24.57 8.99
C LEU A 604 8.55 -25.01 9.27
N LYS A 605 9.02 -24.81 10.50
CA LYS A 605 10.38 -25.19 10.84
C LYS A 605 10.41 -25.83 12.22
N ASP A 606 11.54 -26.50 12.49
CA ASP A 606 11.80 -27.27 13.71
C ASP A 606 10.73 -28.33 13.94
N ILE A 607 10.55 -29.19 12.95
CA ILE A 607 9.51 -30.21 12.99
C ILE A 607 10.03 -31.41 13.78
N LYS A 608 9.27 -31.83 14.78
CA LYS A 608 9.54 -33.06 15.51
C LYS A 608 8.26 -33.89 15.56
N ILE A 609 8.39 -35.18 15.25
CA ILE A 609 7.27 -36.10 15.19
C ILE A 609 7.48 -37.21 16.20
N PHE A 610 6.50 -37.41 17.07
CA PHE A 610 6.55 -38.43 18.10
C PHE A 610 5.37 -39.39 17.96
N GLU A 611 5.58 -40.61 18.45
CA GLU A 611 4.66 -41.73 18.28
C GLU A 611 4.31 -42.33 19.62
N TRP A 612 3.03 -42.65 19.80
CA TRP A 612 2.50 -43.21 21.04
C TRP A 612 1.75 -44.49 20.70
N ASP A 613 2.17 -45.59 21.32
CA ASP A 613 1.50 -46.87 21.14
C ASP A 613 0.37 -47.00 22.16
N LEU A 614 -0.78 -47.45 21.70
CA LEU A 614 -1.96 -47.46 22.55
C LEU A 614 -2.42 -48.86 22.94
N ASN A 615 -1.96 -49.89 22.26
CA ASN A 615 -2.32 -51.25 22.65
C ASN A 615 -1.43 -51.80 23.75
N GLN A 616 -0.29 -51.17 24.04
CA GLN A 616 0.57 -51.58 25.13
C GLN A 616 0.84 -50.50 26.17
N LYS A 617 0.75 -49.23 25.81
CA LYS A 617 1.10 -48.12 26.69
C LYS A 617 -0.10 -47.20 26.91
N ILE A 618 -1.26 -47.76 27.20
CA ILE A 618 -2.45 -46.94 27.34
C ILE A 618 -2.49 -46.25 28.71
N ASN A 619 -1.94 -46.90 29.74
CA ASN A 619 -1.97 -46.32 31.08
C ASN A 619 -1.03 -45.12 31.18
N GLU A 620 0.07 -45.15 30.43
CA GLU A 620 0.96 -43.99 30.41
C GLU A 620 0.32 -42.81 29.69
N TYR A 621 -0.47 -43.10 28.65
CA TYR A 621 -1.22 -42.05 27.96
C TYR A 621 -2.26 -41.43 28.87
N ILE A 622 -2.97 -42.26 29.64
CA ILE A 622 -3.97 -41.77 30.58
C ILE A 622 -3.32 -40.97 31.71
N LYS A 623 -2.14 -41.41 32.16
CA LYS A 623 -1.46 -40.70 33.24
C LYS A 623 -0.91 -39.36 32.78
N GLU A 624 -0.34 -39.30 31.58
CA GLU A 624 0.25 -38.06 31.10
C GLU A 624 -0.75 -37.18 30.36
N ARG A 625 -1.99 -37.63 30.20
CA ARG A 625 -3.10 -36.86 29.61
C ARG A 625 -2.80 -36.45 28.18
N GLY A 626 -2.05 -37.28 27.46
CA GLY A 626 -1.71 -37.01 26.08
C GLY A 626 -0.78 -35.85 25.84
N MET A 627 -0.14 -35.33 26.90
CA MET A 627 0.66 -34.11 26.89
C MET A 627 -0.11 -32.93 26.30
N ARG A 628 -1.36 -32.79 26.75
CA ARG A 628 -2.20 -31.69 26.30
C ARG A 628 -1.92 -30.46 27.14
N GLY A 629 -1.47 -29.39 26.50
CA GLY A 629 -1.11 -28.18 27.20
C GLY A 629 0.34 -28.12 27.62
N LYS A 630 1.10 -29.17 27.41
CA LYS A 630 2.53 -29.21 27.71
C LYS A 630 3.34 -29.49 26.45
N GLU A 631 2.86 -29.02 25.30
CA GLU A 631 3.54 -29.25 24.03
C GLU A 631 4.68 -28.27 23.80
N LYS A 632 4.71 -27.17 24.54
CA LYS A 632 5.86 -26.26 24.48
C LYS A 632 7.10 -26.90 25.05
N GLU A 633 6.93 -27.75 26.06
CA GLU A 633 8.06 -28.46 26.66
C GLU A 633 8.62 -29.52 25.72
N LEU A 634 7.81 -30.03 24.79
CA LEU A 634 8.26 -31.09 23.90
C LEU A 634 9.26 -30.60 22.87
N LEU A 635 9.18 -29.33 22.47
CA LEU A 635 10.14 -28.80 21.52
C LEU A 635 11.52 -28.64 22.16
N GLU A 636 11.57 -28.34 23.44
CA GLU A 636 12.82 -28.13 24.16
C GLU A 636 13.26 -29.36 24.94
N MET A 637 12.49 -30.45 24.90
CA MET A 637 12.84 -31.65 25.64
C MET A 637 13.94 -32.42 24.92
N GLY A 638 14.83 -33.01 25.70
CA GLY A 638 15.83 -33.91 25.17
C GLY A 638 15.26 -35.29 24.92
N GLU A 639 16.13 -36.17 24.44
CA GLU A 639 15.72 -37.54 24.16
C GLU A 639 15.62 -38.36 25.45
N SER A 640 16.33 -37.96 26.49
CA SER A 640 16.39 -38.70 27.74
C SER A 640 15.41 -38.17 28.78
N SER A 641 14.58 -37.20 28.44
CA SER A 641 13.60 -36.65 29.36
C SER A 641 12.17 -36.89 28.91
N LEU A 642 11.96 -37.70 27.87
CA LEU A 642 10.63 -37.98 27.38
C LEU A 642 9.87 -38.85 28.39
N PRO A 643 8.54 -38.74 28.44
CA PRO A 643 7.77 -39.65 29.29
C PRO A 643 7.79 -41.08 28.77
N ASP A 644 7.37 -42.02 29.60
CA ASP A 644 7.40 -43.43 29.22
C ASP A 644 6.28 -43.69 28.22
N GLY A 645 6.63 -44.32 27.10
CA GLY A 645 5.67 -44.70 26.09
C GLY A 645 5.69 -43.84 24.84
N LEU A 646 6.35 -42.69 24.88
CA LEU A 646 6.44 -41.78 23.75
C LEU A 646 7.81 -41.93 23.10
N ILE A 647 7.84 -42.39 21.86
CA ILE A 647 9.11 -42.59 21.16
C ILE A 647 9.18 -41.60 19.99
N PRO A 648 10.35 -41.31 19.45
CA PRO A 648 10.39 -40.53 18.20
C PRO A 648 10.05 -41.39 17.00
N TYR A 649 9.56 -40.76 15.94
CA TYR A 649 9.15 -41.43 14.73
C TYR A 649 10.27 -41.35 13.70
N LYS A 650 10.71 -42.50 13.19
CA LYS A 650 11.85 -42.55 12.31
C LYS A 650 11.51 -42.86 10.86
N PHE A 651 10.36 -43.47 10.58
CA PHE A 651 9.96 -43.73 9.19
C PHE A 651 9.06 -42.62 8.66
N PHE A 652 9.51 -41.38 8.79
CA PHE A 652 8.84 -40.25 8.16
C PHE A 652 9.45 -40.03 6.79
N GLU A 653 8.64 -40.15 5.75
CA GLU A 653 9.17 -40.21 4.39
C GLU A 653 9.64 -38.84 3.94
N GLU A 654 10.74 -38.84 3.19
CA GLU A 654 11.35 -37.61 2.74
C GLU A 654 10.57 -37.02 1.56
N ARG A 655 11.08 -35.90 1.06
CA ARG A 655 10.33 -35.08 0.10
C ARG A 655 10.27 -35.72 -1.27
N GLU A 656 11.30 -36.47 -1.66
CA GLU A 656 11.36 -37.06 -2.98
C GLU A 656 10.74 -38.45 -3.05
N CYS A 657 10.23 -38.98 -1.95
CA CYS A 657 9.64 -40.32 -1.93
C CYS A 657 8.13 -40.32 -1.80
N LEU A 658 7.50 -39.15 -1.67
CA LEU A 658 6.05 -39.07 -1.51
C LEU A 658 5.40 -38.87 -2.87
N PHE A 659 4.41 -39.70 -3.17
CA PHE A 659 3.69 -39.68 -4.43
C PHE A 659 2.61 -38.59 -4.56
N PRO A 660 1.83 -38.24 -3.52
CA PRO A 660 0.97 -37.05 -3.66
C PRO A 660 1.74 -35.75 -3.83
N TYR A 661 2.85 -35.59 -3.12
CA TYR A 661 3.81 -34.55 -3.45
C TYR A 661 4.43 -34.88 -4.82
N LYS A 662 4.85 -33.82 -5.52
CA LYS A 662 5.52 -33.84 -6.82
C LYS A 662 4.65 -34.34 -7.98
N GLU A 663 3.40 -34.70 -7.68
CA GLU A 663 2.39 -34.99 -8.69
C GLU A 663 1.16 -34.10 -8.58
N ASN A 664 0.76 -33.73 -7.37
CA ASN A 664 -0.43 -32.93 -7.15
C ASN A 664 -0.16 -31.61 -6.45
N LEU A 665 0.80 -31.57 -5.52
CA LEU A 665 1.00 -30.38 -4.69
C LEU A 665 2.11 -29.47 -5.20
N LYS A 666 3.25 -30.03 -5.61
CA LYS A 666 4.35 -29.23 -6.14
C LYS A 666 4.06 -28.46 -7.44
N PRO A 667 3.36 -29.00 -8.45
CA PRO A 667 3.07 -28.17 -9.64
C PRO A 667 1.96 -27.16 -9.48
N GLN A 668 1.46 -26.89 -8.27
CA GLN A 668 0.26 -26.07 -8.13
C GLN A 668 0.57 -24.59 -8.31
N TRP A 669 1.65 -24.11 -7.71
CA TRP A 669 2.07 -22.72 -7.86
C TRP A 669 3.51 -22.67 -8.33
N SER A 670 3.76 -21.88 -9.38
CA SER A 670 5.08 -21.70 -9.95
C SER A 670 5.57 -20.31 -9.65
N GLU A 671 6.89 -20.17 -9.53
CA GLU A 671 7.53 -18.94 -9.04
C GLU A 671 8.27 -18.25 -10.17
N VAL A 672 8.04 -16.95 -10.34
CA VAL A 672 8.84 -16.13 -11.22
C VAL A 672 9.50 -15.06 -10.37
N GLN A 673 10.83 -15.09 -10.31
CA GLN A 673 11.61 -14.17 -9.50
C GLN A 673 12.47 -13.33 -10.44
N TYR A 674 12.48 -12.01 -10.23
CA TYR A 674 13.19 -11.14 -11.14
C TYR A 674 13.75 -9.93 -10.41
N THR A 675 14.54 -9.14 -11.12
CA THR A 675 15.27 -8.01 -10.56
C THR A 675 15.14 -6.81 -11.47
N ILE A 676 14.57 -5.73 -10.96
CA ILE A 676 14.40 -4.48 -11.69
C ILE A 676 15.53 -3.54 -11.33
N GLU A 677 16.18 -2.98 -12.34
CA GLU A 677 17.19 -1.95 -12.16
C GLU A 677 16.59 -0.61 -12.55
N VAL A 678 16.55 0.31 -11.59
CA VAL A 678 15.95 1.63 -11.73
C VAL A 678 17.08 2.66 -11.66
N GLY A 679 17.21 3.46 -12.72
CA GLY A 679 18.30 4.41 -12.82
C GLY A 679 17.87 5.85 -12.69
N SER A 680 16.89 6.09 -11.84
CA SER A 680 16.30 7.40 -11.62
C SER A 680 15.90 7.46 -10.15
N PRO A 681 15.63 8.64 -9.59
CA PRO A 681 15.02 8.69 -8.26
C PRO A 681 13.67 7.99 -8.21
N LEU A 682 13.41 7.33 -7.09
CA LEU A 682 12.22 6.51 -6.92
C LEU A 682 11.47 6.98 -5.68
N LEU A 683 10.22 7.42 -5.88
CA LEU A 683 9.42 7.96 -4.79
C LEU A 683 8.06 7.27 -4.80
N THR A 684 7.88 6.32 -3.89
CA THR A 684 6.57 5.76 -3.58
C THR A 684 6.15 6.37 -2.27
N ALA A 685 5.24 7.35 -2.33
CA ALA A 685 4.99 8.25 -1.22
C ALA A 685 4.23 7.55 -0.10
N ASP A 686 4.34 8.13 1.09
CA ASP A 686 3.64 7.63 2.27
C ASP A 686 2.55 8.59 2.73
N THR A 687 2.87 9.87 2.90
CA THR A 687 2.01 11.03 3.17
C THR A 687 1.30 10.99 4.52
N ILE A 688 1.43 9.92 5.29
CA ILE A 688 1.01 9.89 6.69
C ILE A 688 2.20 9.80 7.62
N SER A 689 3.21 9.00 7.25
CA SER A 689 4.43 8.94 8.03
C SER A 689 5.31 10.17 7.80
N ALA A 690 5.01 10.96 6.77
CA ALA A 690 5.77 12.19 6.55
C ALA A 690 5.43 13.25 7.60
N LEU A 691 4.29 13.13 8.26
CA LEU A 691 3.87 14.12 9.23
C LEU A 691 4.53 13.90 10.59
N THR A 692 4.79 12.65 10.97
CA THR A 692 5.15 12.32 12.34
C THR A 692 6.63 12.00 12.52
N GLU A 693 7.48 12.28 11.53
CA GLU A 693 8.90 12.05 11.66
C GLU A 693 9.68 13.36 11.47
N PRO A 694 10.83 13.51 12.12
CA PRO A 694 11.57 14.77 12.01
C PRO A 694 12.24 14.95 10.66
N GLY A 695 12.23 16.20 10.20
CA GLY A 695 12.81 16.55 8.91
C GLY A 695 12.01 17.60 8.17
N ASN A 696 10.70 17.66 8.45
CA ASN A 696 9.75 18.60 7.86
C ASN A 696 9.72 18.47 6.33
N ARG A 697 9.30 17.29 5.88
CA ARG A 697 9.27 17.00 4.45
C ARG A 697 7.87 16.55 4.04
N ASP A 698 7.55 16.80 2.77
CA ASP A 698 6.20 16.58 2.28
C ASP A 698 5.97 15.12 1.92
N ALA A 699 6.85 14.55 1.11
CA ALA A 699 6.70 13.18 0.63
C ALA A 699 7.99 12.42 0.85
N ILE A 700 7.93 11.39 1.69
CA ILE A 700 9.07 10.53 1.95
C ILE A 700 8.76 9.14 1.40
N ALA A 701 9.77 8.29 1.37
CA ALA A 701 9.64 6.98 0.76
C ALA A 701 8.93 6.00 1.71
N TYR A 702 8.69 4.80 1.21
CA TYR A 702 7.94 3.79 1.95
C TYR A 702 8.90 2.84 2.65
N LYS A 703 8.57 2.52 3.90
CA LYS A 703 9.40 1.67 4.75
C LYS A 703 8.56 0.54 5.32
N LYS A 704 9.23 -0.56 5.65
CA LYS A 704 8.64 -1.72 6.29
C LYS A 704 9.30 -1.94 7.64
N ARG A 705 8.65 -2.74 8.48
CA ARG A 705 9.23 -3.21 9.74
C ARG A 705 9.32 -4.73 9.70
N VAL A 706 10.55 -5.24 9.73
CA VAL A 706 10.83 -6.67 9.66
C VAL A 706 11.18 -7.11 11.08
N TYR A 707 10.57 -8.21 11.52
CA TYR A 707 10.84 -8.76 12.84
C TYR A 707 11.96 -9.79 12.77
N ASN A 708 12.80 -9.79 13.79
CA ASN A 708 13.95 -10.67 13.87
C ASN A 708 13.70 -11.77 14.90
N ASP A 709 14.25 -12.95 14.64
CA ASP A 709 14.02 -14.12 15.47
C ASP A 709 15.18 -14.45 16.39
N GLY A 710 16.42 -14.15 16.00
CA GLY A 710 17.54 -14.39 16.88
C GLY A 710 17.53 -13.48 18.08
N ASN A 711 17.37 -12.18 17.85
CA ASN A 711 17.06 -11.22 18.88
C ASN A 711 15.59 -10.85 18.75
N ASN A 712 14.87 -10.86 19.86
CA ASN A 712 13.41 -10.75 19.84
C ASN A 712 12.91 -9.32 19.71
N ALA A 713 13.76 -8.37 19.32
CA ALA A 713 13.30 -7.03 18.96
C ALA A 713 12.80 -7.03 17.52
N ILE A 714 12.43 -5.86 17.01
CA ILE A 714 11.93 -5.83 15.65
C ILE A 714 13.12 -5.86 14.69
N GLU A 715 13.84 -4.74 14.59
CA GLU A 715 15.04 -4.44 13.82
C GLU A 715 15.36 -2.99 14.14
N PRO A 716 16.62 -2.57 14.10
CA PRO A 716 16.91 -1.14 14.24
C PRO A 716 16.62 -0.32 12.99
N GLU A 717 16.91 -0.88 11.81
CA GLU A 717 16.79 -0.11 10.58
C GLU A 717 15.72 -0.71 9.67
N PRO A 718 14.85 0.13 9.11
CA PRO A 718 13.75 -0.36 8.28
C PRO A 718 14.23 -0.77 6.89
N ARG A 719 13.32 -1.36 6.13
CA ARG A 719 13.59 -1.84 4.78
C ARG A 719 12.74 -1.07 3.79
N PHE A 720 13.38 -0.51 2.77
CA PHE A 720 12.68 0.22 1.72
C PHE A 720 12.12 -0.75 0.70
N ALA A 721 10.91 -0.47 0.24
CA ALA A 721 10.22 -1.39 -0.65
C ALA A 721 9.17 -0.67 -1.48
N VAL A 722 8.79 -1.33 -2.58
CA VAL A 722 7.59 -1.00 -3.34
C VAL A 722 6.57 -2.08 -3.05
N LYS A 723 5.34 -1.68 -2.79
CA LYS A 723 4.31 -2.60 -2.31
C LYS A 723 3.91 -3.60 -3.37
N SER A 724 3.22 -4.66 -2.93
CA SER A 724 2.76 -5.69 -3.83
C SER A 724 1.55 -5.22 -4.64
N GLU A 725 0.72 -4.36 -4.03
CA GLU A 725 -0.45 -3.83 -4.72
C GLU A 725 -0.04 -2.96 -5.90
N THR A 726 1.09 -2.28 -5.78
CA THR A 726 1.54 -1.36 -6.83
C THR A 726 1.93 -2.12 -8.09
N HIS A 727 2.81 -3.12 -7.98
CA HIS A 727 3.20 -3.80 -9.21
C HIS A 727 2.19 -4.85 -9.65
N ARG A 728 1.30 -5.28 -8.75
CA ARG A 728 0.10 -5.99 -9.17
C ARG A 728 -0.75 -5.12 -10.09
N GLY A 729 -0.99 -3.87 -9.69
CA GLY A 729 -1.76 -2.96 -10.52
C GLY A 729 -1.06 -2.59 -11.80
N ILE A 730 0.28 -2.56 -11.79
CA ILE A 730 1.04 -2.28 -13.00
C ILE A 730 0.87 -3.42 -14.01
N PHE A 731 0.95 -4.67 -13.53
CA PHE A 731 0.74 -5.82 -14.40
C PHE A 731 -0.70 -5.87 -14.94
N ARG A 732 -1.67 -5.57 -14.07
CA ARG A 732 -3.07 -5.59 -14.48
C ARG A 732 -3.38 -4.50 -15.50
N THR A 733 -2.82 -3.30 -15.30
CA THR A 733 -3.02 -2.21 -16.25
C THR A 733 -2.35 -2.49 -17.58
N ALA A 734 -1.18 -3.13 -17.56
CA ALA A 734 -0.51 -3.50 -18.80
C ALA A 734 -1.31 -4.52 -19.61
N VAL A 735 -1.78 -5.58 -18.95
CA VAL A 735 -2.56 -6.60 -19.63
C VAL A 735 -3.89 -6.04 -20.13
N GLY A 736 -4.54 -5.21 -19.32
CA GLY A 736 -5.82 -4.64 -19.73
C GLY A 736 -5.71 -3.62 -20.84
N ARG A 737 -4.58 -2.92 -20.94
CA ARG A 737 -4.43 -2.00 -22.05
C ARG A 737 -3.99 -2.71 -23.33
N ARG A 738 -3.30 -3.84 -23.20
CA ARG A 738 -2.97 -4.61 -24.41
C ARG A 738 -4.21 -5.29 -24.98
N THR A 739 -5.00 -5.96 -24.13
CA THR A 739 -6.16 -6.66 -24.65
C THR A 739 -7.33 -5.73 -24.93
N GLY A 740 -7.52 -4.71 -24.11
CA GLY A 740 -8.60 -3.76 -24.35
C GLY A 740 -9.79 -4.01 -23.47
N ASP A 741 -9.57 -4.63 -22.31
CA ASP A 741 -10.64 -4.94 -21.38
C ASP A 741 -10.83 -3.90 -20.29
N LEU A 742 -9.99 -2.86 -20.26
CA LEU A 742 -10.20 -1.78 -19.31
C LEU A 742 -11.30 -0.83 -19.74
N GLY A 743 -11.71 -0.87 -21.00
CA GLY A 743 -12.77 -0.01 -21.48
C GLY A 743 -14.17 -0.47 -21.17
N LYS A 744 -14.32 -1.68 -20.61
CA LYS A 744 -15.65 -2.17 -20.29
C LYS A 744 -16.20 -1.46 -19.07
N GLU A 745 -17.51 -1.19 -19.09
CA GLU A 745 -18.13 -0.42 -18.02
C GLU A 745 -18.41 -1.26 -16.79
N ASP A 746 -18.54 -2.58 -16.94
CA ASP A 746 -18.85 -3.45 -15.82
C ASP A 746 -18.26 -4.83 -16.06
N HIS A 747 -17.87 -5.48 -14.97
CA HIS A 747 -17.26 -6.80 -15.02
C HIS A 747 -18.09 -7.83 -14.27
N GLU A 748 -19.41 -7.62 -14.22
CA GLU A 748 -20.29 -8.56 -13.56
C GLU A 748 -20.66 -9.68 -14.52
N ASP A 749 -20.41 -10.92 -14.11
CA ASP A 749 -20.53 -12.14 -14.90
C ASP A 749 -19.73 -12.01 -16.21
N CYS A 750 -18.43 -11.79 -16.04
CA CYS A 750 -17.52 -11.58 -17.16
C CYS A 750 -16.50 -12.70 -17.22
N THR A 751 -16.25 -13.19 -18.43
CA THR A 751 -15.22 -14.18 -18.67
C THR A 751 -14.18 -13.61 -19.65
N CYS A 752 -13.78 -12.36 -19.40
CA CYS A 752 -12.73 -11.75 -20.19
C CYS A 752 -11.37 -12.26 -19.73
N ASP A 753 -10.31 -11.86 -20.46
CA ASP A 753 -8.98 -12.34 -20.15
C ASP A 753 -8.46 -11.73 -18.84
N MET A 754 -8.73 -10.44 -18.62
CA MET A 754 -8.30 -9.79 -17.40
C MET A 754 -9.03 -10.34 -16.18
N CYS A 755 -10.30 -10.67 -16.32
CA CYS A 755 -11.04 -11.24 -15.21
C CYS A 755 -10.69 -12.70 -14.96
N ILE A 756 -10.12 -13.38 -15.96
CA ILE A 756 -9.67 -14.76 -15.75
C ILE A 756 -8.33 -14.77 -15.04
N ILE A 757 -7.39 -13.92 -15.49
CA ILE A 757 -6.07 -13.91 -14.88
C ILE A 757 -6.09 -13.25 -13.51
N PHE A 758 -6.83 -12.16 -13.34
CA PHE A 758 -6.74 -11.33 -12.15
C PHE A 758 -7.97 -11.37 -11.27
N GLY A 759 -8.99 -12.14 -11.63
CA GLY A 759 -10.12 -12.36 -10.76
C GLY A 759 -11.14 -11.23 -10.79
N ASN A 760 -12.30 -11.51 -10.21
CA ASN A 760 -13.39 -10.55 -10.13
C ASN A 760 -14.18 -10.83 -8.85
N GLU A 761 -15.43 -10.35 -8.81
CA GLU A 761 -16.30 -10.56 -7.66
C GLU A 761 -16.62 -12.03 -7.43
N HIS A 762 -16.72 -12.82 -8.50
CA HIS A 762 -17.19 -14.19 -8.40
C HIS A 762 -16.08 -15.23 -8.49
N GLU A 763 -14.85 -14.82 -8.81
CA GLU A 763 -13.75 -15.76 -8.95
C GLU A 763 -12.51 -15.19 -8.27
N SER A 764 -11.66 -16.08 -7.76
CA SER A 764 -10.41 -15.66 -7.17
C SER A 764 -9.35 -15.48 -8.24
N SER A 765 -8.22 -14.88 -7.85
CA SER A 765 -7.17 -14.58 -8.80
C SER A 765 -6.28 -15.78 -9.02
N LYS A 766 -5.77 -15.90 -10.24
CA LYS A 766 -4.87 -16.98 -10.61
C LYS A 766 -3.41 -16.56 -10.55
N ILE A 767 -3.12 -15.34 -10.10
CA ILE A 767 -1.76 -14.85 -9.99
C ILE A 767 -1.66 -14.06 -8.68
N ARG A 768 -0.53 -14.22 -7.98
CA ARG A 768 -0.34 -13.62 -6.67
C ARG A 768 0.99 -12.87 -6.65
N PHE A 769 0.98 -11.66 -6.08
CA PHE A 769 2.11 -10.74 -6.19
C PHE A 769 2.70 -10.44 -4.83
N GLU A 770 4.03 -10.42 -4.76
CA GLU A 770 4.75 -10.09 -3.54
C GLU A 770 5.47 -8.75 -3.72
N ASP A 771 6.11 -8.29 -2.66
CA ASP A 771 6.71 -6.97 -2.64
C ASP A 771 8.02 -6.93 -3.41
N LEU A 772 8.46 -5.72 -3.75
CA LEU A 772 9.73 -5.46 -4.41
C LEU A 772 10.66 -4.82 -3.38
N GLU A 773 11.68 -5.54 -2.95
CA GLU A 773 12.54 -5.10 -1.87
C GLU A 773 13.88 -4.62 -2.38
N LEU A 774 14.42 -3.59 -1.74
CA LEU A 774 15.72 -3.05 -2.12
C LEU A 774 16.83 -3.96 -1.60
N ILE A 775 17.75 -4.34 -2.49
CA ILE A 775 18.79 -5.31 -2.16
C ILE A 775 20.20 -4.76 -2.26
N ASN A 776 20.38 -3.48 -2.60
CA ASN A 776 21.71 -2.90 -2.69
C ASN A 776 21.79 -1.58 -1.98
N GLY A 777 21.05 -1.44 -0.88
CA GLY A 777 21.02 -0.18 -0.16
C GLY A 777 22.26 0.15 0.64
N ASN A 778 23.18 -0.79 0.79
CA ASN A 778 24.41 -0.56 1.53
C ASN A 778 25.57 -0.10 0.66
N GLU A 779 25.36 0.04 -0.64
CA GLU A 779 26.36 0.59 -1.54
C GLU A 779 26.28 2.11 -1.64
N PHE A 780 25.32 2.72 -0.97
CA PHE A 780 25.09 4.15 -1.07
C PHE A 780 25.50 4.87 0.21
N GLU A 781 26.16 6.00 0.04
CA GLU A 781 26.27 7.01 1.09
C GLU A 781 25.26 8.10 0.78
N LYS A 782 24.45 8.46 1.78
CA LYS A 782 23.30 9.36 1.65
C LYS A 782 22.32 8.83 0.59
N LEU A 783 21.68 7.71 0.96
CA LEU A 783 20.74 7.00 0.09
C LEU A 783 19.57 7.88 -0.33
N GLU A 784 19.14 8.81 0.52
CA GLU A 784 18.04 9.70 0.18
C GLU A 784 18.57 11.06 -0.26
N LYS A 785 17.88 11.65 -1.23
CA LYS A 785 18.24 12.93 -1.83
C LYS A 785 17.10 13.91 -1.61
N HIS A 786 17.43 15.16 -1.36
CA HIS A 786 16.45 16.21 -1.13
C HIS A 786 16.31 17.06 -2.39
N ILE A 787 15.15 17.01 -3.02
CA ILE A 787 14.91 17.74 -4.27
C ILE A 787 13.71 18.66 -4.07
N ASP A 788 13.91 19.95 -4.29
CA ASP A 788 12.83 20.91 -4.10
C ASP A 788 12.37 21.49 -5.44
N HIS A 789 11.06 21.74 -5.52
CA HIS A 789 10.40 22.17 -6.73
C HIS A 789 9.56 23.40 -6.47
N VAL A 790 9.32 24.17 -7.53
CA VAL A 790 8.58 25.42 -7.47
C VAL A 790 7.75 25.56 -8.74
N ALA A 791 6.75 26.43 -8.68
CA ALA A 791 5.93 26.77 -9.82
C ALA A 791 6.17 28.23 -10.19
N ILE A 792 6.20 28.54 -11.48
CA ILE A 792 6.56 29.86 -11.98
C ILE A 792 5.36 30.47 -12.66
N ASP A 793 4.99 31.68 -12.25
CA ASP A 793 3.89 32.40 -12.86
C ASP A 793 4.26 32.81 -14.27
N ARG A 794 3.25 32.81 -15.15
CA ARG A 794 3.49 33.06 -16.56
C ARG A 794 3.58 34.53 -16.90
N PHE A 795 3.09 35.40 -16.02
CA PHE A 795 3.13 36.85 -16.26
C PHE A 795 4.31 37.49 -15.55
N THR A 796 4.50 37.22 -14.26
CA THR A 796 5.56 37.87 -13.51
C THR A 796 6.93 37.25 -13.77
N GLY A 797 6.97 35.96 -14.09
CA GLY A 797 8.23 35.29 -14.27
C GLY A 797 8.85 34.75 -13.00
N GLY A 798 8.28 35.07 -11.84
CA GLY A 798 8.79 34.63 -10.57
C GLY A 798 7.94 33.54 -9.94
N ALA A 799 8.33 33.14 -8.74
CA ALA A 799 7.69 32.01 -8.07
C ALA A 799 6.32 32.40 -7.54
N LEU A 800 5.39 31.46 -7.62
CA LEU A 800 4.05 31.68 -7.14
C LEU A 800 4.01 31.60 -5.61
N ASP A 801 2.99 32.23 -5.03
CA ASP A 801 2.76 32.10 -3.60
C ASP A 801 2.22 30.71 -3.30
N LYS A 802 2.62 30.19 -2.13
CA LYS A 802 2.30 28.86 -1.57
C LYS A 802 2.39 27.73 -2.60
N ALA A 803 3.47 27.74 -3.37
CA ALA A 803 3.71 26.70 -4.38
C ALA A 803 5.16 26.27 -4.38
N LYS A 804 5.76 26.10 -3.21
CA LYS A 804 7.08 25.49 -3.10
C LYS A 804 6.94 24.18 -2.33
N PHE A 805 7.56 23.11 -2.83
CA PHE A 805 7.44 21.84 -2.15
C PHE A 805 8.71 21.03 -2.29
N ASP A 806 8.82 19.99 -1.47
CA ASP A 806 10.02 19.16 -1.39
C ASP A 806 9.64 17.70 -1.56
N THR A 807 10.54 16.95 -2.19
CA THR A 807 10.43 15.52 -2.33
C THR A 807 11.73 14.87 -1.89
N TYR A 808 11.61 13.70 -1.28
CA TYR A 808 12.73 12.98 -0.69
C TYR A 808 12.78 11.55 -1.23
N PRO A 809 13.20 11.36 -2.48
CA PRO A 809 13.26 10.01 -3.02
C PRO A 809 14.58 9.32 -2.76
N LEU A 810 14.71 8.08 -3.23
CA LEU A 810 15.96 7.35 -3.11
C LEU A 810 16.88 7.71 -4.27
N ALA A 811 18.18 7.73 -4.03
CA ALA A 811 19.15 8.25 -4.99
C ALA A 811 19.43 7.18 -6.04
N GLY A 812 18.85 7.34 -7.22
CA GLY A 812 19.16 6.51 -8.37
C GLY A 812 19.96 7.30 -9.38
N SER A 813 20.92 6.63 -10.01
CA SER A 813 21.78 7.22 -11.03
C SER A 813 21.89 6.24 -12.18
N PRO A 814 22.23 6.74 -13.38
CA PRO A 814 22.47 5.81 -14.50
C PRO A 814 23.73 4.99 -14.36
N LYS A 815 24.68 5.39 -13.51
CA LYS A 815 25.86 4.57 -13.24
C LYS A 815 25.85 3.92 -11.87
N LYS A 816 24.89 4.26 -11.01
CA LYS A 816 24.65 3.57 -9.75
C LYS A 816 23.14 3.39 -9.61
N PRO A 817 22.58 2.33 -10.20
CA PRO A 817 21.14 2.15 -10.14
C PRO A 817 20.69 1.39 -8.91
N LEU A 818 19.43 1.60 -8.55
CA LEU A 818 18.77 0.83 -7.50
C LEU A 818 18.37 -0.53 -8.06
N LYS A 819 18.47 -1.55 -7.23
CA LYS A 819 18.13 -2.92 -7.63
C LYS A 819 17.03 -3.42 -6.70
N LEU A 820 15.91 -3.82 -7.29
CA LEU A 820 14.75 -4.30 -6.55
C LEU A 820 14.44 -5.73 -6.96
N LYS A 821 14.42 -6.65 -6.00
CA LYS A 821 14.15 -8.05 -6.27
C LYS A 821 12.71 -8.38 -5.91
N GLY A 822 11.99 -8.99 -6.83
CA GLY A 822 10.58 -9.28 -6.62
C GLY A 822 10.21 -10.67 -7.12
N ARG A 823 8.97 -11.05 -6.81
CA ARG A 823 8.51 -12.41 -6.97
C ARG A 823 7.02 -12.43 -7.20
N PHE A 824 6.56 -13.27 -8.13
CA PHE A 824 5.13 -13.52 -8.24
C PHE A 824 4.86 -14.98 -8.56
N TRP A 825 3.71 -15.46 -8.08
CA TRP A 825 3.30 -16.85 -8.17
C TRP A 825 2.17 -16.99 -9.18
N ILE A 826 2.23 -18.06 -9.97
CA ILE A 826 1.28 -18.33 -11.05
C ILE A 826 0.72 -19.73 -10.81
N LYS A 827 -0.48 -19.98 -11.33
CA LYS A 827 -1.20 -21.20 -10.98
C LYS A 827 -1.15 -22.22 -12.11
N LYS A 828 -1.35 -23.48 -11.74
CA LYS A 828 -1.46 -24.56 -12.70
C LYS A 828 -2.79 -24.48 -13.44
N GLY A 829 -2.73 -24.45 -14.77
CA GLY A 829 -3.93 -24.43 -15.56
C GLY A 829 -3.98 -23.28 -16.54
N PHE A 830 -2.89 -22.53 -16.60
CA PHE A 830 -2.79 -21.41 -17.53
C PHE A 830 -2.64 -21.91 -18.97
N SER A 831 -3.30 -21.20 -19.89
CA SER A 831 -3.18 -21.48 -21.31
C SER A 831 -1.93 -20.80 -21.87
N GLY A 832 -1.71 -20.96 -23.17
CA GLY A 832 -0.58 -20.31 -23.79
C GLY A 832 -0.79 -18.83 -24.04
N ASP A 833 -2.05 -18.44 -24.30
CA ASP A 833 -2.36 -17.04 -24.54
C ASP A 833 -2.16 -16.20 -23.28
N HIS A 834 -2.50 -16.75 -22.12
CA HIS A 834 -2.36 -15.99 -20.90
C HIS A 834 -0.92 -15.89 -20.44
N LYS A 835 -0.11 -16.94 -20.67
CA LYS A 835 1.32 -16.85 -20.43
C LYS A 835 1.97 -15.85 -21.39
N LEU A 836 1.49 -15.79 -22.63
CA LEU A 836 1.99 -14.80 -23.57
C LEU A 836 1.63 -13.39 -23.13
N LEU A 837 0.45 -13.22 -22.53
CA LEU A 837 0.06 -11.91 -22.02
C LEU A 837 0.91 -11.48 -20.83
N ILE A 838 1.25 -12.42 -19.95
CA ILE A 838 2.11 -12.10 -18.80
C ILE A 838 3.53 -11.76 -19.27
N THR A 839 4.06 -12.51 -20.24
CA THR A 839 5.36 -12.22 -20.81
C THR A 839 5.37 -10.87 -21.53
N THR A 840 4.29 -10.53 -22.21
CA THR A 840 4.16 -9.23 -22.86
C THR A 840 4.11 -8.10 -21.85
N ALA A 841 3.45 -8.31 -20.70
CA ALA A 841 3.44 -7.30 -19.65
C ALA A 841 4.83 -7.09 -19.06
N LEU A 842 5.59 -8.17 -18.89
CA LEU A 842 6.96 -8.03 -18.39
C LEU A 842 7.86 -7.32 -19.40
N SER A 843 7.65 -7.58 -20.69
CA SER A 843 8.42 -6.88 -21.71
C SER A 843 8.04 -5.41 -21.79
N ASP A 844 6.77 -5.07 -21.53
CA ASP A 844 6.37 -3.67 -21.52
C ASP A 844 6.89 -2.95 -20.29
N ILE A 845 7.06 -3.64 -19.16
CA ILE A 845 7.70 -3.03 -18.00
C ILE A 845 9.18 -2.84 -18.24
N ARG A 846 9.83 -3.81 -18.91
CA ARG A 846 11.26 -3.70 -19.19
C ARG A 846 11.57 -2.62 -20.21
N ASP A 847 10.69 -2.43 -21.20
CA ASP A 847 10.92 -1.42 -22.22
C ASP A 847 10.73 -0.01 -21.71
N GLY A 848 9.97 0.18 -20.63
CA GLY A 848 9.89 1.47 -19.98
C GLY A 848 8.59 2.22 -20.18
N LEU A 849 7.50 1.51 -20.44
CA LEU A 849 6.22 2.17 -20.64
C LEU A 849 5.50 2.49 -19.34
N TYR A 850 5.80 1.77 -18.26
CA TYR A 850 5.09 1.94 -16.99
C TYR A 850 6.09 2.25 -15.87
N PRO A 851 6.24 3.51 -15.49
CA PRO A 851 7.19 3.85 -14.43
C PRO A 851 6.63 3.59 -13.04
N LEU A 852 7.51 3.18 -12.14
CA LEU A 852 7.17 2.88 -10.77
C LEU A 852 7.12 4.16 -9.93
N GLY A 853 6.18 4.20 -9.01
CA GLY A 853 6.12 5.30 -8.08
C GLY A 853 5.39 6.51 -8.63
N SER A 854 5.66 7.65 -8.02
CA SER A 854 4.99 8.90 -8.32
C SER A 854 5.93 9.83 -9.08
N LYS A 855 5.33 10.88 -9.64
CA LYS A 855 6.00 11.93 -10.41
C LYS A 855 6.78 11.36 -11.59
N GLY A 856 6.16 10.43 -12.31
CA GLY A 856 6.80 9.80 -13.45
C GLY A 856 6.97 10.70 -14.64
N GLY A 857 6.15 11.74 -14.77
CA GLY A 857 6.26 12.64 -15.89
C GLY A 857 7.39 13.63 -15.82
N VAL A 858 8.06 13.73 -14.69
CA VAL A 858 9.25 14.56 -14.54
C VAL A 858 10.51 13.73 -14.37
N GLY A 859 10.42 12.42 -14.52
CA GLY A 859 11.58 11.56 -14.56
C GLY A 859 11.82 10.68 -13.36
N TYR A 860 10.84 10.45 -12.51
CA TYR A 860 11.02 9.67 -11.29
C TYR A 860 10.61 8.23 -11.52
N GLY A 861 11.51 7.31 -11.21
CA GLY A 861 11.17 5.90 -11.23
C GLY A 861 11.11 5.28 -12.60
N TRP A 862 12.10 5.55 -13.45
CA TRP A 862 12.14 4.99 -14.78
C TRP A 862 12.94 3.70 -14.77
N VAL A 863 12.34 2.61 -15.26
CA VAL A 863 12.95 1.29 -15.23
C VAL A 863 14.02 1.21 -16.31
N ALA A 864 15.25 0.95 -15.91
CA ALA A 864 16.35 0.80 -16.85
C ALA A 864 16.56 -0.63 -17.28
N GLY A 865 16.17 -1.62 -16.47
CA GLY A 865 16.35 -2.99 -16.92
C GLY A 865 15.65 -4.01 -16.05
N ILE A 866 15.58 -5.23 -16.57
CA ILE A 866 14.96 -6.36 -15.87
C ILE A 866 15.80 -7.60 -16.14
N SER A 867 16.10 -8.35 -15.07
CA SER A 867 16.84 -9.59 -15.19
C SER A 867 16.04 -10.72 -14.55
N ILE A 868 16.07 -11.89 -15.19
CA ILE A 868 15.28 -13.04 -14.80
C ILE A 868 16.23 -14.12 -14.29
N ASP A 869 15.94 -14.64 -13.10
CA ASP A 869 16.80 -15.63 -12.47
C ASP A 869 16.75 -16.97 -13.20
N ASP A 870 17.72 -17.82 -12.90
CA ASP A 870 17.91 -19.07 -13.64
C ASP A 870 16.97 -20.19 -13.20
N ASN A 871 16.30 -20.05 -12.06
CA ASN A 871 15.38 -21.07 -11.60
C ASN A 871 13.96 -20.86 -12.10
N VAL A 872 13.75 -19.85 -12.94
CA VAL A 872 12.47 -19.61 -13.61
C VAL A 872 12.22 -20.73 -14.61
N PRO A 873 10.98 -21.20 -14.81
CA PRO A 873 10.70 -22.23 -15.82
C PRO A 873 11.15 -21.85 -17.22
N ASP A 874 11.45 -22.90 -18.01
CA ASP A 874 12.21 -22.73 -19.24
C ASP A 874 11.37 -22.09 -20.35
N ASP A 875 10.06 -22.35 -20.34
CA ASP A 875 9.19 -21.73 -21.34
C ASP A 875 9.10 -20.22 -21.15
N PHE A 876 9.14 -19.78 -19.88
CA PHE A 876 9.18 -18.35 -19.60
C PHE A 876 10.49 -17.73 -20.07
N LYS A 877 11.61 -18.41 -19.86
CA LYS A 877 12.90 -17.92 -20.36
C LYS A 877 12.94 -17.88 -21.87
N GLU A 878 12.24 -18.81 -22.54
CA GLU A 878 12.16 -18.76 -23.99
C GLU A 878 11.27 -17.61 -24.46
N MET A 879 10.19 -17.32 -23.73
CA MET A 879 9.24 -16.31 -24.18
C MET A 879 9.75 -14.90 -23.94
N ILE A 880 10.34 -14.64 -22.77
CA ILE A 880 10.81 -13.29 -22.46
C ILE A 880 12.09 -12.96 -23.23
N ASN A 881 13.03 -13.89 -23.26
CA ASN A 881 14.28 -13.68 -23.98
C ASN A 881 14.15 -14.15 -25.43
N GLY A 897 20.34 10.00 -40.02
CA GLY A 897 21.22 10.25 -38.90
C GLY A 897 20.82 11.45 -38.08
N PRO A 898 21.53 12.57 -38.24
CA PRO A 898 21.20 13.77 -37.47
C PRO A 898 20.06 14.56 -38.11
N ILE A 899 19.02 14.81 -37.33
CA ILE A 899 17.86 15.55 -37.83
C ILE A 899 18.07 17.04 -37.64
N ASN A 900 17.87 17.80 -38.73
CA ASN A 900 18.02 19.24 -38.71
C ASN A 900 16.71 19.90 -39.12
N ASN A 901 16.57 21.17 -38.75
CA ASN A 901 15.39 21.93 -39.13
C ASN A 901 15.61 22.84 -40.32
N ASP A 902 16.76 23.50 -40.37
CA ASP A 902 17.19 24.38 -41.48
C ASP A 902 16.18 25.48 -41.76
N TYR A 903 15.94 26.29 -40.73
CA TYR A 903 15.04 27.43 -40.84
C TYR A 903 15.72 28.62 -40.20
N VAL A 904 16.19 29.55 -41.02
CA VAL A 904 16.87 30.75 -40.56
C VAL A 904 15.81 31.83 -40.38
N HIS A 905 15.73 32.37 -39.18
CA HIS A 905 14.74 33.40 -38.90
C HIS A 905 15.38 34.78 -39.04
N PRO A 906 14.76 35.69 -39.81
CA PRO A 906 15.27 37.07 -39.89
C PRO A 906 14.98 37.82 -38.60
N GLY A 907 16.05 38.24 -37.92
CA GLY A 907 15.91 38.94 -36.66
C GLY A 907 15.40 40.36 -36.82
N HIS A 908 15.39 41.07 -35.69
CA HIS A 908 14.95 42.46 -35.70
C HIS A 908 16.00 43.33 -36.37
N GLN A 909 15.74 43.74 -37.61
CA GLN A 909 16.74 44.40 -38.42
C GLN A 909 16.96 45.84 -37.99
N SER A 910 15.88 46.55 -37.66
CA SER A 910 15.95 47.99 -37.45
C SER A 910 16.77 48.44 -36.22
N PRO A 911 16.68 47.81 -35.01
CA PRO A 911 17.55 48.29 -33.93
C PRO A 911 18.96 47.74 -33.93
N LYS A 912 19.14 46.49 -34.36
CA LYS A 912 20.31 45.73 -33.94
C LYS A 912 21.32 45.52 -35.05
N GLN A 913 20.87 45.00 -36.19
CA GLN A 913 21.79 44.51 -37.20
C GLN A 913 22.52 45.66 -37.90
N ASP A 914 21.92 46.84 -37.91
CA ASP A 914 22.61 48.04 -38.39
C ASP A 914 23.13 48.86 -37.21
N HIS A 915 24.11 48.29 -36.51
CA HIS A 915 24.69 49.01 -35.37
C HIS A 915 26.11 48.52 -35.09
N LYS A 916 26.81 49.34 -34.30
CA LYS A 916 28.13 49.03 -33.72
C LYS A 916 28.05 48.95 -32.21
N ASN A 917 26.90 48.48 -31.70
CA ASN A 917 26.64 48.21 -30.27
C ASN A 917 26.75 49.47 -29.41
N LYS A 918 25.86 50.43 -29.69
CA LYS A 918 25.75 51.66 -28.91
C LYS A 918 24.30 51.87 -28.49
N ASN A 919 23.67 50.80 -28.00
CA ASN A 919 22.25 50.83 -27.68
C ASN A 919 22.00 49.94 -26.47
N ILE A 920 21.01 50.31 -25.67
CA ILE A 920 20.65 49.56 -24.47
C ILE A 920 19.22 49.09 -24.62
N TYR A 921 19.00 47.80 -24.36
CA TYR A 921 17.70 47.17 -24.47
C TYR A 921 17.25 46.73 -23.08
N TYR A 922 15.98 46.36 -22.98
CA TYR A 922 15.40 45.87 -21.74
C TYR A 922 15.48 44.35 -21.69
N PRO A 923 15.86 43.77 -20.55
CA PRO A 923 16.15 42.33 -20.52
C PRO A 923 14.94 41.42 -20.64
N HIS A 924 13.74 41.88 -20.34
CA HIS A 924 12.57 41.04 -20.53
C HIS A 924 11.50 41.81 -21.30
N TYR A 925 10.81 41.10 -22.17
CA TYR A 925 9.69 41.66 -22.92
C TYR A 925 8.47 40.78 -22.73
N PHE A 926 7.34 41.27 -23.23
CA PHE A 926 6.05 40.64 -23.05
C PHE A 926 5.45 40.25 -24.39
N LEU A 927 4.93 39.04 -24.45
CA LEU A 927 4.29 38.49 -25.64
C LEU A 927 2.78 38.57 -25.46
N ASP A 928 2.11 39.23 -26.39
CA ASP A 928 0.70 39.58 -26.26
C ASP A 928 -0.05 38.94 -27.42
N SER A 929 -0.66 37.79 -27.17
CA SER A 929 -1.57 37.17 -28.13
C SER A 929 -2.97 37.72 -27.94
N GLY A 930 -3.96 37.08 -28.55
CA GLY A 930 -5.32 37.57 -28.43
C GLY A 930 -6.00 37.12 -27.16
N SER A 931 -7.23 36.62 -27.28
CA SER A 931 -7.94 36.09 -26.13
C SER A 931 -8.63 34.76 -26.38
N LYS A 932 -8.79 34.31 -27.63
CA LYS A 932 -9.54 33.10 -27.89
C LYS A 932 -8.66 31.87 -27.73
N VAL A 933 -9.16 30.89 -26.96
CA VAL A 933 -8.51 29.62 -26.76
C VAL A 933 -9.43 28.52 -27.26
N TYR A 934 -8.89 27.58 -28.03
CA TYR A 934 -9.66 26.49 -28.57
C TYR A 934 -9.66 25.33 -27.57
N ARG A 935 -10.83 24.99 -27.05
CA ARG A 935 -10.98 23.96 -26.05
C ARG A 935 -11.67 22.75 -26.66
N GLU A 936 -11.08 21.57 -26.45
CA GLU A 936 -11.60 20.32 -26.98
C GLU A 936 -12.35 19.58 -25.90
N LYS A 937 -13.54 19.07 -26.24
CA LYS A 937 -14.37 18.35 -25.29
C LYS A 937 -14.30 16.84 -25.45
N ASP A 938 -13.73 16.35 -26.56
CA ASP A 938 -13.49 14.92 -26.74
C ASP A 938 -12.05 14.63 -26.32
N ILE A 939 -11.88 14.32 -25.04
CA ILE A 939 -10.55 14.15 -24.47
C ILE A 939 -10.02 12.76 -24.78
N ILE A 940 -8.75 12.70 -25.20
CA ILE A 940 -8.13 11.43 -25.54
C ILE A 940 -7.90 10.61 -24.28
N THR A 941 -8.40 9.39 -24.27
CA THR A 941 -8.42 8.55 -23.09
C THR A 941 -7.14 7.74 -22.95
N HIS A 942 -6.89 7.26 -21.73
CA HIS A 942 -5.71 6.48 -21.39
C HIS A 942 -6.00 5.00 -21.26
N GLU A 943 -7.11 4.52 -21.81
CA GLU A 943 -7.53 3.15 -21.55
C GLU A 943 -7.11 2.16 -22.62
N GLU A 944 -6.60 2.62 -23.76
CA GLU A 944 -6.13 1.71 -24.79
C GLU A 944 -5.10 2.43 -25.63
N PHE A 945 -4.40 1.65 -26.45
CA PHE A 945 -3.49 2.19 -27.46
C PHE A 945 -4.20 2.19 -28.80
N THR A 946 -4.58 3.37 -29.27
CA THR A 946 -5.36 3.48 -30.49
C THR A 946 -4.47 3.25 -31.70
N GLU A 947 -5.10 2.84 -32.81
CA GLU A 947 -4.36 2.50 -34.03
C GLU A 947 -3.97 3.75 -34.81
N GLU A 948 -4.87 4.73 -34.87
CA GLU A 948 -4.60 5.92 -35.67
C GLU A 948 -3.73 6.94 -34.96
N LEU A 949 -3.40 6.71 -33.69
CA LEU A 949 -2.56 7.64 -32.96
C LEU A 949 -1.14 7.08 -32.83
N LEU A 950 -0.22 7.92 -32.34
CA LEU A 950 1.19 7.61 -32.31
C LEU A 950 1.71 7.49 -30.88
N SER A 951 2.74 6.67 -30.70
CA SER A 951 3.37 6.46 -29.40
C SER A 951 4.83 6.08 -29.60
N GLY A 952 5.73 6.70 -28.84
CA GLY A 952 7.14 6.39 -29.01
C GLY A 952 8.03 7.21 -28.09
N LYS A 953 9.29 7.34 -28.50
CA LYS A 953 10.28 8.07 -27.71
C LYS A 953 11.20 8.88 -28.61
N ILE A 954 11.74 9.96 -28.06
CA ILE A 954 12.67 10.85 -28.74
C ILE A 954 13.93 10.93 -27.91
N ASN A 955 15.08 10.72 -28.56
CA ASN A 955 16.38 10.89 -27.95
C ASN A 955 16.95 12.23 -28.41
N CYS A 956 17.21 13.13 -27.45
CA CYS A 956 17.64 14.48 -27.74
C CYS A 956 18.89 14.84 -26.96
N LYS A 957 19.61 15.83 -27.47
CA LYS A 957 20.83 16.34 -26.87
C LYS A 957 20.68 17.82 -26.57
N LEU A 958 21.56 18.33 -25.73
CA LEU A 958 21.47 19.68 -25.20
C LEU A 958 22.85 20.30 -25.15
N GLU A 959 23.02 21.44 -25.82
CA GLU A 959 24.30 22.13 -25.87
C GLU A 959 24.16 23.53 -25.33
N THR A 960 25.14 23.95 -24.52
CA THR A 960 25.10 25.24 -23.87
C THR A 960 25.77 26.29 -24.75
N LEU A 961 25.04 27.36 -25.04
CA LEU A 961 25.60 28.50 -25.78
C LEU A 961 26.18 29.55 -24.86
N THR A 962 25.70 29.65 -23.64
CA THR A 962 26.09 30.63 -22.65
C THR A 962 26.21 29.80 -21.37
N PRO A 963 27.00 30.23 -20.36
CA PRO A 963 27.07 29.46 -19.11
C PRO A 963 25.74 29.23 -18.40
N LEU A 964 25.70 28.11 -17.68
CA LEU A 964 24.46 27.56 -17.12
C LEU A 964 24.61 27.33 -15.63
N ILE A 965 23.59 27.72 -14.87
CA ILE A 965 23.56 27.58 -13.42
C ILE A 965 22.30 26.82 -13.03
N ILE A 966 22.47 25.57 -12.61
CA ILE A 966 21.39 24.80 -11.99
C ILE A 966 21.81 24.46 -10.57
N PRO A 967 21.27 25.12 -9.56
CA PRO A 967 21.77 24.94 -8.20
C PRO A 967 21.24 23.68 -7.55
N ASP A 968 21.93 23.27 -6.49
CA ASP A 968 21.54 22.13 -5.66
C ASP A 968 21.15 22.68 -4.30
N THR A 969 19.87 22.91 -4.09
CA THR A 969 19.38 23.62 -2.91
C THR A 969 19.15 22.69 -1.71
N SER A 970 19.64 21.46 -1.78
CA SER A 970 19.58 20.59 -0.61
C SER A 970 20.58 21.03 0.45
N ASP A 971 21.70 21.60 0.03
CA ASP A 971 22.76 22.05 0.94
C ASP A 971 22.92 23.56 0.79
N GLU A 972 22.52 24.29 1.82
CA GLU A 972 22.62 25.74 1.80
C GLU A 972 24.05 26.22 1.94
N ASN A 973 24.92 25.43 2.59
CA ASN A 973 26.31 25.78 2.77
C ASN A 973 27.15 25.35 1.58
N GLY A 974 26.89 24.18 1.03
CA GLY A 974 27.44 23.77 -0.25
C GLY A 974 28.92 23.55 -0.26
N LEU A 975 29.64 24.49 -0.89
CA LEU A 975 31.09 24.40 -0.95
C LEU A 975 31.71 24.66 0.41
N LYS A 976 31.60 25.90 0.88
CA LYS A 976 32.28 26.40 2.07
C LYS A 976 31.68 27.76 2.41
N LEU A 977 32.48 28.60 3.05
CA LEU A 977 32.40 30.06 2.98
C LEU A 977 31.33 30.68 3.86
N GLN A 978 30.59 29.88 4.62
CA GLN A 978 29.70 30.49 5.58
C GLN A 978 30.36 30.68 6.94
N GLY A 979 31.58 30.18 7.10
CA GLY A 979 32.34 30.51 8.29
C GLY A 979 33.01 31.86 8.19
N ASN A 980 33.56 32.19 7.01
CA ASN A 980 34.22 33.48 6.83
C ASN A 980 33.21 34.61 6.69
N LYS A 981 32.21 34.45 5.83
CA LYS A 981 31.14 35.42 5.70
C LYS A 981 29.81 34.74 5.99
N PRO A 982 29.18 35.02 7.12
CA PRO A 982 27.95 34.31 7.49
C PRO A 982 26.72 34.94 6.85
N GLY A 983 25.72 34.09 6.63
CA GLY A 983 24.52 34.47 5.91
C GLY A 983 24.65 34.38 4.41
N HIS A 984 25.84 34.08 3.90
CA HIS A 984 26.06 33.97 2.46
C HIS A 984 25.63 32.59 1.99
N LYS A 985 24.78 32.57 0.98
CA LYS A 985 24.30 31.33 0.39
C LYS A 985 25.22 30.93 -0.75
N ASN A 986 25.73 29.71 -0.72
CA ASN A 986 26.55 29.18 -1.80
C ASN A 986 26.15 27.75 -2.09
N TYR A 987 26.11 27.40 -3.36
CA TYR A 987 25.57 26.14 -3.84
C TYR A 987 26.58 25.41 -4.72
N LYS A 988 26.22 24.18 -5.05
CA LYS A 988 26.91 23.38 -6.06
C LYS A 988 25.96 23.14 -7.23
N PHE A 989 26.46 22.46 -8.24
CA PHE A 989 25.61 22.03 -9.34
C PHE A 989 24.78 20.84 -8.90
N PHE A 990 23.73 20.54 -9.66
CA PHE A 990 22.86 19.44 -9.32
C PHE A 990 23.57 18.12 -9.59
N ASN A 991 23.60 17.25 -8.59
CA ASN A 991 24.31 15.99 -8.73
C ASN A 991 23.64 14.92 -7.88
N ILE A 992 23.50 13.73 -8.46
CA ILE A 992 23.10 12.53 -7.74
C ILE A 992 24.28 11.57 -7.80
N ASN A 993 24.86 11.29 -6.62
CA ASN A 993 26.02 10.40 -6.45
C ASN A 993 27.24 10.88 -7.25
N GLY A 994 27.42 12.19 -7.35
CA GLY A 994 28.58 12.74 -8.03
C GLY A 994 28.48 12.77 -9.53
N GLU A 995 27.28 12.70 -10.10
CA GLU A 995 27.07 12.75 -11.53
C GLU A 995 26.22 13.97 -11.84
N LEU A 996 26.72 14.85 -12.71
CA LEU A 996 26.04 16.10 -12.99
C LEU A 996 24.79 15.85 -13.83
N MET A 997 23.68 16.40 -13.38
CA MET A 997 22.38 16.14 -13.98
C MET A 997 21.56 17.42 -14.03
N ILE A 998 20.60 17.44 -14.95
CA ILE A 998 19.59 18.49 -15.03
C ILE A 998 18.25 17.83 -14.76
N PRO A 999 17.43 18.36 -13.86
CA PRO A 999 16.15 17.70 -13.54
C PRO A 999 15.15 17.83 -14.67
N GLY A 1000 14.30 16.82 -14.78
CA GLY A 1000 13.30 16.80 -15.84
C GLY A 1000 12.17 17.78 -15.63
N SER A 1001 12.00 18.27 -14.40
CA SER A 1001 10.96 19.24 -14.13
C SER A 1001 11.26 20.57 -14.80
N GLU A 1002 12.53 20.96 -14.86
CA GLU A 1002 12.90 22.22 -15.50
C GLU A 1002 12.73 22.15 -17.01
N LEU A 1003 13.12 21.03 -17.61
CA LEU A 1003 12.94 20.85 -19.05
C LEU A 1003 11.46 20.78 -19.41
N ARG A 1004 10.65 20.12 -18.56
CA ARG A 1004 9.22 20.05 -18.79
C ARG A 1004 8.57 21.43 -18.67
N GLY A 1005 8.98 22.23 -17.69
CA GLY A 1005 8.42 23.56 -17.54
C GLY A 1005 8.80 24.51 -18.66
N MET A 1006 10.06 24.41 -19.13
CA MET A 1006 10.52 25.23 -20.24
C MET A 1006 9.77 24.89 -21.53
N LEU A 1007 9.68 23.60 -21.85
CA LEU A 1007 8.96 23.19 -23.05
C LEU A 1007 7.47 23.43 -22.94
N ARG A 1008 6.92 23.38 -21.72
CA ARG A 1008 5.50 23.67 -21.54
C ARG A 1008 5.21 25.15 -21.77
N THR A 1009 6.09 26.04 -21.26
CA THR A 1009 5.90 27.47 -21.49
C THR A 1009 6.04 27.81 -22.97
N HIS A 1010 6.97 27.16 -23.66
CA HIS A 1010 7.12 27.38 -25.11
C HIS A 1010 5.90 26.85 -25.88
N PHE A 1011 5.41 25.66 -25.51
CA PHE A 1011 4.26 25.08 -26.21
C PHE A 1011 2.99 25.86 -25.94
N GLU A 1012 2.86 26.43 -24.74
CA GLU A 1012 1.70 27.25 -24.46
C GLU A 1012 1.76 28.60 -25.15
N ALA A 1013 2.95 29.17 -25.29
CA ALA A 1013 3.04 30.43 -26.02
C ALA A 1013 2.93 30.22 -27.52
N LEU A 1014 3.18 28.99 -28.01
CA LEU A 1014 3.11 28.73 -29.44
C LEU A 1014 1.68 28.52 -29.91
N THR A 1015 0.84 27.88 -29.09
CA THR A 1015 -0.48 27.42 -29.54
C THR A 1015 -1.64 28.23 -28.97
N LYS A 1016 -1.35 29.37 -28.32
CA LYS A 1016 -2.34 30.29 -27.75
C LYS A 1016 -3.28 29.61 -26.77
N SER A 1017 -2.70 29.06 -25.72
CA SER A 1017 -3.47 28.38 -24.71
C SER A 1017 -3.56 29.23 -23.44
N CYS A 1018 -4.07 28.64 -22.37
CA CYS A 1018 -4.41 29.37 -21.17
C CYS A 1018 -3.18 29.57 -20.28
N PHE A 1019 -3.31 30.50 -19.35
CA PHE A 1019 -2.29 30.74 -18.34
C PHE A 1019 -2.45 29.67 -17.27
N ALA A 1020 -1.58 28.66 -17.28
CA ALA A 1020 -1.80 27.48 -16.45
C ALA A 1020 -1.51 27.79 -14.98
N ILE A 1021 -0.40 28.44 -14.70
CA ILE A 1021 -0.02 28.81 -13.35
C ILE A 1021 -0.06 30.32 -13.27
N PHE A 1022 -1.00 30.84 -12.49
CA PHE A 1022 -1.26 32.28 -12.48
C PHE A 1022 -1.90 32.63 -11.14
N GLY A 1023 -1.20 33.41 -10.33
CA GLY A 1023 -1.71 33.81 -9.04
C GLY A 1023 -2.64 34.99 -9.15
N GLU A 1024 -3.92 34.80 -8.81
CA GLU A 1024 -4.96 35.77 -9.10
C GLU A 1024 -5.40 36.57 -7.88
N ASP A 1025 -4.80 36.33 -6.71
CA ASP A 1025 -5.20 37.07 -5.52
C ASP A 1025 -4.35 38.31 -5.28
N SER A 1026 -3.35 38.57 -6.11
CA SER A 1026 -2.49 39.72 -5.89
C SER A 1026 -3.20 41.01 -6.30
N THR A 1027 -2.94 42.08 -5.55
CA THR A 1027 -3.61 43.35 -5.75
C THR A 1027 -2.55 44.43 -5.96
N LEU A 1028 -2.91 45.46 -6.70
CA LEU A 1028 -1.97 46.49 -7.14
C LEU A 1028 -2.06 47.72 -6.24
N SER A 1029 -1.01 48.53 -6.30
CA SER A 1029 -0.96 49.82 -5.62
C SER A 1029 0.06 50.69 -6.34
N TRP A 1030 -0.24 51.97 -6.44
CA TRP A 1030 0.67 52.91 -7.09
C TRP A 1030 0.93 54.12 -6.19
N CYS A 1390 -4.51 52.98 -4.86
CA CYS A 1390 -5.47 51.89 -4.69
C CYS A 1390 -5.80 51.25 -6.02
N ALA A 1391 -6.37 50.05 -5.98
CA ALA A 1391 -6.71 49.30 -7.19
C ALA A 1391 -8.19 48.98 -7.21
N SER A 1392 -8.75 48.84 -8.41
CA SER A 1392 -10.16 48.55 -8.55
C SER A 1392 -10.48 47.11 -8.14
N LYS A 1393 -9.63 46.17 -8.52
CA LYS A 1393 -9.84 44.76 -8.23
C LYS A 1393 -8.49 44.05 -8.25
N THR A 1394 -8.54 42.73 -8.07
CA THR A 1394 -7.35 41.90 -8.17
C THR A 1394 -6.99 41.70 -9.64
N LEU A 1395 -5.78 41.19 -9.88
CA LEU A 1395 -5.36 41.02 -11.26
C LEU A 1395 -5.88 39.74 -11.89
N GLY A 1396 -6.62 38.92 -11.16
CA GLY A 1396 -7.41 37.89 -11.80
C GLY A 1396 -8.60 38.48 -12.52
N GLY A 1397 -9.11 39.61 -12.02
CA GLY A 1397 -10.17 40.32 -12.70
C GLY A 1397 -9.71 41.14 -13.89
N LYS A 1398 -8.40 41.42 -13.97
CA LYS A 1398 -7.84 42.13 -15.10
C LYS A 1398 -7.40 41.20 -16.22
N LEU A 1399 -7.64 39.90 -16.07
CA LEU A 1399 -7.41 38.93 -17.12
C LEU A 1399 -8.75 38.57 -17.76
N ASP A 1400 -8.71 38.24 -19.03
CA ASP A 1400 -9.91 37.77 -19.71
C ASP A 1400 -10.28 36.38 -19.19
N LYS A 1401 -11.56 36.04 -19.33
CA LYS A 1401 -12.07 34.79 -18.74
C LYS A 1401 -11.62 33.56 -19.52
N ALA A 1402 -11.13 33.73 -20.75
CA ALA A 1402 -10.73 32.58 -21.55
C ALA A 1402 -9.28 32.17 -21.30
N LEU A 1403 -8.45 33.07 -20.78
CA LEU A 1403 -7.08 32.76 -20.44
C LEU A 1403 -6.94 32.24 -19.02
N HIS A 1404 -8.04 32.07 -18.30
CA HIS A 1404 -8.03 31.51 -16.97
C HIS A 1404 -7.68 30.03 -17.02
N PRO A 1405 -7.13 29.46 -15.94
CA PRO A 1405 -6.78 28.04 -15.96
C PRO A 1405 -7.99 27.13 -16.08
N CYS A 1406 -7.76 25.97 -16.69
CA CYS A 1406 -8.83 25.01 -16.94
C CYS A 1406 -9.18 24.28 -15.66
N THR A 1407 -10.45 24.36 -15.26
CA THR A 1407 -10.95 23.64 -14.10
C THR A 1407 -12.07 22.72 -14.54
N GLY A 1408 -11.85 21.42 -14.42
CA GLY A 1408 -12.84 20.45 -14.81
C GLY A 1408 -12.75 20.09 -16.29
N LEU A 1409 -13.42 19.00 -16.64
CA LEU A 1409 -13.45 18.52 -18.01
C LEU A 1409 -14.76 18.82 -18.73
N SER A 1410 -15.66 19.59 -18.12
CA SER A 1410 -16.92 19.89 -18.76
C SER A 1410 -16.77 21.00 -19.80
N ASP A 1411 -16.05 22.06 -19.45
CA ASP A 1411 -15.83 23.16 -20.37
C ASP A 1411 -14.81 22.83 -21.45
N GLY A 1412 -13.98 21.81 -21.24
CA GLY A 1412 -13.00 21.40 -22.22
C GLY A 1412 -11.59 21.64 -21.72
N LEU A 1413 -10.63 21.32 -22.59
CA LEU A 1413 -9.23 21.50 -22.27
C LEU A 1413 -8.50 22.21 -23.41
N CYS A 1414 -7.62 23.13 -23.04
CA CYS A 1414 -6.75 23.81 -23.99
C CYS A 1414 -5.72 22.82 -24.55
N PRO A 1415 -5.00 23.18 -25.62
CA PRO A 1415 -3.95 22.28 -26.12
C PRO A 1415 -2.84 21.98 -25.13
N GLY A 1416 -2.41 22.96 -24.35
CA GLY A 1416 -1.37 22.72 -23.37
C GLY A 1416 -1.82 21.82 -22.24
N CYS A 1417 -3.08 21.96 -21.83
CA CYS A 1417 -3.63 21.08 -20.80
C CYS A 1417 -4.04 19.73 -21.35
N HIS A 1418 -4.20 19.61 -22.66
CA HIS A 1418 -4.49 18.32 -23.27
C HIS A 1418 -3.23 17.51 -23.50
N LEU A 1419 -2.10 18.17 -23.73
CA LEU A 1419 -0.86 17.43 -23.94
C LEU A 1419 -0.12 17.20 -22.63
N PHE A 1420 -0.07 18.21 -21.75
CA PHE A 1420 0.72 18.11 -20.54
C PHE A 1420 -0.08 17.74 -19.30
N GLY A 1421 -1.37 18.03 -19.26
CA GLY A 1421 -2.23 17.50 -18.23
C GLY A 1421 -2.73 18.55 -17.25
N THR A 1422 -3.72 18.14 -16.46
CA THR A 1422 -4.30 18.95 -15.40
C THR A 1422 -4.36 18.09 -14.14
N THR A 1423 -5.14 18.56 -13.17
CA THR A 1423 -5.35 17.78 -11.96
C THR A 1423 -6.20 16.55 -12.24
N ASP A 1424 -7.28 16.71 -13.02
CA ASP A 1424 -8.18 15.61 -13.32
C ASP A 1424 -7.90 14.98 -14.67
N TYR A 1425 -6.70 15.16 -15.20
CA TYR A 1425 -6.32 14.52 -16.46
C TYR A 1425 -4.81 14.36 -16.50
N LYS A 1426 -4.33 13.14 -16.62
CA LYS A 1426 -2.91 12.89 -16.73
C LYS A 1426 -2.37 13.30 -18.09
N GLY A 1427 -1.13 13.73 -18.12
CA GLY A 1427 -0.51 14.14 -19.36
C GLY A 1427 -0.09 12.98 -20.22
N ARG A 1428 0.25 13.30 -21.47
CA ARG A 1428 0.63 12.31 -22.44
C ARG A 1428 2.09 12.46 -22.88
N VAL A 1429 2.87 13.27 -22.19
CA VAL A 1429 4.29 13.43 -22.46
C VAL A 1429 5.05 13.23 -21.15
N LYS A 1430 6.21 12.58 -21.23
CA LYS A 1430 7.03 12.28 -20.07
C LYS A 1430 8.46 12.71 -20.34
N PHE A 1431 8.99 13.60 -19.50
CA PHE A 1431 10.35 14.09 -19.61
C PHE A 1431 11.23 13.40 -18.58
N GLY A 1432 12.49 13.15 -18.94
CA GLY A 1432 13.40 12.44 -18.09
C GLY A 1432 14.59 13.28 -17.64
N PHE A 1433 15.38 12.69 -16.75
CA PHE A 1433 16.57 13.37 -16.25
C PHE A 1433 17.67 13.36 -17.30
N ALA A 1434 18.34 14.49 -17.46
CA ALA A 1434 19.41 14.64 -18.43
C ALA A 1434 20.74 14.33 -17.77
N LYS A 1435 21.61 13.63 -18.48
CA LYS A 1435 22.91 13.25 -17.95
C LYS A 1435 24.02 13.91 -18.75
N TYR A 1436 25.14 14.16 -18.07
CA TYR A 1436 26.29 14.82 -18.68
C TYR A 1436 27.04 13.87 -19.58
N GLU A 1437 27.47 14.36 -20.76
CA GLU A 1437 28.18 13.49 -21.68
C GLU A 1437 29.62 13.91 -21.91
N ASN A 1438 29.85 15.12 -22.40
CA ASN A 1438 31.20 15.56 -22.71
C ASN A 1438 31.25 17.08 -22.82
N GLY A 1439 32.46 17.62 -22.78
CA GLY A 1439 32.67 19.03 -22.97
C GLY A 1439 33.56 19.63 -21.92
N PRO A 1440 33.96 20.89 -22.10
CA PRO A 1440 34.74 21.57 -21.08
C PRO A 1440 33.87 22.16 -19.98
N GLU A 1441 34.07 21.64 -18.77
CA GLU A 1441 33.26 22.03 -17.64
C GLU A 1441 34.03 23.01 -16.79
N TRP A 1442 33.33 23.64 -15.85
CA TRP A 1442 33.87 24.52 -14.82
C TRP A 1442 34.61 25.73 -15.39
N LEU A 1443 33.86 26.71 -15.89
CA LEU A 1443 34.37 28.04 -16.19
C LEU A 1443 35.23 28.58 -15.05
N ILE A 1444 36.49 28.88 -15.38
CA ILE A 1444 37.51 29.19 -14.38
C ILE A 1444 37.70 30.70 -14.32
N THR A 1445 37.53 31.27 -13.12
CA THR A 1445 37.82 32.66 -12.84
C THR A 1445 38.98 32.71 -11.85
N ARG A 1446 39.90 33.66 -12.06
CA ARG A 1446 41.18 33.62 -11.36
C ARG A 1446 41.04 34.06 -9.90
N GLY A 1447 40.48 35.23 -9.65
CA GLY A 1447 40.32 35.62 -8.26
C GLY A 1447 38.98 35.22 -7.71
N ASN A 1448 38.94 34.05 -7.06
CA ASN A 1448 37.75 33.45 -6.48
C ASN A 1448 38.21 32.28 -5.62
N ASN A 1449 37.51 32.04 -4.51
CA ASN A 1449 38.06 31.14 -3.50
C ASN A 1449 37.86 29.69 -3.97
N PRO A 1450 36.71 29.30 -4.57
CA PRO A 1450 36.79 28.18 -5.52
C PRO A 1450 36.96 28.70 -6.93
N GLU A 1451 37.73 28.02 -7.75
CA GLU A 1451 37.98 28.51 -9.11
C GLU A 1451 36.76 28.30 -9.98
N ARG A 1452 35.93 27.32 -9.66
CA ARG A 1452 34.76 26.94 -10.46
C ARG A 1452 33.53 27.67 -9.92
N SER A 1453 33.64 28.96 -9.70
CA SER A 1453 32.61 29.64 -8.93
C SER A 1453 32.44 31.06 -9.43
N LEU A 1454 31.32 31.67 -9.06
CA LEU A 1454 30.96 32.99 -9.55
C LEU A 1454 29.94 33.58 -8.58
N THR A 1455 30.12 34.84 -8.23
CA THR A 1455 29.23 35.55 -7.32
C THR A 1455 28.28 36.41 -8.16
N LEU A 1456 27.00 36.08 -8.10
CA LEU A 1456 26.02 36.76 -8.94
C LEU A 1456 25.65 38.12 -8.35
N GLY A 1457 24.89 38.87 -9.12
CA GLY A 1457 24.37 40.13 -8.64
C GLY A 1457 23.11 39.95 -7.85
N VAL A 1458 22.60 41.07 -7.33
CA VAL A 1458 21.41 41.03 -6.49
C VAL A 1458 20.18 40.95 -7.38
N LEU A 1459 19.28 40.04 -7.05
CA LEU A 1459 18.08 39.77 -7.85
C LEU A 1459 16.90 39.51 -6.94
N GLU A 1460 15.87 40.34 -7.05
CA GLU A 1460 14.67 40.22 -6.23
C GLU A 1460 13.42 40.35 -7.09
N SER A 1461 12.27 40.41 -6.39
CA SER A 1461 10.98 40.02 -6.94
C SER A 1461 10.53 40.92 -8.09
N PRO A 1462 9.78 40.37 -9.05
CA PRO A 1462 9.26 41.19 -10.15
C PRO A 1462 8.10 42.05 -9.69
N ARG A 1463 8.08 43.30 -10.13
CA ARG A 1463 7.02 44.22 -9.76
C ARG A 1463 6.05 44.35 -10.92
N PRO A 1464 4.79 43.93 -10.76
CA PRO A 1464 3.81 44.14 -11.84
C PRO A 1464 3.33 45.58 -11.98
N ALA A 1465 3.75 46.49 -11.11
CA ALA A 1465 3.30 47.88 -11.21
C ALA A 1465 3.95 48.61 -12.37
N PHE A 1466 5.11 48.15 -12.84
CA PHE A 1466 5.72 48.77 -14.00
C PHE A 1466 5.02 48.33 -15.28
N SER A 1467 4.50 47.12 -15.31
CA SER A 1467 3.88 46.59 -16.52
C SER A 1467 2.47 47.08 -16.70
N ILE A 1468 1.71 47.20 -15.61
CA ILE A 1468 0.37 47.79 -15.68
C ILE A 1468 0.22 48.91 -14.66
N PRO A 1469 0.58 50.13 -15.02
CA PRO A 1469 0.11 51.30 -14.28
C PRO A 1469 -1.27 51.67 -14.79
N ASP A 1470 -1.84 52.74 -14.21
CA ASP A 1470 -2.96 53.46 -14.80
C ASP A 1470 -4.19 52.59 -15.00
N ASP A 1471 -4.94 52.34 -13.92
CA ASP A 1471 -5.92 51.27 -13.66
C ASP A 1471 -6.69 50.75 -14.88
N GLU A 1472 -6.99 51.62 -15.83
CA GLU A 1472 -7.54 51.20 -17.12
C GLU A 1472 -6.48 50.57 -18.06
N SER A 1473 -5.79 49.54 -17.57
CA SER A 1473 -4.79 48.84 -18.37
C SER A 1473 -4.87 47.36 -18.06
N GLU A 1474 -4.48 46.54 -19.03
CA GLU A 1474 -4.70 45.10 -18.98
C GLU A 1474 -3.37 44.37 -19.04
N ILE A 1475 -3.38 43.13 -18.55
CA ILE A 1475 -2.19 42.28 -18.41
C ILE A 1475 -1.59 41.97 -19.77
N PRO A 1476 -0.33 42.36 -20.00
CA PRO A 1476 0.25 42.27 -21.35
C PRO A 1476 0.88 40.93 -21.69
N GLY A 1477 0.20 39.84 -21.35
CA GLY A 1477 0.65 38.55 -21.82
C GLY A 1477 1.85 38.00 -21.07
N ARG A 1478 2.51 37.05 -21.74
CA ARG A 1478 3.58 36.26 -21.12
C ARG A 1478 4.89 37.03 -21.10
N LYS A 1479 5.84 36.53 -20.32
CA LYS A 1479 7.11 37.19 -20.09
C LYS A 1479 8.24 36.32 -20.61
N PHE A 1480 9.11 36.91 -21.43
CA PHE A 1480 10.25 36.19 -21.99
C PHE A 1480 11.51 37.03 -21.85
N TYR A 1481 12.64 36.35 -21.81
CA TYR A 1481 13.94 36.96 -21.59
C TYR A 1481 14.77 36.91 -22.86
N LEU A 1482 15.80 37.74 -22.89
CA LEU A 1482 16.60 37.97 -24.08
C LEU A 1482 17.95 37.28 -23.98
N HIS A 1483 18.52 36.96 -25.15
CA HIS A 1483 19.81 36.29 -25.22
C HIS A 1483 20.91 37.32 -25.39
N HIS A 1484 21.83 37.37 -24.44
CA HIS A 1484 22.96 38.28 -24.53
C HIS A 1484 24.12 37.73 -23.72
N ASN A 1485 25.30 38.25 -24.00
CA ASN A 1485 26.52 37.88 -23.28
C ASN A 1485 26.80 38.88 -22.16
N GLY A 1486 25.84 39.03 -21.28
CA GLY A 1486 25.96 39.92 -20.14
C GLY A 1486 26.66 39.34 -18.94
N TRP A 1487 27.09 38.08 -19.02
CA TRP A 1487 27.82 37.47 -17.93
C TRP A 1487 29.28 37.91 -17.90
N ARG A 1488 29.78 38.45 -19.00
CA ARG A 1488 31.17 38.89 -19.03
C ARG A 1488 31.36 40.19 -18.27
N ILE A 1489 30.28 40.94 -18.06
CA ILE A 1489 30.34 42.09 -17.15
C ILE A 1489 30.40 41.59 -15.71
N ILE A 1490 29.64 40.54 -15.39
CA ILE A 1490 29.61 39.99 -14.04
C ILE A 1490 30.94 39.33 -13.68
N ARG A 1491 31.61 38.71 -14.66
CA ARG A 1491 32.88 38.03 -14.40
C ARG A 1491 34.00 39.00 -14.10
N GLN A 1492 34.14 40.05 -14.90
CA GLN A 1492 35.25 40.99 -14.76
C GLN A 1492 35.11 41.89 -13.54
N LYS A 1493 33.91 42.01 -13.00
CA LYS A 1493 33.67 42.85 -11.83
C LYS A 1493 33.40 42.04 -10.57
N GLN A 1494 34.10 40.93 -10.38
CA GLN A 1494 33.85 40.08 -9.23
C GLN A 1494 34.30 40.73 -7.93
N LEU A 1495 35.40 41.49 -7.99
CA LEU A 1495 35.90 42.17 -6.80
C LEU A 1495 34.97 43.30 -6.38
N GLU A 1496 34.33 43.97 -7.35
CA GLU A 1496 33.41 45.05 -7.02
C GLU A 1496 32.06 44.53 -6.54
N ILE A 1497 31.80 43.23 -6.72
CA ILE A 1497 30.56 42.65 -6.18
C ILE A 1497 30.81 42.05 -4.80
N ARG A 1498 32.00 41.45 -4.59
CA ARG A 1498 32.26 40.80 -3.31
C ARG A 1498 32.41 41.81 -2.18
N GLU A 1499 32.87 43.01 -2.47
CA GLU A 1499 32.67 44.12 -1.55
C GLU A 1499 31.59 45.04 -2.08
N THR A 1500 31.18 46.00 -1.23
CA THR A 1500 30.16 47.02 -1.50
C THR A 1500 28.78 46.45 -1.86
N VAL A 1501 28.57 45.18 -1.52
CA VAL A 1501 27.27 44.51 -1.52
C VAL A 1501 27.22 43.68 -0.24
N GLN A 1502 26.08 43.64 0.42
CA GLN A 1502 25.95 42.85 1.64
C GLN A 1502 26.01 41.36 1.30
N PRO A 1503 26.63 40.54 2.16
CA PRO A 1503 26.72 39.11 1.86
C PRO A 1503 25.40 38.36 2.00
N GLU A 1504 24.37 38.98 2.59
CA GLU A 1504 23.09 38.29 2.72
C GLU A 1504 22.20 38.49 1.51
N ARG A 1505 22.61 39.31 0.54
CA ARG A 1505 21.78 39.59 -0.61
C ARG A 1505 22.11 38.69 -1.79
N ASN A 1506 23.39 38.52 -2.09
CA ASN A 1506 23.81 37.80 -3.27
C ASN A 1506 24.08 36.34 -2.96
N VAL A 1507 24.36 35.55 -4.01
CA VAL A 1507 24.52 34.11 -3.91
C VAL A 1507 25.77 33.73 -4.71
N THR A 1508 26.45 32.67 -4.26
CA THR A 1508 27.62 32.13 -4.94
C THR A 1508 27.33 30.71 -5.39
N THR A 1509 27.63 30.41 -6.66
CA THR A 1509 27.25 29.13 -7.24
C THR A 1509 28.36 28.64 -8.15
N GLU A 1510 28.33 27.35 -8.46
CA GLU A 1510 29.18 26.77 -9.49
C GLU A 1510 28.55 26.98 -10.85
N VAL A 1511 29.40 27.21 -11.85
CA VAL A 1511 28.96 27.46 -13.21
C VAL A 1511 29.60 26.44 -14.15
N MET A 1512 28.90 26.16 -15.25
CA MET A 1512 29.40 25.32 -16.32
C MET A 1512 29.66 26.18 -17.55
N ASP A 1513 30.71 25.84 -18.27
CA ASP A 1513 31.14 26.67 -19.39
C ASP A 1513 30.29 26.34 -20.62
N LYS A 1514 30.48 27.11 -21.69
CA LYS A 1514 29.77 26.85 -22.93
C LYS A 1514 30.43 25.70 -23.68
N GLY A 1515 29.61 24.91 -24.36
CA GLY A 1515 30.07 23.78 -25.12
C GLY A 1515 29.84 22.44 -24.50
N ASN A 1516 29.17 22.37 -23.36
CA ASN A 1516 28.89 21.10 -22.72
C ASN A 1516 27.65 20.45 -23.33
N VAL A 1517 27.65 19.12 -23.36
CA VAL A 1517 26.58 18.35 -23.98
C VAL A 1517 25.91 17.48 -22.92
N PHE A 1518 24.59 17.57 -22.86
CA PHE A 1518 23.74 16.77 -22.00
C PHE A 1518 22.83 15.92 -22.88
N SER A 1519 22.31 14.83 -22.33
CA SER A 1519 21.49 13.91 -23.09
C SER A 1519 20.23 13.56 -22.32
N PHE A 1520 19.08 13.57 -23.00
CA PHE A 1520 17.83 13.22 -22.33
C PHE A 1520 16.85 12.61 -23.33
N ASP A 1521 15.77 12.04 -22.79
CA ASP A 1521 14.76 11.31 -23.53
C ASP A 1521 13.38 11.87 -23.22
N VAL A 1522 12.49 11.84 -24.21
CA VAL A 1522 11.09 12.24 -24.06
C VAL A 1522 10.22 11.10 -24.55
N ARG A 1523 9.29 10.63 -23.70
CA ARG A 1523 8.35 9.59 -24.10
C ARG A 1523 6.97 10.17 -24.33
N PHE A 1524 6.20 9.52 -25.19
CA PHE A 1524 4.86 9.99 -25.47
C PHE A 1524 3.98 8.82 -25.88
N GLU A 1525 2.71 8.89 -25.53
CA GLU A 1525 1.73 7.89 -25.94
C GLU A 1525 0.41 8.58 -26.27
N ASN A 1526 -0.28 8.02 -27.26
CA ASN A 1526 -1.58 8.49 -27.76
C ASN A 1526 -1.53 9.95 -28.19
N LEU A 1527 -0.58 10.27 -29.06
CA LEU A 1527 -0.48 11.60 -29.64
C LEU A 1527 -0.98 11.57 -31.08
N ARG A 1528 -1.60 12.66 -31.50
CA ARG A 1528 -1.96 12.82 -32.89
C ARG A 1528 -0.75 13.29 -33.70
N GLU A 1529 -0.96 13.48 -35.00
CA GLU A 1529 0.16 13.79 -35.87
C GLU A 1529 0.60 15.25 -35.73
N TRP A 1530 -0.36 16.16 -35.60
CA TRP A 1530 -0.02 17.57 -35.47
C TRP A 1530 0.54 17.89 -34.09
N GLU A 1531 0.16 17.13 -33.06
CA GLU A 1531 0.75 17.32 -31.74
C GLU A 1531 2.21 16.90 -31.72
N LEU A 1532 2.55 15.80 -32.39
CA LEU A 1532 3.95 15.38 -32.49
C LEU A 1532 4.75 16.34 -33.35
N GLY A 1533 4.13 16.89 -34.40
CA GLY A 1533 4.81 17.90 -35.20
C GLY A 1533 5.09 19.18 -34.42
N LEU A 1534 4.12 19.64 -33.65
CA LEU A 1534 4.34 20.83 -32.83
C LEU A 1534 5.31 20.58 -31.69
N LEU A 1535 5.38 19.35 -31.18
CA LEU A 1535 6.36 19.04 -30.16
C LEU A 1535 7.78 19.00 -30.73
N LEU A 1536 7.95 18.41 -31.91
CA LEU A 1536 9.26 18.41 -32.56
C LEU A 1536 9.66 19.80 -33.03
N GLN A 1537 8.68 20.68 -33.25
CA GLN A 1537 9.02 22.07 -33.56
C GLN A 1537 9.36 22.85 -32.30
N SER A 1538 8.71 22.53 -31.18
CA SER A 1538 9.02 23.22 -29.93
C SER A 1538 10.35 22.76 -29.34
N LEU A 1539 10.81 21.57 -29.71
CA LEU A 1539 12.11 21.12 -29.22
C LEU A 1539 13.24 21.81 -29.98
N ASP A 1540 13.24 21.69 -31.30
CA ASP A 1540 14.28 22.29 -32.15
C ASP A 1540 13.60 23.22 -33.15
N PRO A 1541 13.42 24.51 -32.80
CA PRO A 1541 12.70 25.41 -33.69
C PRO A 1541 13.50 25.96 -34.86
N GLY A 1542 14.76 25.60 -35.00
CA GLY A 1542 15.54 25.95 -36.16
C GLY A 1542 16.90 26.48 -35.77
N LYS A 1543 17.66 26.88 -36.78
CA LYS A 1543 18.91 27.59 -36.55
C LYS A 1543 18.60 28.98 -36.01
N ASN A 1544 19.58 29.55 -35.31
CA ASN A 1544 19.56 30.83 -34.59
C ASN A 1544 18.31 31.10 -33.75
N ILE A 1545 17.67 30.05 -33.26
CA ILE A 1545 16.59 30.13 -32.28
C ILE A 1545 16.89 29.12 -31.17
N ALA A 1546 16.93 29.60 -29.92
CA ALA A 1546 17.31 28.74 -28.80
C ALA A 1546 16.38 29.01 -27.62
N HIS A 1547 16.65 28.34 -26.52
CA HIS A 1547 15.83 28.36 -25.32
C HIS A 1547 16.57 29.04 -24.17
N LYS A 1548 15.92 29.06 -23.00
CA LYS A 1548 16.49 29.69 -21.82
C LYS A 1548 16.17 28.84 -20.60
N LEU A 1549 17.19 28.53 -19.80
CA LEU A 1549 17.05 27.58 -18.71
C LEU A 1549 17.95 27.97 -17.55
N GLY A 1550 17.41 27.93 -16.34
CA GLY A 1550 18.21 28.00 -15.14
C GLY A 1550 18.15 29.34 -14.44
N LYS A 1551 19.18 29.60 -13.65
CA LYS A 1551 19.29 30.80 -12.84
C LYS A 1551 20.05 31.87 -13.56
N GLY A 1552 19.71 33.13 -13.27
CA GLY A 1552 20.44 34.25 -13.82
C GLY A 1552 20.09 34.59 -15.25
N LYS A 1553 18.85 34.36 -15.66
CA LYS A 1553 18.38 34.66 -17.00
C LYS A 1553 18.39 36.15 -17.38
N PRO A 1554 18.12 37.11 -16.47
CA PRO A 1554 18.37 38.50 -16.88
C PRO A 1554 19.81 38.86 -17.10
N TYR A 1555 20.74 38.23 -16.37
CA TYR A 1555 22.15 38.52 -16.53
C TYR A 1555 22.78 37.78 -17.69
N GLY A 1556 22.00 37.05 -18.46
CA GLY A 1556 22.47 36.39 -19.64
C GLY A 1556 22.68 34.90 -19.53
N PHE A 1557 22.60 34.33 -18.32
CA PHE A 1557 22.98 32.94 -18.09
C PHE A 1557 21.92 31.99 -18.61
N GLY A 1558 22.39 30.86 -19.16
CA GLY A 1558 21.50 29.77 -19.46
C GLY A 1558 20.85 29.81 -20.82
N SER A 1559 21.64 29.84 -21.88
CA SER A 1559 21.12 29.73 -23.24
C SER A 1559 21.49 28.36 -23.78
N VAL A 1560 20.47 27.54 -24.06
CA VAL A 1560 20.68 26.15 -24.45
C VAL A 1560 20.01 25.90 -25.80
N LYS A 1561 20.55 24.96 -26.56
CA LYS A 1561 20.02 24.56 -27.85
C LYS A 1561 19.81 23.05 -27.86
N ILE A 1562 18.61 22.62 -28.23
CA ILE A 1562 18.25 21.21 -28.21
C ILE A 1562 18.24 20.70 -29.65
N LYS A 1563 18.95 19.59 -29.88
CA LYS A 1563 19.03 18.96 -31.18
C LYS A 1563 18.48 17.54 -31.07
N ILE A 1564 17.60 17.19 -31.99
CA ILE A 1564 16.94 15.89 -31.97
C ILE A 1564 17.85 14.86 -32.64
N ASP A 1565 18.15 13.78 -31.92
CA ASP A 1565 19.05 12.75 -32.40
C ASP A 1565 18.31 11.55 -32.97
N SER A 1566 17.22 11.12 -32.33
CA SER A 1566 16.50 9.96 -32.85
C SER A 1566 15.03 10.03 -32.47
N LEU A 1567 14.18 9.44 -33.31
CA LEU A 1567 12.76 9.27 -33.02
C LEU A 1567 12.37 7.82 -33.28
N HIS A 1568 11.66 7.21 -32.33
CA HIS A 1568 11.18 5.85 -32.46
C HIS A 1568 9.68 5.82 -32.19
N THR A 1569 8.95 5.03 -32.97
CA THR A 1569 7.51 4.86 -32.83
C THR A 1569 7.21 3.37 -32.79
N PHE A 1570 6.26 2.98 -31.94
CA PHE A 1570 5.88 1.57 -31.84
C PHE A 1570 4.37 1.44 -31.92
N LYS A 1571 3.92 0.27 -32.37
CA LYS A 1571 2.50 -0.05 -32.52
C LYS A 1571 2.26 -1.41 -31.87
N ILE A 1572 1.45 -1.43 -30.81
CA ILE A 1572 1.27 -2.67 -30.05
C ILE A 1572 0.14 -3.49 -30.63
N ASN A 1573 -0.76 -2.87 -31.40
CA ASN A 1573 -1.92 -3.59 -31.92
C ASN A 1573 -1.53 -4.56 -33.02
N SER A 1574 -0.46 -4.24 -33.75
CA SER A 1574 0.16 -5.22 -34.64
C SER A 1574 0.88 -6.27 -33.79
N ASN A 1575 0.74 -7.54 -34.20
CA ASN A 1575 1.19 -8.64 -33.36
C ASN A 1575 2.71 -8.79 -33.36
N ASN A 1576 3.33 -8.64 -34.53
CA ASN A 1576 4.76 -8.89 -34.67
C ASN A 1576 5.58 -7.62 -34.81
N ASP A 1577 4.95 -6.46 -34.95
CA ASP A 1577 5.70 -5.25 -35.21
C ASP A 1577 6.34 -4.72 -33.92
N LYS A 1578 7.34 -3.87 -34.10
CA LYS A 1578 8.19 -3.40 -33.01
C LYS A 1578 8.54 -1.94 -33.26
N ILE A 1579 9.56 -1.46 -32.54
CA ILE A 1579 10.03 -0.09 -32.66
C ILE A 1579 10.65 0.16 -34.03
N LYS A 1580 10.64 1.42 -34.45
CA LYS A 1580 11.09 1.78 -35.80
C LYS A 1580 12.15 2.88 -35.70
N ARG A 1581 12.47 3.49 -36.83
CA ARG A 1581 13.48 4.53 -36.93
C ARG A 1581 12.93 5.86 -37.42
N VAL A 1582 11.84 5.87 -38.18
CA VAL A 1582 11.09 7.06 -38.62
C VAL A 1582 11.97 8.06 -39.36
N PRO A 1583 12.25 7.87 -40.65
CA PRO A 1583 13.18 8.75 -41.37
C PRO A 1583 12.65 10.17 -41.53
N GLN A 1584 13.49 11.02 -42.13
CA GLN A 1584 13.28 12.47 -42.07
C GLN A 1584 12.08 12.95 -42.89
N SER A 1585 11.63 12.16 -43.88
CA SER A 1585 10.46 12.56 -44.66
C SER A 1585 9.20 12.52 -43.83
N ASP A 1586 9.06 11.50 -42.98
CA ASP A 1586 7.87 11.37 -42.14
C ASP A 1586 7.80 12.47 -41.09
N ILE A 1587 8.95 12.87 -40.53
CA ILE A 1587 8.91 13.90 -39.50
C ILE A 1587 8.76 15.27 -40.14
N ARG A 1588 9.20 15.44 -41.39
CA ARG A 1588 8.88 16.66 -42.12
C ARG A 1588 7.38 16.75 -42.40
N GLU A 1589 6.75 15.60 -42.68
CA GLU A 1589 5.31 15.56 -42.86
C GLU A 1589 4.58 15.90 -41.56
N TYR A 1590 5.14 15.46 -40.42
CA TYR A 1590 4.54 15.80 -39.13
C TYR A 1590 4.64 17.29 -38.83
N ILE A 1591 5.79 17.90 -39.14
CA ILE A 1591 5.99 19.33 -38.96
C ILE A 1591 5.00 20.11 -39.83
N ASN A 1592 4.82 19.67 -41.07
CA ASN A 1592 3.87 20.34 -41.97
C ASN A 1592 2.43 20.16 -41.50
N LYS A 1593 2.10 19.01 -40.91
CA LYS A 1593 0.75 18.78 -40.41
C LYS A 1593 0.47 19.64 -39.17
N GLY A 1594 1.50 19.94 -38.39
CA GLY A 1594 1.32 20.89 -37.29
C GLY A 1594 1.15 22.32 -37.78
N TYR A 1595 1.93 22.70 -38.80
CA TYR A 1595 1.84 24.05 -39.35
C TYR A 1595 0.46 24.31 -39.99
N GLN A 1596 -0.09 23.29 -40.65
CA GLN A 1596 -1.43 23.44 -41.23
C GLN A 1596 -2.49 23.60 -40.14
N LYS A 1597 -2.30 22.96 -38.99
CA LYS A 1597 -3.24 23.11 -37.89
C LYS A 1597 -3.17 24.50 -37.28
N LEU A 1598 -1.97 25.08 -37.20
CA LEU A 1598 -1.86 26.45 -36.71
C LEU A 1598 -2.50 27.44 -37.69
N ILE A 1599 -2.33 27.20 -38.99
CA ILE A 1599 -2.99 28.05 -40.00
C ILE A 1599 -4.50 27.92 -39.90
N GLU A 1600 -5.01 26.71 -39.66
CA GLU A 1600 -6.46 26.51 -39.51
C GLU A 1600 -7.00 27.14 -38.25
N TRP A 1601 -6.20 27.17 -37.17
CA TRP A 1601 -6.65 27.88 -35.97
C TRP A 1601 -6.60 29.38 -36.14
N SER A 1602 -5.72 29.89 -36.99
CA SER A 1602 -5.61 31.33 -37.19
C SER A 1602 -6.85 31.92 -37.85
N GLY A 1603 -7.36 31.26 -38.88
CA GLY A 1603 -8.53 31.73 -39.60
C GLY A 1603 -8.23 32.29 -40.98
N ASN A 1604 -6.99 32.73 -41.21
CA ASN A 1604 -6.60 33.31 -42.50
C ASN A 1604 -6.24 32.17 -43.46
N ASN A 1605 -7.22 31.75 -44.25
CA ASN A 1605 -7.05 30.68 -45.20
C ASN A 1605 -6.57 31.14 -46.57
N SER A 1606 -6.01 32.35 -46.67
CA SER A 1606 -5.50 32.85 -47.94
C SER A 1606 -4.15 32.24 -48.30
N ILE A 1607 -3.41 31.71 -47.32
CA ILE A 1607 -2.15 31.04 -47.60
C ILE A 1607 -2.43 29.69 -48.24
N GLN A 1608 -1.72 29.39 -49.32
CA GLN A 1608 -1.99 28.20 -50.11
C GLN A 1608 -1.46 26.95 -49.41
N LYS A 1609 -1.82 25.79 -49.96
CA LYS A 1609 -1.37 24.50 -49.46
C LYS A 1609 -0.40 23.88 -50.46
N GLY A 1610 0.59 23.16 -49.95
CA GLY A 1610 1.57 22.53 -50.80
C GLY A 1610 2.72 21.99 -50.00
N ASN A 1611 3.67 21.39 -50.72
CA ASN A 1611 4.84 20.76 -50.11
C ASN A 1611 6.04 21.71 -50.08
N VAL A 1612 5.83 22.85 -49.42
CA VAL A 1612 6.88 23.85 -49.25
C VAL A 1612 7.41 23.74 -47.83
N LEU A 1613 8.67 24.13 -47.66
CA LEU A 1613 9.23 24.26 -46.31
C LEU A 1613 8.58 25.47 -45.64
N PRO A 1614 8.02 25.31 -44.44
CA PRO A 1614 7.12 26.33 -43.92
C PRO A 1614 7.84 27.54 -43.37
N GLN A 1615 7.34 28.71 -43.75
CA GLN A 1615 7.79 29.98 -43.20
C GLN A 1615 6.94 30.28 -41.98
N TRP A 1616 7.53 30.16 -40.79
CA TRP A 1616 6.75 30.27 -39.56
C TRP A 1616 6.40 31.69 -39.20
N HIS A 1617 7.04 32.68 -39.82
CA HIS A 1617 6.81 34.07 -39.45
C HIS A 1617 5.64 34.72 -40.18
N VAL A 1618 4.81 33.95 -40.89
CA VAL A 1618 3.62 34.54 -41.49
C VAL A 1618 2.53 34.72 -40.45
N ILE A 1619 2.51 33.87 -39.43
CA ILE A 1619 1.61 34.09 -38.29
C ILE A 1619 2.25 35.12 -37.35
N PRO A 1620 1.50 36.11 -36.84
CA PRO A 1620 2.13 37.20 -36.08
C PRO A 1620 2.73 36.82 -34.74
N HIS A 1621 2.02 36.01 -33.95
CA HIS A 1621 2.52 35.71 -32.61
C HIS A 1621 3.69 34.75 -32.64
N ILE A 1622 3.77 33.89 -33.67
CA ILE A 1622 4.95 33.06 -33.85
C ILE A 1622 6.15 33.92 -34.24
N ASP A 1623 5.91 35.00 -34.99
CA ASP A 1623 6.97 35.92 -35.35
C ASP A 1623 7.49 36.67 -34.14
N LYS A 1624 6.59 37.11 -33.25
CA LYS A 1624 7.01 37.77 -32.02
C LYS A 1624 7.75 36.81 -31.10
N LEU A 1625 7.29 35.55 -31.03
CA LEU A 1625 7.95 34.55 -30.19
C LEU A 1625 9.35 34.23 -30.70
N TYR A 1626 9.51 34.14 -32.00
CA TYR A 1626 10.82 33.80 -32.53
C TYR A 1626 11.73 35.02 -32.66
N LYS A 1627 11.17 36.22 -32.52
CA LYS A 1627 12.02 37.39 -32.31
C LYS A 1627 12.47 37.48 -30.86
N LEU A 1628 11.66 36.99 -29.93
CA LEU A 1628 12.07 36.98 -28.53
C LEU A 1628 13.17 35.96 -28.25
N LEU A 1629 13.23 34.89 -29.03
CA LEU A 1629 14.16 33.80 -28.79
C LEU A 1629 15.24 33.69 -29.85
N TRP A 1630 15.67 34.83 -30.39
CA TRP A 1630 16.66 34.85 -31.46
C TRP A 1630 18.04 35.08 -30.87
N VAL A 1631 19.00 34.24 -31.25
CA VAL A 1631 20.37 34.31 -30.75
C VAL A 1631 21.16 35.19 -31.71
N PRO A 1632 21.69 36.32 -31.25
CA PRO A 1632 22.32 37.28 -32.18
C PRO A 1632 23.77 36.99 -32.50
N PHE A 1633 24.45 36.12 -31.74
CA PHE A 1633 25.89 36.00 -31.79
C PHE A 1633 26.34 34.61 -32.24
N LEU A 1634 25.51 33.90 -33.01
CA LEU A 1634 25.74 32.46 -33.15
C LEU A 1634 26.79 32.09 -34.18
N ASN A 1635 26.55 32.38 -35.45
CA ASN A 1635 27.44 31.93 -36.52
C ASN A 1635 28.33 33.08 -37.01
N ASP A 1636 29.25 33.48 -36.12
CA ASP A 1636 30.31 34.48 -36.28
C ASP A 1636 29.82 35.84 -36.78
N SER A 1637 28.54 36.16 -36.65
CA SER A 1637 28.06 37.49 -36.98
C SER A 1637 28.55 38.47 -35.92
N LYS A 1638 29.34 39.46 -36.35
CA LYS A 1638 30.09 40.31 -35.44
C LYS A 1638 29.16 41.37 -34.85
N LEU A 1639 28.34 40.93 -33.89
CA LEU A 1639 27.51 41.86 -33.12
C LEU A 1639 27.25 41.26 -31.75
N GLU A 1640 27.29 42.12 -30.74
CA GLU A 1640 26.94 41.73 -29.39
C GLU A 1640 26.16 42.87 -28.74
N PRO A 1641 24.90 42.65 -28.41
CA PRO A 1641 24.09 43.73 -27.83
C PRO A 1641 24.44 44.00 -26.37
N ASP A 1642 23.92 45.09 -25.84
CA ASP A 1642 24.20 45.53 -24.48
C ASP A 1642 22.88 45.64 -23.74
N VAL A 1643 22.51 44.58 -23.01
CA VAL A 1643 21.20 44.47 -22.40
C VAL A 1643 21.38 44.51 -20.89
N ARG A 1644 20.71 45.47 -20.24
CA ARG A 1644 20.82 45.65 -18.80
C ARG A 1644 19.63 46.44 -18.29
N TYR A 1645 19.47 46.44 -16.96
CA TYR A 1645 18.41 47.17 -16.29
C TYR A 1645 18.83 48.63 -16.04
N PRO A 1646 17.87 49.52 -15.79
CA PRO A 1646 18.22 50.87 -15.35
C PRO A 1646 18.72 50.93 -13.91
N VAL A 1647 19.00 52.13 -13.40
CA VAL A 1647 19.86 52.27 -12.24
C VAL A 1647 19.24 53.02 -11.07
N LEU A 1648 17.98 53.45 -11.17
CA LEU A 1648 17.20 54.01 -10.05
C LEU A 1648 17.80 55.24 -9.39
N ASN A 1649 17.64 56.43 -10.01
CA ASN A 1649 17.86 57.71 -9.34
C ASN A 1649 19.32 57.96 -8.96
N GLU A 1650 20.09 58.44 -9.94
CA GLU A 1650 21.54 58.66 -9.93
C GLU A 1650 22.11 59.25 -8.66
N GLU A 1651 23.42 59.02 -8.47
CA GLU A 1651 24.09 58.72 -7.19
C GLU A 1651 23.61 57.35 -6.71
N SER A 1652 23.74 56.38 -7.62
CA SER A 1652 23.59 54.97 -7.34
C SER A 1652 24.72 54.26 -8.05
N LYS A 1653 25.03 53.05 -7.59
CA LYS A 1653 26.24 52.38 -8.03
C LYS A 1653 26.10 51.86 -9.47
N GLY A 1654 27.18 52.00 -10.23
CA GLY A 1654 27.22 51.50 -11.59
C GLY A 1654 26.38 52.31 -12.56
N TYR A 1655 26.68 53.61 -12.68
CA TYR A 1655 25.92 54.51 -13.52
C TYR A 1655 26.87 55.23 -14.47
N ILE A 1656 26.48 55.27 -15.74
CA ILE A 1656 27.32 55.90 -16.77
C ILE A 1656 27.19 57.42 -16.63
N GLU A 1657 28.14 58.14 -17.25
CA GLU A 1657 28.26 59.58 -17.02
C GLU A 1657 27.09 60.36 -17.61
N GLY A 1658 26.78 60.14 -18.87
CA GLY A 1658 25.73 60.93 -19.51
C GLY A 1658 24.66 60.10 -20.18
N SER A 1659 24.37 58.92 -19.62
CA SER A 1659 23.49 57.97 -20.29
C SER A 1659 22.02 58.38 -20.17
N ASP A 1660 21.63 58.93 -19.01
CA ASP A 1660 20.25 59.24 -18.64
C ASP A 1660 19.35 58.01 -18.76
N TYR A 1661 19.83 56.90 -18.18
CA TYR A 1661 19.12 55.64 -18.15
C TYR A 1661 18.62 55.31 -16.74
N THR A 1662 18.01 56.27 -16.07
CA THR A 1662 17.49 56.04 -14.74
C THR A 1662 16.01 55.67 -14.79
N TYR A 1663 15.51 55.15 -13.67
CA TYR A 1663 14.09 54.89 -13.54
C TYR A 1663 13.30 56.17 -13.27
N LYS A 1664 13.98 57.23 -12.81
CA LYS A 1664 13.30 58.49 -12.53
C LYS A 1664 12.84 59.16 -13.81
N LYS A 1665 13.68 59.11 -14.85
CA LYS A 1665 13.28 59.69 -16.14
C LYS A 1665 12.24 58.85 -16.84
N LEU A 1666 12.32 57.53 -16.68
CA LEU A 1666 11.41 56.64 -17.40
C LEU A 1666 10.07 56.51 -16.72
N GLY A 1667 10.01 56.73 -15.40
CA GLY A 1667 8.79 56.58 -14.65
C GLY A 1667 7.99 57.84 -14.43
N ASP A 1668 8.26 58.89 -15.19
CA ASP A 1668 7.48 60.11 -15.12
C ASP A 1668 6.40 60.06 -16.18
N LYS A 1669 5.37 60.90 -16.04
CA LYS A 1669 4.32 60.94 -17.03
C LYS A 1669 4.67 61.88 -18.19
N ASP A 1670 5.40 62.96 -17.90
CA ASP A 1670 5.64 63.98 -18.92
C ASP A 1670 6.61 63.51 -19.99
N ASN A 1671 7.70 62.86 -19.59
CA ASN A 1671 8.56 62.15 -20.52
C ASN A 1671 8.27 60.66 -20.33
N LEU A 1672 8.07 59.95 -21.45
CA LEU A 1672 7.61 58.57 -21.53
C LEU A 1672 6.25 58.40 -20.83
N PRO A 1673 5.15 58.78 -21.49
CA PRO A 1673 3.82 58.47 -20.94
C PRO A 1673 3.56 56.97 -20.89
N TYR A 1674 2.43 56.63 -20.29
CA TYR A 1674 2.18 55.25 -19.85
C TYR A 1674 1.93 54.32 -21.02
N LYS A 1675 1.20 54.79 -22.05
CA LYS A 1675 0.90 53.95 -23.19
C LYS A 1675 2.13 53.66 -24.02
N THR A 1676 3.05 54.63 -24.13
CA THR A 1676 4.29 54.39 -24.86
C THR A 1676 5.19 53.42 -24.09
N ARG A 1677 5.13 53.45 -22.76
CA ARG A 1677 5.87 52.50 -21.95
C ARG A 1677 5.34 51.07 -22.11
N VAL A 1678 4.01 50.93 -22.09
CA VAL A 1678 3.42 49.61 -22.29
C VAL A 1678 3.67 49.10 -23.71
N LYS A 1679 3.67 50.00 -24.70
CA LYS A 1679 3.97 49.59 -26.06
C LYS A 1679 5.45 49.23 -26.24
N GLY A 1680 6.33 49.84 -25.45
CA GLY A 1680 7.73 49.49 -25.51
C GLY A 1680 8.08 48.24 -24.75
N LEU A 1681 7.25 47.85 -23.79
CA LEU A 1681 7.44 46.57 -23.11
C LEU A 1681 6.80 45.40 -23.86
N THR A 1682 6.09 45.67 -24.96
CA THR A 1682 5.43 44.62 -25.72
C THR A 1682 6.13 44.33 -27.05
N THR A 1683 6.79 45.32 -27.63
CA THR A 1683 7.50 45.16 -28.89
C THR A 1683 8.90 44.61 -28.65
N PRO A 1684 9.23 43.44 -29.19
CA PRO A 1684 10.53 42.83 -28.89
C PRO A 1684 11.73 43.49 -29.55
N TRP A 1685 12.83 43.56 -28.80
CA TRP A 1685 14.13 44.11 -29.16
C TRP A 1685 14.11 45.60 -29.47
N SER A 1686 13.09 46.33 -29.05
CA SER A 1686 13.06 47.77 -29.29
C SER A 1686 14.04 48.47 -28.36
N PRO A 1687 14.71 49.53 -28.83
CA PRO A 1687 15.70 50.20 -27.98
C PRO A 1687 15.04 50.97 -26.86
N TRP A 1688 15.81 51.23 -25.81
CA TRP A 1688 15.30 51.94 -24.66
C TRP A 1688 16.14 53.14 -24.24
N ASN A 1689 17.43 53.19 -24.59
CA ASN A 1689 18.22 54.33 -24.17
C ASN A 1689 18.02 55.56 -25.05
N PRO A 1690 17.98 55.46 -26.40
CA PRO A 1690 17.38 56.56 -27.16
C PRO A 1690 15.87 56.44 -27.30
N PHE A 1691 15.31 55.30 -26.90
CA PHE A 1691 13.87 55.00 -26.89
C PHE A 1691 13.21 55.19 -28.25
N GLN A 1692 13.58 54.32 -29.19
CA GLN A 1692 12.88 54.08 -30.46
C GLN A 1692 12.93 55.29 -31.39
#